data_5FM9
# 
_entry.id   5FM9 
# 
_audit_conform.dict_name       mmcif_pdbx.dic 
_audit_conform.dict_version    5.398 
_audit_conform.dict_location   http://mmcif.pdb.org/dictionaries/ascii/mmcif_pdbx.dic 
# 
loop_
_database_2.database_id 
_database_2.database_code 
_database_2.pdbx_database_accession 
_database_2.pdbx_DOI 
PDB   5FM9         pdb_00005fm9 10.2210/pdb5fm9/pdb 
PDBE  EBI-65332    ?            ?                   
WWPDB D_1290065332 ?            ?                   
# 
loop_
_pdbx_audit_revision_history.ordinal 
_pdbx_audit_revision_history.data_content_type 
_pdbx_audit_revision_history.major_revision 
_pdbx_audit_revision_history.minor_revision 
_pdbx_audit_revision_history.revision_date 
1 'Structure model' 1 0 2016-04-20 
2 'Structure model' 1 1 2018-02-07 
3 'Structure model' 1 2 2024-01-10 
4 'Structure model' 1 3 2024-11-13 
# 
_pdbx_audit_revision_details.ordinal             1 
_pdbx_audit_revision_details.revision_ordinal    1 
_pdbx_audit_revision_details.data_content_type   'Structure model' 
_pdbx_audit_revision_details.provider            repository 
_pdbx_audit_revision_details.type                'Initial release' 
_pdbx_audit_revision_details.description         ? 
_pdbx_audit_revision_details.details             ? 
# 
loop_
_pdbx_audit_revision_group.ordinal 
_pdbx_audit_revision_group.revision_ordinal 
_pdbx_audit_revision_group.data_content_type 
_pdbx_audit_revision_group.group 
1 2 'Structure model' 'Structure summary'      
2 3 'Structure model' 'Data collection'        
3 3 'Structure model' 'Database references'    
4 3 'Structure model' 'Derived calculations'   
5 3 'Structure model' Other                    
6 3 'Structure model' 'Refinement description' 
7 4 'Structure model' 'Structure summary'      
# 
loop_
_pdbx_audit_revision_category.ordinal 
_pdbx_audit_revision_category.revision_ordinal 
_pdbx_audit_revision_category.data_content_type 
_pdbx_audit_revision_category.category 
1  2 'Structure model' audit_author                  
2  3 'Structure model' chem_comp_atom                
3  3 'Structure model' chem_comp_bond                
4  3 'Structure model' database_2                    
5  3 'Structure model' pdbx_database_status          
6  3 'Structure model' pdbx_initial_refinement_model 
7  3 'Structure model' pdbx_struct_conn_angle        
8  3 'Structure model' struct_conn                   
9  3 'Structure model' struct_site                   
10 4 'Structure model' pdbx_entry_details            
11 4 'Structure model' pdbx_modification_feature     
# 
loop_
_pdbx_audit_revision_item.ordinal 
_pdbx_audit_revision_item.revision_ordinal 
_pdbx_audit_revision_item.data_content_type 
_pdbx_audit_revision_item.item 
1  2 'Structure model' '_audit_author.name'                          
2  3 'Structure model' '_database_2.pdbx_DOI'                        
3  3 'Structure model' '_database_2.pdbx_database_accession'         
4  3 'Structure model' '_pdbx_database_status.status_code_sf'        
5  3 'Structure model' '_pdbx_struct_conn_angle.ptnr1_auth_comp_id'  
6  3 'Structure model' '_pdbx_struct_conn_angle.ptnr1_auth_seq_id'   
7  3 'Structure model' '_pdbx_struct_conn_angle.ptnr1_label_asym_id' 
8  3 'Structure model' '_pdbx_struct_conn_angle.ptnr1_label_atom_id' 
9  3 'Structure model' '_pdbx_struct_conn_angle.ptnr1_label_comp_id' 
10 3 'Structure model' '_pdbx_struct_conn_angle.ptnr1_label_seq_id'  
11 3 'Structure model' '_pdbx_struct_conn_angle.ptnr3_auth_comp_id'  
12 3 'Structure model' '_pdbx_struct_conn_angle.ptnr3_auth_seq_id'   
13 3 'Structure model' '_pdbx_struct_conn_angle.ptnr3_label_asym_id' 
14 3 'Structure model' '_pdbx_struct_conn_angle.ptnr3_label_atom_id' 
15 3 'Structure model' '_pdbx_struct_conn_angle.ptnr3_label_comp_id' 
16 3 'Structure model' '_pdbx_struct_conn_angle.ptnr3_label_seq_id'  
17 3 'Structure model' '_pdbx_struct_conn_angle.value'               
18 3 'Structure model' '_struct_conn.pdbx_dist_value'                
19 3 'Structure model' '_struct_conn.ptnr1_auth_comp_id'             
20 3 'Structure model' '_struct_conn.ptnr1_auth_seq_id'              
21 3 'Structure model' '_struct_conn.ptnr1_label_asym_id'            
22 3 'Structure model' '_struct_conn.ptnr1_label_atom_id'            
23 3 'Structure model' '_struct_conn.ptnr1_label_comp_id'            
24 3 'Structure model' '_struct_conn.ptnr1_label_seq_id'             
25 3 'Structure model' '_struct_conn.ptnr2_auth_comp_id'             
26 3 'Structure model' '_struct_conn.ptnr2_auth_seq_id'              
27 3 'Structure model' '_struct_conn.ptnr2_label_asym_id'            
28 3 'Structure model' '_struct_conn.ptnr2_label_atom_id'            
29 3 'Structure model' '_struct_conn.ptnr2_label_comp_id'            
30 3 'Structure model' '_struct_conn.ptnr2_label_seq_id'             
31 3 'Structure model' '_struct_site.pdbx_auth_asym_id'              
32 3 'Structure model' '_struct_site.pdbx_auth_comp_id'              
33 3 'Structure model' '_struct_site.pdbx_auth_seq_id'               
# 
_pdbx_database_status.status_code                     REL 
_pdbx_database_status.entry_id                        5FM9 
_pdbx_database_status.deposit_site                    PDBE 
_pdbx_database_status.process_site                    PDBE 
_pdbx_database_status.SG_entry                        . 
_pdbx_database_status.recvd_initial_deposition_date   2015-11-02 
_pdbx_database_status.pdb_format_compatible           Y 
_pdbx_database_status.status_code_sf                  REL 
_pdbx_database_status.status_code_mr                  ? 
_pdbx_database_status.status_code_cs                  ? 
_pdbx_database_status.methods_development_category    ? 
_pdbx_database_status.status_code_nmr_data            ? 
# 
_pdbx_database_related.db_name        PDB 
_pdbx_database_related.db_id          5FMA 
_pdbx_database_related.content_type   unspecified 
_pdbx_database_related.details        'HUMAN NOTCH 1, EGF 4-7' 
# 
loop_
_audit_author.name 
_audit_author.pdbx_ordinal 
_audit_author.identifier_ORCID 
'Weisshuhn, P.C.' 1 ? 
'Sheppard, D.'    2 ? 
'Taylor, P.'      3 ? 
'Whiteman, P.'    4 ? 
'Lea, S.M.'       5 ? 
'Handford, P.A.'  6 ? 
'Redfield, C.'    7 ? 
# 
_citation.id                        primary 
_citation.title                     
'Non-Linear and Flexible Regions of the Human Notch1 Extracellular Domain Revealed by High-Resolution Structural Studies.' 
_citation.journal_abbrev            Structure 
_citation.journal_volume            24 
_citation.page_first                555 
_citation.page_last                 ? 
_citation.year                      2016 
_citation.journal_id_ASTM           STRUE6 
_citation.country                   UK 
_citation.journal_id_ISSN           0969-2126 
_citation.journal_id_CSD            2005 
_citation.book_publisher            ? 
_citation.pdbx_database_id_PubMed   26996961 
_citation.pdbx_database_id_DOI      10.1016/J.STR.2016.02.010 
# 
loop_
_citation_author.citation_id 
_citation_author.name 
_citation_author.ordinal 
_citation_author.identifier_ORCID 
primary 'Weisshuhn, P.C.' 1 ? 
primary 'Sheppard, D.'    2 ? 
primary 'Taylor, P.'      3 ? 
primary 'Whiteman, P.'    4 ? 
primary 'Lea, S.M.'       5 ? 
primary 'Handford, P.A.'  6 ? 
primary 'Redfield, C.'    7 ? 
# 
loop_
_entity.id 
_entity.type 
_entity.src_method 
_entity.pdbx_description 
_entity.formula_weight 
_entity.pdbx_number_of_molecules 
_entity.pdbx_ec 
_entity.pdbx_mutation 
_entity.pdbx_fragment 
_entity.details 
1 polymer     man 'NEUROGENIC LOCUS NOTCH HOMOLOG PROTEIN 1' 16642.387 1 ? ? 'EGF DOMAINS 4-7, UNP RESIDUES 140-294' ? 
2 non-polymer syn 'CALCIUM ION'                              40.078    2 ? ? ?                                       ? 
3 water       nat water                                      18.015    6 ? ? ?                                       ? 
# 
_entity_name_com.entity_id   1 
_entity_name_com.name        
;NOTCH 1, HN1, TRANSLOCATION-ASSOCIATED NOTCH PROTEIN TAN-1, NOTCH 1 EXTRACELLULAR TRUNCATION, NEXT, NOTCH 1 INTRACELLULAR DOMAIN, NICD
;
# 
_entity_poly.entity_id                      1 
_entity_poly.type                           'polypeptide(L)' 
_entity_poly.nstd_linkage                   no 
_entity_poly.nstd_monomer                   no 
_entity_poly.pdbx_seq_one_letter_code       
;SAQADPCASNPCANGGQCLPFEASYICHCPPSFHGPTCRQDVNECGQKPGLCRHGGTCHNEVGSYRCVCRATHTGPNCER
PYVPCSPSPCQNGGTCRPTGDVTHECACLPGFTGQNCEENIDDCPGNNCKNGGACVDGVNTYNCRCPPEWTGQYCTE
;
_entity_poly.pdbx_seq_one_letter_code_can   
;SAQADPCASNPCANGGQCLPFEASYICHCPPSFHGPTCRQDVNECGQKPGLCRHGGTCHNEVGSYRCVCRATHTGPNCER
PYVPCSPSPCQNGGTCRPTGDVTHECACLPGFTGQNCEENIDDCPGNNCKNGGACVDGVNTYNCRCPPEWTGQYCTE
;
_entity_poly.pdbx_strand_id                 A 
_entity_poly.pdbx_target_identifier         ? 
# 
loop_
_pdbx_entity_nonpoly.entity_id 
_pdbx_entity_nonpoly.name 
_pdbx_entity_nonpoly.comp_id 
2 'CALCIUM ION' CA  
3 water         HOH 
# 
loop_
_entity_poly_seq.entity_id 
_entity_poly_seq.num 
_entity_poly_seq.mon_id 
_entity_poly_seq.hetero 
1 1   SER n 
1 2   ALA n 
1 3   GLN n 
1 4   ALA n 
1 5   ASP n 
1 6   PRO n 
1 7   CYS n 
1 8   ALA n 
1 9   SER n 
1 10  ASN n 
1 11  PRO n 
1 12  CYS n 
1 13  ALA n 
1 14  ASN n 
1 15  GLY n 
1 16  GLY n 
1 17  GLN n 
1 18  CYS n 
1 19  LEU n 
1 20  PRO n 
1 21  PHE n 
1 22  GLU n 
1 23  ALA n 
1 24  SER n 
1 25  TYR n 
1 26  ILE n 
1 27  CYS n 
1 28  HIS n 
1 29  CYS n 
1 30  PRO n 
1 31  PRO n 
1 32  SER n 
1 33  PHE n 
1 34  HIS n 
1 35  GLY n 
1 36  PRO n 
1 37  THR n 
1 38  CYS n 
1 39  ARG n 
1 40  GLN n 
1 41  ASP n 
1 42  VAL n 
1 43  ASN n 
1 44  GLU n 
1 45  CYS n 
1 46  GLY n 
1 47  GLN n 
1 48  LYS n 
1 49  PRO n 
1 50  GLY n 
1 51  LEU n 
1 52  CYS n 
1 53  ARG n 
1 54  HIS n 
1 55  GLY n 
1 56  GLY n 
1 57  THR n 
1 58  CYS n 
1 59  HIS n 
1 60  ASN n 
1 61  GLU n 
1 62  VAL n 
1 63  GLY n 
1 64  SER n 
1 65  TYR n 
1 66  ARG n 
1 67  CYS n 
1 68  VAL n 
1 69  CYS n 
1 70  ARG n 
1 71  ALA n 
1 72  THR n 
1 73  HIS n 
1 74  THR n 
1 75  GLY n 
1 76  PRO n 
1 77  ASN n 
1 78  CYS n 
1 79  GLU n 
1 80  ARG n 
1 81  PRO n 
1 82  TYR n 
1 83  VAL n 
1 84  PRO n 
1 85  CYS n 
1 86  SER n 
1 87  PRO n 
1 88  SER n 
1 89  PRO n 
1 90  CYS n 
1 91  GLN n 
1 92  ASN n 
1 93  GLY n 
1 94  GLY n 
1 95  THR n 
1 96  CYS n 
1 97  ARG n 
1 98  PRO n 
1 99  THR n 
1 100 GLY n 
1 101 ASP n 
1 102 VAL n 
1 103 THR n 
1 104 HIS n 
1 105 GLU n 
1 106 CYS n 
1 107 ALA n 
1 108 CYS n 
1 109 LEU n 
1 110 PRO n 
1 111 GLY n 
1 112 PHE n 
1 113 THR n 
1 114 GLY n 
1 115 GLN n 
1 116 ASN n 
1 117 CYS n 
1 118 GLU n 
1 119 GLU n 
1 120 ASN n 
1 121 ILE n 
1 122 ASP n 
1 123 ASP n 
1 124 CYS n 
1 125 PRO n 
1 126 GLY n 
1 127 ASN n 
1 128 ASN n 
1 129 CYS n 
1 130 LYS n 
1 131 ASN n 
1 132 GLY n 
1 133 GLY n 
1 134 ALA n 
1 135 CYS n 
1 136 VAL n 
1 137 ASP n 
1 138 GLY n 
1 139 VAL n 
1 140 ASN n 
1 141 THR n 
1 142 TYR n 
1 143 ASN n 
1 144 CYS n 
1 145 ARG n 
1 146 CYS n 
1 147 PRO n 
1 148 PRO n 
1 149 GLU n 
1 150 TRP n 
1 151 THR n 
1 152 GLY n 
1 153 GLN n 
1 154 TYR n 
1 155 CYS n 
1 156 THR n 
1 157 GLU n 
# 
_entity_src_gen.entity_id                          1 
_entity_src_gen.pdbx_src_id                        1 
_entity_src_gen.pdbx_alt_source_flag               sample 
_entity_src_gen.pdbx_seq_type                      ? 
_entity_src_gen.pdbx_beg_seq_num                   ? 
_entity_src_gen.pdbx_end_seq_num                   ? 
_entity_src_gen.gene_src_common_name               HUMAN 
_entity_src_gen.gene_src_genus                     ? 
_entity_src_gen.pdbx_gene_src_gene                 ? 
_entity_src_gen.gene_src_species                   ? 
_entity_src_gen.gene_src_strain                    ? 
_entity_src_gen.gene_src_tissue                    ? 
_entity_src_gen.gene_src_tissue_fraction           ? 
_entity_src_gen.gene_src_details                   ? 
_entity_src_gen.pdbx_gene_src_fragment             ? 
_entity_src_gen.pdbx_gene_src_scientific_name      'HOMO SAPIENS' 
_entity_src_gen.pdbx_gene_src_ncbi_taxonomy_id     9606 
_entity_src_gen.pdbx_gene_src_variant              ? 
_entity_src_gen.pdbx_gene_src_cell_line            ? 
_entity_src_gen.pdbx_gene_src_atcc                 ? 
_entity_src_gen.pdbx_gene_src_organ                ? 
_entity_src_gen.pdbx_gene_src_organelle            ? 
_entity_src_gen.pdbx_gene_src_cell                 ? 
_entity_src_gen.pdbx_gene_src_cellular_location    ? 
_entity_src_gen.host_org_common_name               ? 
_entity_src_gen.pdbx_host_org_scientific_name      'ESCHERICHIA COLI' 
_entity_src_gen.pdbx_host_org_ncbi_taxonomy_id     511693 
_entity_src_gen.host_org_genus                     ? 
_entity_src_gen.pdbx_host_org_gene                 ? 
_entity_src_gen.pdbx_host_org_organ                ? 
_entity_src_gen.host_org_species                   ? 
_entity_src_gen.pdbx_host_org_tissue               ? 
_entity_src_gen.pdbx_host_org_tissue_fraction      ? 
_entity_src_gen.pdbx_host_org_strain               BL21 
_entity_src_gen.pdbx_host_org_variant              ? 
_entity_src_gen.pdbx_host_org_cell_line            ? 
_entity_src_gen.pdbx_host_org_atcc                 ? 
_entity_src_gen.pdbx_host_org_culture_collection   ? 
_entity_src_gen.pdbx_host_org_cell                 ? 
_entity_src_gen.pdbx_host_org_organelle            ? 
_entity_src_gen.pdbx_host_org_cellular_location    ? 
_entity_src_gen.pdbx_host_org_vector_type          PLASMID 
_entity_src_gen.pdbx_host_org_vector               ? 
_entity_src_gen.host_org_details                   ? 
_entity_src_gen.expression_system_id               ? 
_entity_src_gen.plasmid_name                       PQE30 
_entity_src_gen.plasmid_details                    ? 
_entity_src_gen.pdbx_description                   ? 
# 
loop_
_chem_comp.id 
_chem_comp.type 
_chem_comp.mon_nstd_flag 
_chem_comp.name 
_chem_comp.pdbx_synonyms 
_chem_comp.formula 
_chem_comp.formula_weight 
ALA 'L-peptide linking' y ALANINE         ? 'C3 H7 N O2'     89.093  
ARG 'L-peptide linking' y ARGININE        ? 'C6 H15 N4 O2 1' 175.209 
ASN 'L-peptide linking' y ASPARAGINE      ? 'C4 H8 N2 O3'    132.118 
ASP 'L-peptide linking' y 'ASPARTIC ACID' ? 'C4 H7 N O4'     133.103 
CA  non-polymer         . 'CALCIUM ION'   ? 'Ca 2'           40.078  
CYS 'L-peptide linking' y CYSTEINE        ? 'C3 H7 N O2 S'   121.158 
GLN 'L-peptide linking' y GLUTAMINE       ? 'C5 H10 N2 O3'   146.144 
GLU 'L-peptide linking' y 'GLUTAMIC ACID' ? 'C5 H9 N O4'     147.129 
GLY 'peptide linking'   y GLYCINE         ? 'C2 H5 N O2'     75.067  
HIS 'L-peptide linking' y HISTIDINE       ? 'C6 H10 N3 O2 1' 156.162 
HOH non-polymer         . WATER           ? 'H2 O'           18.015  
ILE 'L-peptide linking' y ISOLEUCINE      ? 'C6 H13 N O2'    131.173 
LEU 'L-peptide linking' y LEUCINE         ? 'C6 H13 N O2'    131.173 
LYS 'L-peptide linking' y LYSINE          ? 'C6 H15 N2 O2 1' 147.195 
PHE 'L-peptide linking' y PHENYLALANINE   ? 'C9 H11 N O2'    165.189 
PRO 'L-peptide linking' y PROLINE         ? 'C5 H9 N O2'     115.130 
SER 'L-peptide linking' y SERINE          ? 'C3 H7 N O3'     105.093 
THR 'L-peptide linking' y THREONINE       ? 'C4 H9 N O3'     119.119 
TRP 'L-peptide linking' y TRYPTOPHAN      ? 'C11 H12 N2 O2'  204.225 
TYR 'L-peptide linking' y TYROSINE        ? 'C9 H11 N O3'    181.189 
VAL 'L-peptide linking' y VALINE          ? 'C5 H11 N O2'    117.146 
# 
loop_
_pdbx_poly_seq_scheme.asym_id 
_pdbx_poly_seq_scheme.entity_id 
_pdbx_poly_seq_scheme.seq_id 
_pdbx_poly_seq_scheme.mon_id 
_pdbx_poly_seq_scheme.ndb_seq_num 
_pdbx_poly_seq_scheme.pdb_seq_num 
_pdbx_poly_seq_scheme.auth_seq_num 
_pdbx_poly_seq_scheme.pdb_mon_id 
_pdbx_poly_seq_scheme.auth_mon_id 
_pdbx_poly_seq_scheme.pdb_strand_id 
_pdbx_poly_seq_scheme.pdb_ins_code 
_pdbx_poly_seq_scheme.hetero 
A 1 1   SER 1   138 ?   ?   ?   A . n 
A 1 2   ALA 2   139 ?   ?   ?   A . n 
A 1 3   GLN 3   140 ?   ?   ?   A . n 
A 1 4   ALA 4   141 141 ALA ALA A . n 
A 1 5   ASP 5   142 142 ASP ASP A . n 
A 1 6   PRO 6   143 143 PRO PRO A . n 
A 1 7   CYS 7   144 144 CYS CYS A . n 
A 1 8   ALA 8   145 145 ALA ALA A . n 
A 1 9   SER 9   146 146 SER SER A . n 
A 1 10  ASN 10  147 147 ASN ASN A . n 
A 1 11  PRO 11  148 148 PRO PRO A . n 
A 1 12  CYS 12  149 149 CYS CYS A . n 
A 1 13  ALA 13  150 150 ALA ALA A . n 
A 1 14  ASN 14  151 151 ASN ASN A . n 
A 1 15  GLY 15  152 152 GLY GLY A . n 
A 1 16  GLY 16  153 153 GLY GLY A . n 
A 1 17  GLN 17  154 154 GLN GLN A . n 
A 1 18  CYS 18  155 155 CYS CYS A . n 
A 1 19  LEU 19  156 156 LEU LEU A . n 
A 1 20  PRO 20  157 157 PRO PRO A . n 
A 1 21  PHE 21  158 158 PHE PHE A . n 
A 1 22  GLU 22  159 159 GLU GLU A . n 
A 1 23  ALA 23  160 160 ALA ALA A . n 
A 1 24  SER 24  161 161 SER SER A . n 
A 1 25  TYR 25  162 162 TYR TYR A . n 
A 1 26  ILE 26  163 163 ILE ILE A . n 
A 1 27  CYS 27  164 164 CYS CYS A . n 
A 1 28  HIS 28  165 165 HIS HIS A . n 
A 1 29  CYS 29  166 166 CYS CYS A . n 
A 1 30  PRO 30  167 167 PRO PRO A . n 
A 1 31  PRO 31  168 168 PRO PRO A . n 
A 1 32  SER 32  169 169 SER SER A . n 
A 1 33  PHE 33  170 170 PHE PHE A . n 
A 1 34  HIS 34  171 171 HIS HIS A . n 
A 1 35  GLY 35  172 172 GLY GLY A . n 
A 1 36  PRO 36  173 173 PRO PRO A . n 
A 1 37  THR 37  174 174 THR THR A . n 
A 1 38  CYS 38  175 175 CYS CYS A . n 
A 1 39  ARG 39  176 176 ARG ARG A . n 
A 1 40  GLN 40  177 177 GLN GLN A . n 
A 1 41  ASP 41  178 178 ASP ASP A . n 
A 1 42  VAL 42  179 179 VAL VAL A . n 
A 1 43  ASN 43  180 180 ASN ASN A . n 
A 1 44  GLU 44  181 181 GLU GLU A . n 
A 1 45  CYS 45  182 182 CYS CYS A . n 
A 1 46  GLY 46  183 183 GLY GLY A . n 
A 1 47  GLN 47  184 184 GLN GLN A . n 
A 1 48  LYS 48  185 185 LYS LYS A . n 
A 1 49  PRO 49  186 186 PRO PRO A . n 
A 1 50  GLY 50  187 187 GLY GLY A . n 
A 1 51  LEU 51  188 188 LEU LEU A . n 
A 1 52  CYS 52  189 189 CYS CYS A . n 
A 1 53  ARG 53  190 190 ARG ARG A . n 
A 1 54  HIS 54  191 191 HIS HIS A . n 
A 1 55  GLY 55  192 192 GLY GLY A . n 
A 1 56  GLY 56  193 193 GLY GLY A . n 
A 1 57  THR 57  194 194 THR THR A . n 
A 1 58  CYS 58  195 195 CYS CYS A . n 
A 1 59  HIS 59  196 196 HIS HIS A . n 
A 1 60  ASN 60  197 197 ASN ASN A . n 
A 1 61  GLU 61  198 198 GLU GLU A . n 
A 1 62  VAL 62  199 199 VAL VAL A . n 
A 1 63  GLY 63  200 200 GLY GLY A . n 
A 1 64  SER 64  201 201 SER SER A . n 
A 1 65  TYR 65  202 202 TYR TYR A . n 
A 1 66  ARG 66  203 203 ARG ARG A . n 
A 1 67  CYS 67  204 204 CYS CYS A . n 
A 1 68  VAL 68  205 205 VAL VAL A . n 
A 1 69  CYS 69  206 206 CYS CYS A . n 
A 1 70  ARG 70  207 207 ARG ARG A . n 
A 1 71  ALA 71  208 208 ALA ALA A . n 
A 1 72  THR 72  209 209 THR THR A . n 
A 1 73  HIS 73  210 210 HIS HIS A . n 
A 1 74  THR 74  211 211 THR THR A . n 
A 1 75  GLY 75  212 212 GLY GLY A . n 
A 1 76  PRO 76  213 213 PRO PRO A . n 
A 1 77  ASN 77  214 214 ASN ASN A . n 
A 1 78  CYS 78  215 215 CYS CYS A . n 
A 1 79  GLU 79  216 216 GLU GLU A . n 
A 1 80  ARG 80  217 217 ARG ARG A . n 
A 1 81  PRO 81  218 218 PRO PRO A . n 
A 1 82  TYR 82  219 219 TYR TYR A . n 
A 1 83  VAL 83  220 220 VAL VAL A . n 
A 1 84  PRO 84  221 221 PRO PRO A . n 
A 1 85  CYS 85  222 222 CYS CYS A . n 
A 1 86  SER 86  223 223 SER SER A . n 
A 1 87  PRO 87  224 224 PRO PRO A . n 
A 1 88  SER 88  225 225 SER SER A . n 
A 1 89  PRO 89  226 226 PRO PRO A . n 
A 1 90  CYS 90  227 227 CYS CYS A . n 
A 1 91  GLN 91  228 228 GLN GLN A . n 
A 1 92  ASN 92  229 229 ASN ASN A . n 
A 1 93  GLY 93  230 230 GLY GLY A . n 
A 1 94  GLY 94  231 231 GLY GLY A . n 
A 1 95  THR 95  232 232 THR THR A . n 
A 1 96  CYS 96  233 233 CYS CYS A . n 
A 1 97  ARG 97  234 234 ARG ARG A . n 
A 1 98  PRO 98  235 235 PRO PRO A . n 
A 1 99  THR 99  236 236 THR THR A . n 
A 1 100 GLY 100 237 237 GLY GLY A . n 
A 1 101 ASP 101 238 238 ASP ASP A . n 
A 1 102 VAL 102 239 239 VAL VAL A . n 
A 1 103 THR 103 240 240 THR THR A . n 
A 1 104 HIS 104 241 241 HIS HIS A . n 
A 1 105 GLU 105 242 242 GLU GLU A . n 
A 1 106 CYS 106 243 243 CYS CYS A . n 
A 1 107 ALA 107 244 244 ALA ALA A . n 
A 1 108 CYS 108 245 245 CYS CYS A . n 
A 1 109 LEU 109 246 246 LEU LEU A . n 
A 1 110 PRO 110 247 247 PRO PRO A . n 
A 1 111 GLY 111 248 248 GLY GLY A . n 
A 1 112 PHE 112 249 249 PHE PHE A . n 
A 1 113 THR 113 250 250 THR THR A . n 
A 1 114 GLY 114 251 251 GLY GLY A . n 
A 1 115 GLN 115 252 252 GLN GLN A . n 
A 1 116 ASN 116 253 253 ASN ASN A . n 
A 1 117 CYS 117 254 254 CYS CYS A . n 
A 1 118 GLU 118 255 255 GLU GLU A . n 
A 1 119 GLU 119 256 256 GLU GLU A . n 
A 1 120 ASN 120 257 257 ASN ASN A . n 
A 1 121 ILE 121 258 258 ILE ILE A . n 
A 1 122 ASP 122 259 259 ASP ASP A . n 
A 1 123 ASP 123 260 260 ASP ASP A . n 
A 1 124 CYS 124 261 261 CYS CYS A . n 
A 1 125 PRO 125 262 262 PRO PRO A . n 
A 1 126 GLY 126 263 263 GLY GLY A . n 
A 1 127 ASN 127 264 264 ASN ASN A . n 
A 1 128 ASN 128 265 265 ASN ASN A . n 
A 1 129 CYS 129 266 266 CYS CYS A . n 
A 1 130 LYS 130 267 267 LYS LYS A . n 
A 1 131 ASN 131 268 268 ASN ASN A . n 
A 1 132 GLY 132 269 269 GLY GLY A . n 
A 1 133 GLY 133 270 270 GLY GLY A . n 
A 1 134 ALA 134 271 271 ALA ALA A . n 
A 1 135 CYS 135 272 272 CYS CYS A . n 
A 1 136 VAL 136 273 273 VAL VAL A . n 
A 1 137 ASP 137 274 274 ASP ASP A . n 
A 1 138 GLY 138 275 275 GLY GLY A . n 
A 1 139 VAL 139 276 276 VAL VAL A . n 
A 1 140 ASN 140 277 277 ASN ASN A . n 
A 1 141 THR 141 278 278 THR THR A . n 
A 1 142 TYR 142 279 279 TYR TYR A . n 
A 1 143 ASN 143 280 280 ASN ASN A . n 
A 1 144 CYS 144 281 281 CYS CYS A . n 
A 1 145 ARG 145 282 282 ARG ARG A . n 
A 1 146 CYS 146 283 283 CYS CYS A . n 
A 1 147 PRO 147 284 284 PRO PRO A . n 
A 1 148 PRO 148 285 285 PRO PRO A . n 
A 1 149 GLU 149 286 286 GLU GLU A . n 
A 1 150 TRP 150 287 287 TRP TRP A . n 
A 1 151 THR 151 288 288 THR THR A . n 
A 1 152 GLY 152 289 289 GLY GLY A . n 
A 1 153 GLN 153 290 290 GLN GLN A . n 
A 1 154 TYR 154 291 291 TYR TYR A . n 
A 1 155 CYS 155 292 292 CYS CYS A . n 
A 1 156 THR 156 293 293 THR THR A . n 
A 1 157 GLU 157 294 294 GLU GLU A . n 
# 
loop_
_pdbx_nonpoly_scheme.asym_id 
_pdbx_nonpoly_scheme.entity_id 
_pdbx_nonpoly_scheme.mon_id 
_pdbx_nonpoly_scheme.ndb_seq_num 
_pdbx_nonpoly_scheme.pdb_seq_num 
_pdbx_nonpoly_scheme.auth_seq_num 
_pdbx_nonpoly_scheme.pdb_mon_id 
_pdbx_nonpoly_scheme.auth_mon_id 
_pdbx_nonpoly_scheme.pdb_strand_id 
_pdbx_nonpoly_scheme.pdb_ins_code 
B 2 CA  1 1295 1295 CA  CA  A . 
C 2 CA  1 1296 1296 CA  CA  A . 
D 3 HOH 1 2001 2001 HOH HOH A . 
D 3 HOH 2 2002 2002 HOH HOH A . 
D 3 HOH 3 2003 2003 HOH HOH A . 
D 3 HOH 4 2004 2004 HOH HOH A . 
D 3 HOH 5 2005 2005 HOH HOH A . 
D 3 HOH 6 2006 2006 HOH HOH A . 
# 
loop_
_software.name 
_software.classification 
_software.version 
_software.citation_id 
_software.pdbx_ordinal 
BUSTER refinement     2.11.2 ? 1 
SCALA  'data scaling' .      ? 2 
PHASER phasing        .      ? 3 
# 
_cell.entry_id           5FM9 
_cell.length_a           142.260 
_cell.length_b           21.150 
_cell.length_c           83.560 
_cell.angle_alpha        90.00 
_cell.angle_beta         116.27 
_cell.angle_gamma        90.00 
_cell.Z_PDB              4 
_cell.pdbx_unique_axis   ? 
# 
_symmetry.entry_id                         5FM9 
_symmetry.space_group_name_H-M             'C 1 2 1' 
_symmetry.pdbx_full_space_group_name_H-M   ? 
_symmetry.cell_setting                     ? 
_symmetry.Int_Tables_number                5 
# 
_exptl.entry_id          5FM9 
_exptl.method            'X-RAY DIFFRACTION' 
_exptl.crystals_number   1 
# 
_exptl_crystal.id                    1 
_exptl_crystal.density_meas          ? 
_exptl_crystal.density_Matthews      3.44 
_exptl_crystal.density_percent_sol   64.23 
_exptl_crystal.description           NONE 
# 
_exptl_crystal_grow.crystal_id      1 
_exptl_crystal_grow.method          ? 
_exptl_crystal_grow.temp            ? 
_exptl_crystal_grow.temp_details    ? 
_exptl_crystal_grow.pH              8.5 
_exptl_crystal_grow.pdbx_pH_range   ? 
_exptl_crystal_grow.pdbx_details    'PH 8.5' 
# 
_diffrn.id                     1 
_diffrn.ambient_temp           100 
_diffrn.ambient_temp_details   ? 
_diffrn.crystal_id             1 
# 
_diffrn_detector.diffrn_id              1 
_diffrn_detector.detector               CCD 
_diffrn_detector.type                   'ADSC CCD' 
_diffrn_detector.pdbx_collection_date   2011-02-27 
_diffrn_detector.details                ? 
# 
_diffrn_radiation.diffrn_id                        1 
_diffrn_radiation.wavelength_id                    1 
_diffrn_radiation.pdbx_monochromatic_or_laue_m_l   M 
_diffrn_radiation.monochromator                    ? 
_diffrn_radiation.pdbx_diffrn_protocol             'SINGLE WAVELENGTH' 
_diffrn_radiation.pdbx_scattering_type             x-ray 
# 
_diffrn_radiation_wavelength.id           1 
_diffrn_radiation_wavelength.wavelength   1.75 
_diffrn_radiation_wavelength.wt           1.0 
# 
_diffrn_source.diffrn_id                   1 
_diffrn_source.source                      SYNCHROTRON 
_diffrn_source.type                        'DIAMOND BEAMLINE I03' 
_diffrn_source.pdbx_synchrotron_site       Diamond 
_diffrn_source.pdbx_synchrotron_beamline   I03 
_diffrn_source.pdbx_wavelength             1.75 
_diffrn_source.pdbx_wavelength_list        ? 
# 
_reflns.pdbx_diffrn_id               1 
_reflns.pdbx_ordinal                 1 
_reflns.entry_id                     5FM9 
_reflns.observed_criterion_sigma_I   0.0 
_reflns.observed_criterion_sigma_F   ? 
_reflns.d_resolution_low             64.73 
_reflns.d_resolution_high            2.92 
_reflns.number_obs                   5015 
_reflns.number_all                   ? 
_reflns.percent_possible_obs         96.9 
_reflns.pdbx_Rmerge_I_obs            0.12 
_reflns.pdbx_Rsym_value              ? 
_reflns.pdbx_netI_over_sigmaI        7.30 
_reflns.B_iso_Wilson_estimate        39.62 
_reflns.pdbx_redundancy              3.0 
# 
_reflns_shell.pdbx_diffrn_id         1 
_reflns_shell.pdbx_ordinal           1 
_reflns_shell.d_res_high             2.92 
_reflns_shell.d_res_low              3.00 
_reflns_shell.percent_possible_all   98.0 
_reflns_shell.Rmerge_I_obs           0.37 
_reflns_shell.pdbx_Rsym_value        ? 
_reflns_shell.meanI_over_sigI_obs    2.10 
_reflns_shell.pdbx_redundancy        3.1 
# 
_refine.pdbx_refine_id                           'X-RAY DIFFRACTION' 
_refine.entry_id                                 5FM9 
_refine.pdbx_diffrn_id                           1 
_refine.pdbx_TLS_residual_ADP_flag               ? 
_refine.ls_number_reflns_obs                     5014 
_refine.ls_number_reflns_all                     ? 
_refine.pdbx_ls_sigma_I                          ? 
_refine.pdbx_ls_sigma_F                          0.0 
_refine.pdbx_data_cutoff_high_absF               ? 
_refine.pdbx_data_cutoff_low_absF                ? 
_refine.pdbx_data_cutoff_high_rms_absF           ? 
_refine.ls_d_res_low                             64.73 
_refine.ls_d_res_high                            2.92 
_refine.ls_percent_reflns_obs                    95.67 
_refine.ls_R_factor_obs                          0.2137 
_refine.ls_R_factor_all                          ? 
_refine.ls_R_factor_R_work                       0.2125 
_refine.ls_R_factor_R_free                       0.2370 
_refine.ls_R_factor_R_free_error                 ? 
_refine.ls_R_factor_R_free_error_details         ? 
_refine.ls_percent_reflns_R_free                 4.65 
_refine.ls_number_reflns_R_free                  233 
_refine.ls_number_parameters                     ? 
_refine.ls_number_restraints                     ? 
_refine.occupancy_min                            ? 
_refine.occupancy_max                            ? 
_refine.correlation_coeff_Fo_to_Fc               0.8842 
_refine.correlation_coeff_Fo_to_Fc_free          0.8636 
_refine.B_iso_mean                               33.80 
_refine.aniso_B[1][1]                            -15.5736 
_refine.aniso_B[2][2]                            5.4193 
_refine.aniso_B[3][3]                            10.1543 
_refine.aniso_B[1][2]                            0.0000 
_refine.aniso_B[1][3]                            -8.4685 
_refine.aniso_B[2][3]                            0.0000 
_refine.solvent_model_details                    ? 
_refine.solvent_model_param_ksol                 ? 
_refine.solvent_model_param_bsol                 ? 
_refine.pdbx_solvent_vdw_probe_radii             ? 
_refine.pdbx_solvent_ion_probe_radii             ? 
_refine.pdbx_solvent_shrinkage_radii             ? 
_refine.pdbx_ls_cross_valid_method               THROUGHOUT 
_refine.details                                  
;IDEAL-DIST CONTACT TERM CONTACT SETUP. RESIDUE TYPES WITHOUT CCP4 ATOM TYPE IN LIBRARY=CA. NUMBER OF ATOMS WITH PROPER CCP4 ATOM TYPE=2105. NUMBER WITH APPROX DEFAULT CCP4 ATOM TYPE=0. NUMBER TREATED BY BAD NON-BONDED CONTACTS=2.
;
_refine.pdbx_starting_model                      2VJ3.PDB 
_refine.pdbx_method_to_determine_struct          'MOLECULAR REPLACEMENT' 
_refine.pdbx_isotropic_thermal_model             ? 
_refine.pdbx_stereochemistry_target_values       ? 
_refine.pdbx_stereochem_target_val_spec_case     ? 
_refine.pdbx_R_Free_selection_details            RANDOM 
_refine.pdbx_overall_ESU_R                       ? 
_refine.pdbx_overall_ESU_R_Free                  ? 
_refine.overall_SU_ML                            ? 
_refine.pdbx_overall_phase_error                 ? 
_refine.overall_SU_B                             ? 
_refine.overall_SU_R_Cruickshank_DPI             ? 
_refine.pdbx_overall_SU_R_free_Cruickshank_DPI   ? 
_refine.pdbx_overall_SU_R_Blow_DPI               1.558 
_refine.pdbx_overall_SU_R_free_Blow_DPI          0.338 
# 
_refine_analyze.pdbx_refine_id                  'X-RAY DIFFRACTION' 
_refine_analyze.entry_id                        5FM9 
_refine_analyze.Luzzati_coordinate_error_obs    0.426 
_refine_analyze.Luzzati_sigma_a_obs             ? 
_refine_analyze.Luzzati_d_res_low_obs           ? 
_refine_analyze.Luzzati_coordinate_error_free   ? 
_refine_analyze.Luzzati_sigma_a_free            ? 
_refine_analyze.Luzzati_d_res_low_free          ? 
_refine_analyze.number_disordered_residues      ? 
_refine_analyze.occupancy_sum_hydrogen          ? 
_refine_analyze.occupancy_sum_non_hydrogen      ? 
# 
_refine_hist.pdbx_refine_id                   'X-RAY DIFFRACTION' 
_refine_hist.cycle_id                         LAST 
_refine_hist.pdbx_number_atoms_protein        1125 
_refine_hist.pdbx_number_atoms_nucleic_acid   0 
_refine_hist.pdbx_number_atoms_ligand         2 
_refine_hist.number_atoms_solvent             6 
_refine_hist.number_atoms_total               1133 
_refine_hist.d_res_high                       2.92 
_refine_hist.d_res_low                        64.73 
# 
loop_
_refine_ls_restr.type 
_refine_ls_restr.dev_ideal 
_refine_ls_restr.dev_ideal_target 
_refine_ls_restr.weight 
_refine_ls_restr.number 
_refine_ls_restr.pdbx_refine_id 
_refine_ls_restr.pdbx_restraint_function 
t_bond_d                  0.010 ? 2.00  2143 'X-RAY DIFFRACTION' HARMONIC     
t_angle_deg               1.23  ? 2.00  3853 'X-RAY DIFFRACTION' HARMONIC     
t_dihedral_angle_d        ?     ? 2.00  416  'X-RAY DIFFRACTION' SINUSOIDAL   
t_incorr_chiral_ct        ?     ? ?     ?    'X-RAY DIFFRACTION' ?            
t_pseud_angle             ?     ? ?     ?    'X-RAY DIFFRACTION' ?            
t_trig_c_planes           ?     ? 2.00  34   'X-RAY DIFFRACTION' HARMONIC     
t_gen_planes              ?     ? 5.00  353  'X-RAY DIFFRACTION' HARMONIC     
t_it                      ?     ? 20.00 2143 'X-RAY DIFFRACTION' HARMONIC     
t_nbd                     ?     ? 5.00  2    'X-RAY DIFFRACTION' SEMIHARMONIC 
t_omega_torsion           3.27  ? ?     ?    'X-RAY DIFFRACTION' ?            
t_other_torsion           18.82 ? ?     ?    'X-RAY DIFFRACTION' ?            
t_improper_torsion        ?     ? ?     ?    'X-RAY DIFFRACTION' ?            
t_chiral_improper_torsion ?     ? 5.00  148  'X-RAY DIFFRACTION' SEMIHARMONIC 
t_sum_occupancies         ?     ? ?     ?    'X-RAY DIFFRACTION' ?            
t_utility_distance        ?     ? ?     ?    'X-RAY DIFFRACTION' ?            
t_utility_angle           ?     ? ?     ?    'X-RAY DIFFRACTION' ?            
t_utility_torsion         ?     ? ?     ?    'X-RAY DIFFRACTION' ?            
t_ideal_dist_contact      ?     ? 4.00  2243 'X-RAY DIFFRACTION' SEMIHARMONIC 
# 
_refine_ls_shell.pdbx_refine_id                   'X-RAY DIFFRACTION' 
_refine_ls_shell.pdbx_total_number_of_bins_used   5 
_refine_ls_shell.d_res_high                       2.92 
_refine_ls_shell.d_res_low                        3.26 
_refine_ls_shell.number_reflns_R_work             1302 
_refine_ls_shell.R_factor_R_work                  0.2435 
_refine_ls_shell.percent_reflns_obs               95.67 
_refine_ls_shell.R_factor_R_free                  0.2754 
_refine_ls_shell.R_factor_R_free_error            ? 
_refine_ls_shell.percent_reflns_R_free            5.45 
_refine_ls_shell.number_reflns_R_free             75 
_refine_ls_shell.number_reflns_all                1377 
_refine_ls_shell.R_factor_all                     0.2453 
# 
_struct.entry_id                  5FM9 
_struct.title                     'human Notch 1, EGF 4-7' 
_struct.pdbx_model_details        ? 
_struct.pdbx_CASP_flag            ? 
_struct.pdbx_model_type_details   ? 
# 
_struct_keywords.entry_id        5FM9 
_struct_keywords.pdbx_keywords   TRANSCRIPTION 
_struct_keywords.text            
;TRANSCRIPTION, TRANSMEMBRANE, DEVELOPMENTAL, PROTEIN, NOTCH SIGNALING PATHWAY, DIFFERENTIATION, PHOSPHORYLATION, EGF- LIKE DOMAIN, REGULATION, RECEPTOR, ACTIVATOR, ANK REPEAT, SIGNALLING, GLYCOPROTEIN, EXTRACELLULAR, EGF, NOTCH, JAGGED, MEMBRANE
;
# 
loop_
_struct_asym.id 
_struct_asym.pdbx_blank_PDB_chainid_flag 
_struct_asym.pdbx_modified 
_struct_asym.entity_id 
_struct_asym.details 
A N N 1 ? 
B N N 2 ? 
C N N 2 ? 
D N N 3 ? 
# 
_struct_ref.id                         1 
_struct_ref.db_name                    UNP 
_struct_ref.db_code                    NOTC1_HUMAN 
_struct_ref.entity_id                  1 
_struct_ref.pdbx_seq_one_letter_code   ? 
_struct_ref.pdbx_align_begin           ? 
_struct_ref.pdbx_db_accession          P46531 
_struct_ref.pdbx_db_isoform            ? 
# 
_struct_ref_seq.align_id                      1 
_struct_ref_seq.ref_id                        1 
_struct_ref_seq.pdbx_PDB_id_code              5FM9 
_struct_ref_seq.pdbx_strand_id                A 
_struct_ref_seq.seq_align_beg                 3 
_struct_ref_seq.pdbx_seq_align_beg_ins_code   ? 
_struct_ref_seq.seq_align_end                 157 
_struct_ref_seq.pdbx_seq_align_end_ins_code   ? 
_struct_ref_seq.pdbx_db_accession             P46531 
_struct_ref_seq.db_align_beg                  140 
_struct_ref_seq.pdbx_db_align_beg_ins_code    ? 
_struct_ref_seq.db_align_end                  294 
_struct_ref_seq.pdbx_db_align_end_ins_code    ? 
_struct_ref_seq.pdbx_auth_seq_align_beg       140 
_struct_ref_seq.pdbx_auth_seq_align_end       294 
# 
loop_
_struct_ref_seq_dif.align_id 
_struct_ref_seq_dif.pdbx_pdb_id_code 
_struct_ref_seq_dif.mon_id 
_struct_ref_seq_dif.pdbx_pdb_strand_id 
_struct_ref_seq_dif.seq_num 
_struct_ref_seq_dif.pdbx_pdb_ins_code 
_struct_ref_seq_dif.pdbx_seq_db_name 
_struct_ref_seq_dif.pdbx_seq_db_accession_code 
_struct_ref_seq_dif.db_mon_id 
_struct_ref_seq_dif.pdbx_seq_db_seq_num 
_struct_ref_seq_dif.details 
_struct_ref_seq_dif.pdbx_auth_seq_num 
_struct_ref_seq_dif.pdbx_ordinal 
1 5FM9 SER A 1 ? UNP P46531 ? ? 'expression tag' 138 1 
1 5FM9 ALA A 2 ? UNP P46531 ? ? 'expression tag' 139 2 
# 
_pdbx_struct_assembly.id                   1 
_pdbx_struct_assembly.details              author_and_software_defined_assembly 
_pdbx_struct_assembly.method_details       PISA 
_pdbx_struct_assembly.oligomeric_details   dimeric 
_pdbx_struct_assembly.oligomeric_count     2 
# 
loop_
_pdbx_struct_assembly_prop.biol_id 
_pdbx_struct_assembly_prop.type 
_pdbx_struct_assembly_prop.value 
_pdbx_struct_assembly_prop.details 
1 'ABSA (A^2)' 920   ? 
1 MORE         -10.4 ? 
1 'SSA (A^2)'  19210 ? 
# 
_pdbx_struct_assembly_gen.assembly_id       1 
_pdbx_struct_assembly_gen.oper_expression   1,2 
_pdbx_struct_assembly_gen.asym_id_list      A,B,C,D 
# 
loop_
_pdbx_struct_oper_list.id 
_pdbx_struct_oper_list.type 
_pdbx_struct_oper_list.name 
_pdbx_struct_oper_list.symmetry_operation 
_pdbx_struct_oper_list.matrix[1][1] 
_pdbx_struct_oper_list.matrix[1][2] 
_pdbx_struct_oper_list.matrix[1][3] 
_pdbx_struct_oper_list.vector[1] 
_pdbx_struct_oper_list.matrix[2][1] 
_pdbx_struct_oper_list.matrix[2][2] 
_pdbx_struct_oper_list.matrix[2][3] 
_pdbx_struct_oper_list.vector[2] 
_pdbx_struct_oper_list.matrix[3][1] 
_pdbx_struct_oper_list.matrix[3][2] 
_pdbx_struct_oper_list.matrix[3][3] 
_pdbx_struct_oper_list.vector[3] 
1 'identity operation'         1_555 x,y,z       1.0000000000  0.0000000000 0.0000000000 0.0000000000  0.0000000000 1.0000000000 0.0000000000 0.0000000000   0.0000000000 0.0000000000 1.0000000000  0.0000000000  
2 'crystal symmetry operation' 2_454 -x-1,y,-z-1 -0.9431647346 0.3148118967 0.1064601008 16.4503948935 0.3148118967 0.7437506387 0.5896850491 -14.3832439077 0.1064601008 0.5896850491 -0.8005859041 33.7502379697 
# 
loop_
_struct_conf.conf_type_id 
_struct_conf.id 
_struct_conf.pdbx_PDB_helix_id 
_struct_conf.beg_label_comp_id 
_struct_conf.beg_label_asym_id 
_struct_conf.beg_label_seq_id 
_struct_conf.pdbx_beg_PDB_ins_code 
_struct_conf.end_label_comp_id 
_struct_conf.end_label_asym_id 
_struct_conf.end_label_seq_id 
_struct_conf.pdbx_end_PDB_ins_code 
_struct_conf.beg_auth_comp_id 
_struct_conf.beg_auth_asym_id 
_struct_conf.beg_auth_seq_id 
_struct_conf.end_auth_comp_id 
_struct_conf.end_auth_asym_id 
_struct_conf.end_auth_seq_id 
_struct_conf.pdbx_PDB_helix_class 
_struct_conf.details 
_struct_conf.pdbx_PDB_helix_length 
HELX_P HELX_P1 1 ASP A 5  ? ASN A 10 ? ASP A 142 ASN A 147 5 ? 6 
HELX_P HELX_P2 2 ASN A 43 ? LYS A 48 ? ASN A 180 LYS A 185 1 ? 6 
# 
_struct_conf_type.id          HELX_P 
_struct_conf_type.criteria    ? 
_struct_conf_type.reference   ? 
# 
loop_
_struct_conn.id 
_struct_conn.conn_type_id 
_struct_conn.pdbx_leaving_atom_flag 
_struct_conn.pdbx_PDB_id 
_struct_conn.ptnr1_label_asym_id 
_struct_conn.ptnr1_label_comp_id 
_struct_conn.ptnr1_label_seq_id 
_struct_conn.ptnr1_label_atom_id 
_struct_conn.pdbx_ptnr1_label_alt_id 
_struct_conn.pdbx_ptnr1_PDB_ins_code 
_struct_conn.pdbx_ptnr1_standard_comp_id 
_struct_conn.ptnr1_symmetry 
_struct_conn.ptnr2_label_asym_id 
_struct_conn.ptnr2_label_comp_id 
_struct_conn.ptnr2_label_seq_id 
_struct_conn.ptnr2_label_atom_id 
_struct_conn.pdbx_ptnr2_label_alt_id 
_struct_conn.pdbx_ptnr2_PDB_ins_code 
_struct_conn.ptnr1_auth_asym_id 
_struct_conn.ptnr1_auth_comp_id 
_struct_conn.ptnr1_auth_seq_id 
_struct_conn.ptnr2_auth_asym_id 
_struct_conn.ptnr2_auth_comp_id 
_struct_conn.ptnr2_auth_seq_id 
_struct_conn.ptnr2_symmetry 
_struct_conn.pdbx_ptnr3_label_atom_id 
_struct_conn.pdbx_ptnr3_label_seq_id 
_struct_conn.pdbx_ptnr3_label_comp_id 
_struct_conn.pdbx_ptnr3_label_asym_id 
_struct_conn.pdbx_ptnr3_label_alt_id 
_struct_conn.pdbx_ptnr3_PDB_ins_code 
_struct_conn.details 
_struct_conn.pdbx_dist_value 
_struct_conn.pdbx_value_order 
_struct_conn.pdbx_role 
disulf1  disulf ? ? A CYS 7   SG  ? ? ? 1_555 A CYS 18  SG ? ? A CYS 144  A CYS 155  1_555 ? ? ? ? ? ? ? 2.075 ? ? 
disulf2  disulf ? ? A CYS 12  SG  ? ? ? 1_555 A CYS 27  SG ? ? A CYS 149  A CYS 164  1_555 ? ? ? ? ? ? ? 2.019 ? ? 
disulf3  disulf ? ? A CYS 29  SG  ? ? ? 1_555 A CYS 38  SG ? ? A CYS 166  A CYS 175  1_555 ? ? ? ? ? ? ? 2.052 ? ? 
disulf4  disulf ? ? A CYS 45  SG  ? ? ? 1_555 A CYS 58  SG ? ? A CYS 182  A CYS 195  1_555 ? ? ? ? ? ? ? 2.049 ? ? 
disulf5  disulf ? ? A CYS 52  SG  ? ? ? 1_555 A CYS 67  SG ? ? A CYS 189  A CYS 204  1_555 ? ? ? ? ? ? ? 2.044 ? ? 
disulf6  disulf ? ? A CYS 69  SG  ? ? ? 1_555 A CYS 78  SG ? ? A CYS 206  A CYS 215  1_555 ? ? ? ? ? ? ? 2.057 ? ? 
disulf7  disulf ? ? A CYS 85  SG  ? ? ? 1_555 A CYS 96  SG ? ? A CYS 222  A CYS 233  1_555 ? ? ? ? ? ? ? 2.047 ? ? 
disulf8  disulf ? ? A CYS 90  SG  ? ? ? 1_555 A CYS 106 SG ? ? A CYS 227  A CYS 243  1_555 ? ? ? ? ? ? ? 2.033 ? ? 
disulf9  disulf ? ? A CYS 108 SG  ? ? ? 1_555 A CYS 117 SG ? ? A CYS 245  A CYS 254  1_555 ? ? ? ? ? ? ? 2.048 ? ? 
disulf10 disulf ? ? A CYS 124 SG  ? ? ? 1_555 A CYS 135 SG ? ? A CYS 261  A CYS 272  1_555 ? ? ? ? ? ? ? 2.065 ? ? 
disulf11 disulf ? ? A CYS 129 SG  ? ? ? 1_555 A CYS 144 SG ? ? A CYS 266  A CYS 281  1_555 ? ? ? ? ? ? ? 2.041 ? ? 
disulf12 disulf ? ? A CYS 146 SG  ? ? ? 1_555 A CYS 155 SG ? ? A CYS 283  A CYS 292  1_555 ? ? ? ? ? ? ? 2.043 ? ? 
metalc1  metalc ? ? A ASP 41  OD2 ? ? ? 1_555 B CA  .   CA ? ? A ASP 178  A CA  1295 1_555 ? ? ? ? ? ? ? 3.009 ? ? 
metalc2  metalc ? ? A ASP 41  OD1 ? ? ? 1_555 B CA  .   CA ? ? A ASP 178  A CA  1295 1_555 ? ? ? ? ? ? ? 2.574 ? ? 
metalc3  metalc ? ? A VAL 42  O   ? ? ? 1_555 B CA  .   CA ? ? A VAL 179  A CA  1295 1_555 ? ? ? ? ? ? ? 2.688 ? ? 
metalc4  metalc ? ? A GLU 44  OE1 ? ? ? 1_555 B CA  .   CA ? ? A GLU 181  A CA  1295 1_555 ? ? ? ? ? ? ? 2.135 ? ? 
metalc5  metalc ? ? A ASN 60  OD1 ? ? ? 1_555 B CA  .   CA ? ? A ASN 197  A CA  1295 1_555 ? ? ? ? ? ? ? 2.321 ? ? 
metalc6  metalc ? ? A GLU 61  O   ? ? ? 1_555 B CA  .   CA ? ? A GLU 198  A CA  1295 1_555 ? ? ? ? ? ? ? 2.393 ? ? 
metalc7  metalc ? ? A SER 64  O   ? ? ? 1_555 B CA  .   CA ? ? A SER 201  A CA  1295 1_555 ? ? ? ? ? ? ? 2.446 ? ? 
metalc8  metalc ? ? A ASN 120 OD1 ? ? ? 1_555 C CA  .   CA ? ? A ASN 257  A CA  1296 1_555 ? ? ? ? ? ? ? 2.316 ? ? 
metalc9  metalc ? ? A ILE 121 O   ? ? ? 1_555 C CA  .   CA ? ? A ILE 258  A CA  1296 1_555 ? ? ? ? ? ? ? 2.495 ? ? 
metalc10 metalc ? ? A ASP 123 OD1 ? ? ? 1_555 C CA  .   CA ? ? A ASP 260  A CA  1296 1_555 ? ? ? ? ? ? ? 2.165 ? ? 
metalc11 metalc ? ? A ASP 137 OD1 ? ? ? 1_555 C CA  .   CA ? ? A ASP 274  A CA  1296 1_555 ? ? ? ? ? ? ? 2.078 ? ? 
metalc12 metalc ? ? A ASP 137 OD2 ? ? ? 1_555 C CA  .   CA ? ? A ASP 274  A CA  1296 1_555 ? ? ? ? ? ? ? 2.860 ? ? 
metalc13 metalc ? ? A GLY 138 O   ? ? ? 1_555 C CA  .   CA ? ? A GLY 275  A CA  1296 1_555 ? ? ? ? ? ? ? 2.424 ? ? 
metalc14 metalc ? ? B CA  .   CA  ? ? ? 1_555 D HOH .   O  ? ? A CA  1295 A HOH 2001 1_555 ? ? ? ? ? ? ? 2.548 ? ? 
metalc15 metalc ? ? C CA  .   CA  ? ? ? 1_555 D HOH .   O  ? ? A CA  1296 A HOH 2006 1_555 ? ? ? ? ? ? ? 2.312 ? ? 
# 
loop_
_struct_conn_type.id 
_struct_conn_type.criteria 
_struct_conn_type.reference 
disulf ? ? 
metalc ? ? 
# 
loop_
_pdbx_struct_conn_angle.id 
_pdbx_struct_conn_angle.ptnr1_label_atom_id 
_pdbx_struct_conn_angle.ptnr1_label_alt_id 
_pdbx_struct_conn_angle.ptnr1_label_asym_id 
_pdbx_struct_conn_angle.ptnr1_label_comp_id 
_pdbx_struct_conn_angle.ptnr1_label_seq_id 
_pdbx_struct_conn_angle.ptnr1_auth_atom_id 
_pdbx_struct_conn_angle.ptnr1_auth_asym_id 
_pdbx_struct_conn_angle.ptnr1_auth_comp_id 
_pdbx_struct_conn_angle.ptnr1_auth_seq_id 
_pdbx_struct_conn_angle.ptnr1_PDB_ins_code 
_pdbx_struct_conn_angle.ptnr1_symmetry 
_pdbx_struct_conn_angle.ptnr2_label_atom_id 
_pdbx_struct_conn_angle.ptnr2_label_alt_id 
_pdbx_struct_conn_angle.ptnr2_label_asym_id 
_pdbx_struct_conn_angle.ptnr2_label_comp_id 
_pdbx_struct_conn_angle.ptnr2_label_seq_id 
_pdbx_struct_conn_angle.ptnr2_auth_atom_id 
_pdbx_struct_conn_angle.ptnr2_auth_asym_id 
_pdbx_struct_conn_angle.ptnr2_auth_comp_id 
_pdbx_struct_conn_angle.ptnr2_auth_seq_id 
_pdbx_struct_conn_angle.ptnr2_PDB_ins_code 
_pdbx_struct_conn_angle.ptnr2_symmetry 
_pdbx_struct_conn_angle.ptnr3_label_atom_id 
_pdbx_struct_conn_angle.ptnr3_label_alt_id 
_pdbx_struct_conn_angle.ptnr3_label_asym_id 
_pdbx_struct_conn_angle.ptnr3_label_comp_id 
_pdbx_struct_conn_angle.ptnr3_label_seq_id 
_pdbx_struct_conn_angle.ptnr3_auth_atom_id 
_pdbx_struct_conn_angle.ptnr3_auth_asym_id 
_pdbx_struct_conn_angle.ptnr3_auth_comp_id 
_pdbx_struct_conn_angle.ptnr3_auth_seq_id 
_pdbx_struct_conn_angle.ptnr3_PDB_ins_code 
_pdbx_struct_conn_angle.ptnr3_symmetry 
_pdbx_struct_conn_angle.value 
_pdbx_struct_conn_angle.value_esd 
1  OD2 ? A ASP 41  ? A ASP 178 ? 1_555 CA ? B CA . ? A CA 1295 ? 1_555 OD1 ? A ASP 41  ? A ASP 178  ? 1_555 45.4  ? 
2  OD2 ? A ASP 41  ? A ASP 178 ? 1_555 CA ? B CA . ? A CA 1295 ? 1_555 O   ? A VAL 42  ? A VAL 179  ? 1_555 67.3  ? 
3  OD1 ? A ASP 41  ? A ASP 178 ? 1_555 CA ? B CA . ? A CA 1295 ? 1_555 O   ? A VAL 42  ? A VAL 179  ? 1_555 71.2  ? 
4  OD2 ? A ASP 41  ? A ASP 178 ? 1_555 CA ? B CA . ? A CA 1295 ? 1_555 OE1 ? A GLU 44  ? A GLU 181  ? 1_555 141.9 ? 
5  OD1 ? A ASP 41  ? A ASP 178 ? 1_555 CA ? B CA . ? A CA 1295 ? 1_555 OE1 ? A GLU 44  ? A GLU 181  ? 1_555 132.5 ? 
6  O   ? A VAL 42  ? A VAL 179 ? 1_555 CA ? B CA . ? A CA 1295 ? 1_555 OE1 ? A GLU 44  ? A GLU 181  ? 1_555 76.8  ? 
7  OD2 ? A ASP 41  ? A ASP 178 ? 1_555 CA ? B CA . ? A CA 1295 ? 1_555 OD1 ? A ASN 60  ? A ASN 197  ? 1_555 70.4  ? 
8  OD1 ? A ASP 41  ? A ASP 178 ? 1_555 CA ? B CA . ? A CA 1295 ? 1_555 OD1 ? A ASN 60  ? A ASN 197  ? 1_555 115.5 ? 
9  O   ? A VAL 42  ? A VAL 179 ? 1_555 CA ? B CA . ? A CA 1295 ? 1_555 OD1 ? A ASN 60  ? A ASN 197  ? 1_555 79.5  ? 
10 OE1 ? A GLU 44  ? A GLU 181 ? 1_555 CA ? B CA . ? A CA 1295 ? 1_555 OD1 ? A ASN 60  ? A ASN 197  ? 1_555 91.5  ? 
11 OD2 ? A ASP 41  ? A ASP 178 ? 1_555 CA ? B CA . ? A CA 1295 ? 1_555 O   ? A GLU 61  ? A GLU 198  ? 1_555 61.4  ? 
12 OD1 ? A ASP 41  ? A ASP 178 ? 1_555 CA ? B CA . ? A CA 1295 ? 1_555 O   ? A GLU 61  ? A GLU 198  ? 1_555 77.1  ? 
13 O   ? A VAL 42  ? A VAL 179 ? 1_555 CA ? B CA . ? A CA 1295 ? 1_555 O   ? A GLU 61  ? A GLU 198  ? 1_555 128.4 ? 
14 OE1 ? A GLU 44  ? A GLU 181 ? 1_555 CA ? B CA . ? A CA 1295 ? 1_555 O   ? A GLU 61  ? A GLU 198  ? 1_555 149.4 ? 
15 OD1 ? A ASN 60  ? A ASN 197 ? 1_555 CA ? B CA . ? A CA 1295 ? 1_555 O   ? A GLU 61  ? A GLU 198  ? 1_555 78.6  ? 
16 OD2 ? A ASP 41  ? A ASP 178 ? 1_555 CA ? B CA . ? A CA 1295 ? 1_555 O   ? A SER 64  ? A SER 201  ? 1_555 131.5 ? 
17 OD1 ? A ASP 41  ? A ASP 178 ? 1_555 CA ? B CA . ? A CA 1295 ? 1_555 O   ? A SER 64  ? A SER 201  ? 1_555 134.7 ? 
18 O   ? A VAL 42  ? A VAL 179 ? 1_555 CA ? B CA . ? A CA 1295 ? 1_555 O   ? A SER 64  ? A SER 201  ? 1_555 153.7 ? 
19 OE1 ? A GLU 44  ? A GLU 181 ? 1_555 CA ? B CA . ? A CA 1295 ? 1_555 O   ? A SER 64  ? A SER 201  ? 1_555 79.5  ? 
20 OD1 ? A ASN 60  ? A ASN 197 ? 1_555 CA ? B CA . ? A CA 1295 ? 1_555 O   ? A SER 64  ? A SER 201  ? 1_555 89.8  ? 
21 O   ? A GLU 61  ? A GLU 198 ? 1_555 CA ? B CA . ? A CA 1295 ? 1_555 O   ? A SER 64  ? A SER 201  ? 1_555 71.6  ? 
22 OD2 ? A ASP 41  ? A ASP 178 ? 1_555 CA ? B CA . ? A CA 1295 ? 1_555 O   ? D HOH .   ? A HOH 2001 ? 1_555 104.4 ? 
23 OD1 ? A ASP 41  ? A ASP 178 ? 1_555 CA ? B CA . ? A CA 1295 ? 1_555 O   ? D HOH .   ? A HOH 2001 ? 1_555 59.5  ? 
24 O   ? A VAL 42  ? A VAL 179 ? 1_555 CA ? B CA . ? A CA 1295 ? 1_555 O   ? D HOH .   ? A HOH 2001 ? 1_555 84.6  ? 
25 OE1 ? A GLU 44  ? A GLU 181 ? 1_555 CA ? B CA . ? A CA 1295 ? 1_555 O   ? D HOH .   ? A HOH 2001 ? 1_555 83.7  ? 
26 OD1 ? A ASN 60  ? A ASN 197 ? 1_555 CA ? B CA . ? A CA 1295 ? 1_555 O   ? D HOH .   ? A HOH 2001 ? 1_555 164.1 ? 
27 O   ? A GLU 61  ? A GLU 198 ? 1_555 CA ? B CA . ? A CA 1295 ? 1_555 O   ? D HOH .   ? A HOH 2001 ? 1_555 112.8 ? 
28 O   ? A SER 64  ? A SER 201 ? 1_555 CA ? B CA . ? A CA 1295 ? 1_555 O   ? D HOH .   ? A HOH 2001 ? 1_555 104.2 ? 
29 OD1 ? A ASN 120 ? A ASN 257 ? 1_555 CA ? C CA . ? A CA 1296 ? 1_555 O   ? A ILE 121 ? A ILE 258  ? 1_555 86.8  ? 
30 OD1 ? A ASN 120 ? A ASN 257 ? 1_555 CA ? C CA . ? A CA 1296 ? 1_555 OD1 ? A ASP 123 ? A ASP 260  ? 1_555 147.2 ? 
31 O   ? A ILE 121 ? A ILE 258 ? 1_555 CA ? C CA . ? A CA 1296 ? 1_555 OD1 ? A ASP 123 ? A ASP 260  ? 1_555 72.8  ? 
32 OD1 ? A ASN 120 ? A ASN 257 ? 1_555 CA ? C CA . ? A CA 1296 ? 1_555 OD1 ? A ASP 137 ? A ASP 274  ? 1_555 116.7 ? 
33 O   ? A ILE 121 ? A ILE 258 ? 1_555 CA ? C CA . ? A CA 1296 ? 1_555 OD1 ? A ASP 137 ? A ASP 274  ? 1_555 87.9  ? 
34 OD1 ? A ASP 123 ? A ASP 260 ? 1_555 CA ? C CA . ? A CA 1296 ? 1_555 OD1 ? A ASP 137 ? A ASP 274  ? 1_555 88.5  ? 
35 OD1 ? A ASN 120 ? A ASN 257 ? 1_555 CA ? C CA . ? A CA 1296 ? 1_555 OD2 ? A ASP 137 ? A ASP 274  ? 1_555 70.5  ? 
36 O   ? A ILE 121 ? A ILE 258 ? 1_555 CA ? C CA . ? A CA 1296 ? 1_555 OD2 ? A ASP 137 ? A ASP 274  ? 1_555 66.8  ? 
37 OD1 ? A ASP 123 ? A ASP 260 ? 1_555 CA ? C CA . ? A CA 1296 ? 1_555 OD2 ? A ASP 137 ? A ASP 274  ? 1_555 120.9 ? 
38 OD1 ? A ASP 137 ? A ASP 274 ? 1_555 CA ? C CA . ? A CA 1296 ? 1_555 OD2 ? A ASP 137 ? A ASP 274  ? 1_555 49.9  ? 
39 OD1 ? A ASN 120 ? A ASN 257 ? 1_555 CA ? C CA . ? A CA 1296 ? 1_555 O   ? A GLY 138 ? A GLY 275  ? 1_555 88.5  ? 
40 O   ? A ILE 121 ? A ILE 258 ? 1_555 CA ? C CA . ? A CA 1296 ? 1_555 O   ? A GLY 138 ? A GLY 275  ? 1_555 172.9 ? 
41 OD1 ? A ASP 123 ? A ASP 260 ? 1_555 CA ? C CA . ? A CA 1296 ? 1_555 O   ? A GLY 138 ? A GLY 275  ? 1_555 109.0 ? 
42 OD1 ? A ASP 137 ? A ASP 274 ? 1_555 CA ? C CA . ? A CA 1296 ? 1_555 O   ? A GLY 138 ? A GLY 275  ? 1_555 99.0  ? 
43 OD2 ? A ASP 137 ? A ASP 274 ? 1_555 CA ? C CA . ? A CA 1296 ? 1_555 O   ? A GLY 138 ? A GLY 275  ? 1_555 116.5 ? 
44 OD1 ? A ASN 120 ? A ASN 257 ? 1_555 CA ? C CA . ? A CA 1296 ? 1_555 O   ? D HOH .   ? A HOH 2006 ? 1_555 87.1  ? 
45 O   ? A ILE 121 ? A ILE 258 ? 1_555 CA ? C CA . ? A CA 1296 ? 1_555 O   ? D HOH .   ? A HOH 2006 ? 1_555 103.7 ? 
46 OD1 ? A ASP 123 ? A ASP 260 ? 1_555 CA ? C CA . ? A CA 1296 ? 1_555 O   ? D HOH .   ? A HOH 2006 ? 1_555 73.7  ? 
47 OD1 ? A ASP 137 ? A ASP 274 ? 1_555 CA ? C CA . ? A CA 1296 ? 1_555 O   ? D HOH .   ? A HOH 2006 ? 1_555 154.3 ? 
48 OD2 ? A ASP 137 ? A ASP 274 ? 1_555 CA ? C CA . ? A CA 1296 ? 1_555 O   ? D HOH .   ? A HOH 2006 ? 1_555 155.7 ? 
49 O   ? A GLY 138 ? A GLY 275 ? 1_555 CA ? C CA . ? A CA 1296 ? 1_555 O   ? D HOH .   ? A HOH 2006 ? 1_555 70.7  ? 
# 
loop_
_pdbx_modification_feature.ordinal 
_pdbx_modification_feature.label_comp_id 
_pdbx_modification_feature.label_asym_id 
_pdbx_modification_feature.label_seq_id 
_pdbx_modification_feature.label_alt_id 
_pdbx_modification_feature.modified_residue_label_comp_id 
_pdbx_modification_feature.modified_residue_label_asym_id 
_pdbx_modification_feature.modified_residue_label_seq_id 
_pdbx_modification_feature.modified_residue_label_alt_id 
_pdbx_modification_feature.auth_comp_id 
_pdbx_modification_feature.auth_asym_id 
_pdbx_modification_feature.auth_seq_id 
_pdbx_modification_feature.PDB_ins_code 
_pdbx_modification_feature.symmetry 
_pdbx_modification_feature.modified_residue_auth_comp_id 
_pdbx_modification_feature.modified_residue_auth_asym_id 
_pdbx_modification_feature.modified_residue_auth_seq_id 
_pdbx_modification_feature.modified_residue_PDB_ins_code 
_pdbx_modification_feature.modified_residue_symmetry 
_pdbx_modification_feature.comp_id_linking_atom 
_pdbx_modification_feature.modified_residue_id_linking_atom 
_pdbx_modification_feature.modified_residue_id 
_pdbx_modification_feature.ref_pcm_id 
_pdbx_modification_feature.ref_comp_id 
_pdbx_modification_feature.type 
_pdbx_modification_feature.category 
1  CYS A 7   ? CYS A 18  ? CYS A 144 ? 1_555 CYS A 155 ? 1_555 SG SG . . . None 'Disulfide bridge' 
2  CYS A 12  ? CYS A 27  ? CYS A 149 ? 1_555 CYS A 164 ? 1_555 SG SG . . . None 'Disulfide bridge' 
3  CYS A 29  ? CYS A 38  ? CYS A 166 ? 1_555 CYS A 175 ? 1_555 SG SG . . . None 'Disulfide bridge' 
4  CYS A 45  ? CYS A 58  ? CYS A 182 ? 1_555 CYS A 195 ? 1_555 SG SG . . . None 'Disulfide bridge' 
5  CYS A 52  ? CYS A 67  ? CYS A 189 ? 1_555 CYS A 204 ? 1_555 SG SG . . . None 'Disulfide bridge' 
6  CYS A 69  ? CYS A 78  ? CYS A 206 ? 1_555 CYS A 215 ? 1_555 SG SG . . . None 'Disulfide bridge' 
7  CYS A 85  ? CYS A 96  ? CYS A 222 ? 1_555 CYS A 233 ? 1_555 SG SG . . . None 'Disulfide bridge' 
8  CYS A 90  ? CYS A 106 ? CYS A 227 ? 1_555 CYS A 243 ? 1_555 SG SG . . . None 'Disulfide bridge' 
9  CYS A 108 ? CYS A 117 ? CYS A 245 ? 1_555 CYS A 254 ? 1_555 SG SG . . . None 'Disulfide bridge' 
10 CYS A 124 ? CYS A 135 ? CYS A 261 ? 1_555 CYS A 272 ? 1_555 SG SG . . . None 'Disulfide bridge' 
11 CYS A 129 ? CYS A 144 ? CYS A 266 ? 1_555 CYS A 281 ? 1_555 SG SG . . . None 'Disulfide bridge' 
12 CYS A 146 ? CYS A 155 ? CYS A 283 ? 1_555 CYS A 292 ? 1_555 SG SG . . . None 'Disulfide bridge' 
# 
_struct_mon_prot_cis.pdbx_id                1 
_struct_mon_prot_cis.label_comp_id          SER 
_struct_mon_prot_cis.label_seq_id           86 
_struct_mon_prot_cis.label_asym_id          A 
_struct_mon_prot_cis.label_alt_id           . 
_struct_mon_prot_cis.pdbx_PDB_ins_code      ? 
_struct_mon_prot_cis.auth_comp_id           SER 
_struct_mon_prot_cis.auth_seq_id            223 
_struct_mon_prot_cis.auth_asym_id           A 
_struct_mon_prot_cis.pdbx_label_comp_id_2   PRO 
_struct_mon_prot_cis.pdbx_label_seq_id_2    87 
_struct_mon_prot_cis.pdbx_label_asym_id_2   A 
_struct_mon_prot_cis.pdbx_PDB_ins_code_2    ? 
_struct_mon_prot_cis.pdbx_auth_comp_id_2    PRO 
_struct_mon_prot_cis.pdbx_auth_seq_id_2     224 
_struct_mon_prot_cis.pdbx_auth_asym_id_2    A 
_struct_mon_prot_cis.pdbx_PDB_model_num     1 
_struct_mon_prot_cis.pdbx_omega_angle       -0.62 
# 
loop_
_struct_sheet.id 
_struct_sheet.type 
_struct_sheet.number_strands 
_struct_sheet.details 
AA ? 2 ? 
AB ? 2 ? 
AC ? 2 ? 
AD ? 2 ? 
AE ? 2 ? 
AF ? 2 ? 
AG ? 2 ? 
# 
loop_
_struct_sheet_order.sheet_id 
_struct_sheet_order.range_id_1 
_struct_sheet_order.range_id_2 
_struct_sheet_order.offset 
_struct_sheet_order.sense 
AA 1 2 ? anti-parallel 
AB 1 2 ? anti-parallel 
AC 1 2 ? anti-parallel 
AD 1 2 ? anti-parallel 
AE 1 2 ? anti-parallel 
AF 1 2 ? anti-parallel 
AG 1 2 ? anti-parallel 
# 
loop_
_struct_sheet_range.sheet_id 
_struct_sheet_range.id 
_struct_sheet_range.beg_label_comp_id 
_struct_sheet_range.beg_label_asym_id 
_struct_sheet_range.beg_label_seq_id 
_struct_sheet_range.pdbx_beg_PDB_ins_code 
_struct_sheet_range.end_label_comp_id 
_struct_sheet_range.end_label_asym_id 
_struct_sheet_range.end_label_seq_id 
_struct_sheet_range.pdbx_end_PDB_ins_code 
_struct_sheet_range.beg_auth_comp_id 
_struct_sheet_range.beg_auth_asym_id 
_struct_sheet_range.beg_auth_seq_id 
_struct_sheet_range.end_auth_comp_id 
_struct_sheet_range.end_auth_asym_id 
_struct_sheet_range.end_auth_seq_id 
AA 1 GLN A 17  ? PHE A 21  ? GLN A 154 PHE A 158 
AA 2 SER A 24  ? HIS A 28  ? SER A 161 HIS A 165 
AB 1 PHE A 33  ? HIS A 34  ? PHE A 170 HIS A 171 
AB 2 GLN A 40  ? ASP A 41  ? GLN A 177 ASP A 178 
AC 1 THR A 57  ? GLU A 61  ? THR A 194 GLU A 198 
AC 2 SER A 64  ? VAL A 68  ? SER A 201 VAL A 205 
AD 1 HIS A 73  ? THR A 74  ? HIS A 210 THR A 211 
AD 2 ARG A 80  ? PRO A 81  ? ARG A 217 PRO A 218 
AE 1 THR A 95  ? CYS A 96  ? THR A 232 CYS A 233 
AE 2 CYS A 106 ? ALA A 107 ? CYS A 243 ALA A 244 
AF 1 PHE A 112 ? THR A 113 ? PHE A 249 THR A 250 
AF 2 GLU A 119 ? ASN A 120 ? GLU A 256 ASN A 257 
AG 1 ALA A 134 ? ASP A 137 ? ALA A 271 ASP A 274 
AG 2 TYR A 142 ? ARG A 145 ? TYR A 279 ARG A 282 
# 
loop_
_pdbx_struct_sheet_hbond.sheet_id 
_pdbx_struct_sheet_hbond.range_id_1 
_pdbx_struct_sheet_hbond.range_id_2 
_pdbx_struct_sheet_hbond.range_1_label_atom_id 
_pdbx_struct_sheet_hbond.range_1_label_comp_id 
_pdbx_struct_sheet_hbond.range_1_label_asym_id 
_pdbx_struct_sheet_hbond.range_1_label_seq_id 
_pdbx_struct_sheet_hbond.range_1_PDB_ins_code 
_pdbx_struct_sheet_hbond.range_1_auth_atom_id 
_pdbx_struct_sheet_hbond.range_1_auth_comp_id 
_pdbx_struct_sheet_hbond.range_1_auth_asym_id 
_pdbx_struct_sheet_hbond.range_1_auth_seq_id 
_pdbx_struct_sheet_hbond.range_2_label_atom_id 
_pdbx_struct_sheet_hbond.range_2_label_comp_id 
_pdbx_struct_sheet_hbond.range_2_label_asym_id 
_pdbx_struct_sheet_hbond.range_2_label_seq_id 
_pdbx_struct_sheet_hbond.range_2_PDB_ins_code 
_pdbx_struct_sheet_hbond.range_2_auth_atom_id 
_pdbx_struct_sheet_hbond.range_2_auth_comp_id 
_pdbx_struct_sheet_hbond.range_2_auth_asym_id 
_pdbx_struct_sheet_hbond.range_2_auth_seq_id 
AA 1 2 N PHE A 21  ? N PHE A 158 O SER A 24  ? O SER A 161 
AB 1 2 N HIS A 34  ? N HIS A 171 O GLN A 40  ? O GLN A 177 
AC 1 2 N GLU A 61  ? N GLU A 198 O SER A 64  ? O SER A 201 
AD 1 2 N THR A 74  ? N THR A 211 O ARG A 80  ? O ARG A 217 
AE 1 2 N THR A 95  ? N THR A 232 O ALA A 107 ? O ALA A 244 
AF 1 2 N THR A 113 ? N THR A 250 O GLU A 119 ? O GLU A 256 
AG 1 2 N VAL A 136 ? N VAL A 273 O ASN A 143 ? O ASN A 280 
# 
loop_
_struct_site.id 
_struct_site.pdbx_evidence_code 
_struct_site.pdbx_auth_asym_id 
_struct_site.pdbx_auth_comp_id 
_struct_site.pdbx_auth_seq_id 
_struct_site.pdbx_auth_ins_code 
_struct_site.pdbx_num_residues 
_struct_site.details 
AC1 Software A CA 1295 ? 7 'BINDING SITE FOR RESIDUE CA A 1295' 
AC2 Software A CA 1296 ? 6 'BINDING SITE FOR RESIDUE CA A 1296' 
# 
loop_
_struct_site_gen.id 
_struct_site_gen.site_id 
_struct_site_gen.pdbx_num_res 
_struct_site_gen.label_comp_id 
_struct_site_gen.label_asym_id 
_struct_site_gen.label_seq_id 
_struct_site_gen.pdbx_auth_ins_code 
_struct_site_gen.auth_comp_id 
_struct_site_gen.auth_asym_id 
_struct_site_gen.auth_seq_id 
_struct_site_gen.label_atom_id 
_struct_site_gen.label_alt_id 
_struct_site_gen.symmetry 
_struct_site_gen.details 
1  AC1 7 ASP A 41  ? ASP A 178  . ? 1_555 ? 
2  AC1 7 VAL A 42  ? VAL A 179  . ? 1_555 ? 
3  AC1 7 GLU A 44  ? GLU A 181  . ? 1_555 ? 
4  AC1 7 ASN A 60  ? ASN A 197  . ? 1_555 ? 
5  AC1 7 GLU A 61  ? GLU A 198  . ? 1_555 ? 
6  AC1 7 SER A 64  ? SER A 201  . ? 1_555 ? 
7  AC1 7 HOH D .   ? HOH A 2001 . ? 1_555 ? 
8  AC2 6 ASN A 120 ? ASN A 257  . ? 1_555 ? 
9  AC2 6 ILE A 121 ? ILE A 258  . ? 1_555 ? 
10 AC2 6 ASP A 123 ? ASP A 260  . ? 1_555 ? 
11 AC2 6 ASP A 137 ? ASP A 274  . ? 1_555 ? 
12 AC2 6 GLY A 138 ? GLY A 275  . ? 1_555 ? 
13 AC2 6 HOH D .   ? HOH A 2006 . ? 1_555 ? 
# 
_pdbx_entry_details.entry_id                   5FM9 
_pdbx_entry_details.compound_details           ? 
_pdbx_entry_details.source_details             ? 
_pdbx_entry_details.nonpolymer_details         ? 
_pdbx_entry_details.sequence_details           ? 
_pdbx_entry_details.has_ligand_of_interest     ? 
_pdbx_entry_details.has_protein_modification   Y 
# 
loop_
_pdbx_validate_torsion.id 
_pdbx_validate_torsion.PDB_model_num 
_pdbx_validate_torsion.auth_comp_id 
_pdbx_validate_torsion.auth_asym_id 
_pdbx_validate_torsion.auth_seq_id 
_pdbx_validate_torsion.PDB_ins_code 
_pdbx_validate_torsion.label_alt_id 
_pdbx_validate_torsion.phi 
_pdbx_validate_torsion.psi 
1 1 ASN A 151 ? ? 39.54   36.47   
2 1 GLU A 159 ? ? 52.65   -134.18 
3 1 SER A 161 ? ? -96.58  -143.43 
4 1 SER A 201 ? ? -174.49 -163.22 
5 1 SER A 223 ? ? -161.88 103.62  
6 1 PRO A 285 ? ? -60.60  1.87    
# 
loop_
_pdbx_unobs_or_zero_occ_residues.id 
_pdbx_unobs_or_zero_occ_residues.PDB_model_num 
_pdbx_unobs_or_zero_occ_residues.polymer_flag 
_pdbx_unobs_or_zero_occ_residues.occupancy_flag 
_pdbx_unobs_or_zero_occ_residues.auth_asym_id 
_pdbx_unobs_or_zero_occ_residues.auth_comp_id 
_pdbx_unobs_or_zero_occ_residues.auth_seq_id 
_pdbx_unobs_or_zero_occ_residues.PDB_ins_code 
_pdbx_unobs_or_zero_occ_residues.label_asym_id 
_pdbx_unobs_or_zero_occ_residues.label_comp_id 
_pdbx_unobs_or_zero_occ_residues.label_seq_id 
1 1 Y 1 A SER 138 ? A SER 1 
2 1 Y 1 A ALA 139 ? A ALA 2 
3 1 Y 1 A GLN 140 ? A GLN 3 
# 
loop_
_chem_comp_atom.comp_id 
_chem_comp_atom.atom_id 
_chem_comp_atom.type_symbol 
_chem_comp_atom.pdbx_aromatic_flag 
_chem_comp_atom.pdbx_stereo_config 
_chem_comp_atom.pdbx_ordinal 
ALA N    N  N N 1   
ALA CA   C  N S 2   
ALA C    C  N N 3   
ALA O    O  N N 4   
ALA CB   C  N N 5   
ALA OXT  O  N N 6   
ALA H    H  N N 7   
ALA H2   H  N N 8   
ALA HA   H  N N 9   
ALA HB1  H  N N 10  
ALA HB2  H  N N 11  
ALA HB3  H  N N 12  
ALA HXT  H  N N 13  
ARG N    N  N N 14  
ARG CA   C  N S 15  
ARG C    C  N N 16  
ARG O    O  N N 17  
ARG CB   C  N N 18  
ARG CG   C  N N 19  
ARG CD   C  N N 20  
ARG NE   N  N N 21  
ARG CZ   C  N N 22  
ARG NH1  N  N N 23  
ARG NH2  N  N N 24  
ARG OXT  O  N N 25  
ARG H    H  N N 26  
ARG H2   H  N N 27  
ARG HA   H  N N 28  
ARG HB2  H  N N 29  
ARG HB3  H  N N 30  
ARG HG2  H  N N 31  
ARG HG3  H  N N 32  
ARG HD2  H  N N 33  
ARG HD3  H  N N 34  
ARG HE   H  N N 35  
ARG HH11 H  N N 36  
ARG HH12 H  N N 37  
ARG HH21 H  N N 38  
ARG HH22 H  N N 39  
ARG HXT  H  N N 40  
ASN N    N  N N 41  
ASN CA   C  N S 42  
ASN C    C  N N 43  
ASN O    O  N N 44  
ASN CB   C  N N 45  
ASN CG   C  N N 46  
ASN OD1  O  N N 47  
ASN ND2  N  N N 48  
ASN OXT  O  N N 49  
ASN H    H  N N 50  
ASN H2   H  N N 51  
ASN HA   H  N N 52  
ASN HB2  H  N N 53  
ASN HB3  H  N N 54  
ASN HD21 H  N N 55  
ASN HD22 H  N N 56  
ASN HXT  H  N N 57  
ASP N    N  N N 58  
ASP CA   C  N S 59  
ASP C    C  N N 60  
ASP O    O  N N 61  
ASP CB   C  N N 62  
ASP CG   C  N N 63  
ASP OD1  O  N N 64  
ASP OD2  O  N N 65  
ASP OXT  O  N N 66  
ASP H    H  N N 67  
ASP H2   H  N N 68  
ASP HA   H  N N 69  
ASP HB2  H  N N 70  
ASP HB3  H  N N 71  
ASP HD2  H  N N 72  
ASP HXT  H  N N 73  
CA  CA   CA N N 74  
CYS N    N  N N 75  
CYS CA   C  N R 76  
CYS C    C  N N 77  
CYS O    O  N N 78  
CYS CB   C  N N 79  
CYS SG   S  N N 80  
CYS OXT  O  N N 81  
CYS H    H  N N 82  
CYS H2   H  N N 83  
CYS HA   H  N N 84  
CYS HB2  H  N N 85  
CYS HB3  H  N N 86  
CYS HG   H  N N 87  
CYS HXT  H  N N 88  
GLN N    N  N N 89  
GLN CA   C  N S 90  
GLN C    C  N N 91  
GLN O    O  N N 92  
GLN CB   C  N N 93  
GLN CG   C  N N 94  
GLN CD   C  N N 95  
GLN OE1  O  N N 96  
GLN NE2  N  N N 97  
GLN OXT  O  N N 98  
GLN H    H  N N 99  
GLN H2   H  N N 100 
GLN HA   H  N N 101 
GLN HB2  H  N N 102 
GLN HB3  H  N N 103 
GLN HG2  H  N N 104 
GLN HG3  H  N N 105 
GLN HE21 H  N N 106 
GLN HE22 H  N N 107 
GLN HXT  H  N N 108 
GLU N    N  N N 109 
GLU CA   C  N S 110 
GLU C    C  N N 111 
GLU O    O  N N 112 
GLU CB   C  N N 113 
GLU CG   C  N N 114 
GLU CD   C  N N 115 
GLU OE1  O  N N 116 
GLU OE2  O  N N 117 
GLU OXT  O  N N 118 
GLU H    H  N N 119 
GLU H2   H  N N 120 
GLU HA   H  N N 121 
GLU HB2  H  N N 122 
GLU HB3  H  N N 123 
GLU HG2  H  N N 124 
GLU HG3  H  N N 125 
GLU HE2  H  N N 126 
GLU HXT  H  N N 127 
GLY N    N  N N 128 
GLY CA   C  N N 129 
GLY C    C  N N 130 
GLY O    O  N N 131 
GLY OXT  O  N N 132 
GLY H    H  N N 133 
GLY H2   H  N N 134 
GLY HA2  H  N N 135 
GLY HA3  H  N N 136 
GLY HXT  H  N N 137 
HIS N    N  N N 138 
HIS CA   C  N S 139 
HIS C    C  N N 140 
HIS O    O  N N 141 
HIS CB   C  N N 142 
HIS CG   C  Y N 143 
HIS ND1  N  Y N 144 
HIS CD2  C  Y N 145 
HIS CE1  C  Y N 146 
HIS NE2  N  Y N 147 
HIS OXT  O  N N 148 
HIS H    H  N N 149 
HIS H2   H  N N 150 
HIS HA   H  N N 151 
HIS HB2  H  N N 152 
HIS HB3  H  N N 153 
HIS HD1  H  N N 154 
HIS HD2  H  N N 155 
HIS HE1  H  N N 156 
HIS HE2  H  N N 157 
HIS HXT  H  N N 158 
HOH O    O  N N 159 
HOH H1   H  N N 160 
HOH H2   H  N N 161 
ILE N    N  N N 162 
ILE CA   C  N S 163 
ILE C    C  N N 164 
ILE O    O  N N 165 
ILE CB   C  N S 166 
ILE CG1  C  N N 167 
ILE CG2  C  N N 168 
ILE CD1  C  N N 169 
ILE OXT  O  N N 170 
ILE H    H  N N 171 
ILE H2   H  N N 172 
ILE HA   H  N N 173 
ILE HB   H  N N 174 
ILE HG12 H  N N 175 
ILE HG13 H  N N 176 
ILE HG21 H  N N 177 
ILE HG22 H  N N 178 
ILE HG23 H  N N 179 
ILE HD11 H  N N 180 
ILE HD12 H  N N 181 
ILE HD13 H  N N 182 
ILE HXT  H  N N 183 
LEU N    N  N N 184 
LEU CA   C  N S 185 
LEU C    C  N N 186 
LEU O    O  N N 187 
LEU CB   C  N N 188 
LEU CG   C  N N 189 
LEU CD1  C  N N 190 
LEU CD2  C  N N 191 
LEU OXT  O  N N 192 
LEU H    H  N N 193 
LEU H2   H  N N 194 
LEU HA   H  N N 195 
LEU HB2  H  N N 196 
LEU HB3  H  N N 197 
LEU HG   H  N N 198 
LEU HD11 H  N N 199 
LEU HD12 H  N N 200 
LEU HD13 H  N N 201 
LEU HD21 H  N N 202 
LEU HD22 H  N N 203 
LEU HD23 H  N N 204 
LEU HXT  H  N N 205 
LYS N    N  N N 206 
LYS CA   C  N S 207 
LYS C    C  N N 208 
LYS O    O  N N 209 
LYS CB   C  N N 210 
LYS CG   C  N N 211 
LYS CD   C  N N 212 
LYS CE   C  N N 213 
LYS NZ   N  N N 214 
LYS OXT  O  N N 215 
LYS H    H  N N 216 
LYS H2   H  N N 217 
LYS HA   H  N N 218 
LYS HB2  H  N N 219 
LYS HB3  H  N N 220 
LYS HG2  H  N N 221 
LYS HG3  H  N N 222 
LYS HD2  H  N N 223 
LYS HD3  H  N N 224 
LYS HE2  H  N N 225 
LYS HE3  H  N N 226 
LYS HZ1  H  N N 227 
LYS HZ2  H  N N 228 
LYS HZ3  H  N N 229 
LYS HXT  H  N N 230 
PHE N    N  N N 231 
PHE CA   C  N S 232 
PHE C    C  N N 233 
PHE O    O  N N 234 
PHE CB   C  N N 235 
PHE CG   C  Y N 236 
PHE CD1  C  Y N 237 
PHE CD2  C  Y N 238 
PHE CE1  C  Y N 239 
PHE CE2  C  Y N 240 
PHE CZ   C  Y N 241 
PHE OXT  O  N N 242 
PHE H    H  N N 243 
PHE H2   H  N N 244 
PHE HA   H  N N 245 
PHE HB2  H  N N 246 
PHE HB3  H  N N 247 
PHE HD1  H  N N 248 
PHE HD2  H  N N 249 
PHE HE1  H  N N 250 
PHE HE2  H  N N 251 
PHE HZ   H  N N 252 
PHE HXT  H  N N 253 
PRO N    N  N N 254 
PRO CA   C  N S 255 
PRO C    C  N N 256 
PRO O    O  N N 257 
PRO CB   C  N N 258 
PRO CG   C  N N 259 
PRO CD   C  N N 260 
PRO OXT  O  N N 261 
PRO H    H  N N 262 
PRO HA   H  N N 263 
PRO HB2  H  N N 264 
PRO HB3  H  N N 265 
PRO HG2  H  N N 266 
PRO HG3  H  N N 267 
PRO HD2  H  N N 268 
PRO HD3  H  N N 269 
PRO HXT  H  N N 270 
SER N    N  N N 271 
SER CA   C  N S 272 
SER C    C  N N 273 
SER O    O  N N 274 
SER CB   C  N N 275 
SER OG   O  N N 276 
SER OXT  O  N N 277 
SER H    H  N N 278 
SER H2   H  N N 279 
SER HA   H  N N 280 
SER HB2  H  N N 281 
SER HB3  H  N N 282 
SER HG   H  N N 283 
SER HXT  H  N N 284 
THR N    N  N N 285 
THR CA   C  N S 286 
THR C    C  N N 287 
THR O    O  N N 288 
THR CB   C  N R 289 
THR OG1  O  N N 290 
THR CG2  C  N N 291 
THR OXT  O  N N 292 
THR H    H  N N 293 
THR H2   H  N N 294 
THR HA   H  N N 295 
THR HB   H  N N 296 
THR HG1  H  N N 297 
THR HG21 H  N N 298 
THR HG22 H  N N 299 
THR HG23 H  N N 300 
THR HXT  H  N N 301 
TRP N    N  N N 302 
TRP CA   C  N S 303 
TRP C    C  N N 304 
TRP O    O  N N 305 
TRP CB   C  N N 306 
TRP CG   C  Y N 307 
TRP CD1  C  Y N 308 
TRP CD2  C  Y N 309 
TRP NE1  N  Y N 310 
TRP CE2  C  Y N 311 
TRP CE3  C  Y N 312 
TRP CZ2  C  Y N 313 
TRP CZ3  C  Y N 314 
TRP CH2  C  Y N 315 
TRP OXT  O  N N 316 
TRP H    H  N N 317 
TRP H2   H  N N 318 
TRP HA   H  N N 319 
TRP HB2  H  N N 320 
TRP HB3  H  N N 321 
TRP HD1  H  N N 322 
TRP HE1  H  N N 323 
TRP HE3  H  N N 324 
TRP HZ2  H  N N 325 
TRP HZ3  H  N N 326 
TRP HH2  H  N N 327 
TRP HXT  H  N N 328 
TYR N    N  N N 329 
TYR CA   C  N S 330 
TYR C    C  N N 331 
TYR O    O  N N 332 
TYR CB   C  N N 333 
TYR CG   C  Y N 334 
TYR CD1  C  Y N 335 
TYR CD2  C  Y N 336 
TYR CE1  C  Y N 337 
TYR CE2  C  Y N 338 
TYR CZ   C  Y N 339 
TYR OH   O  N N 340 
TYR OXT  O  N N 341 
TYR H    H  N N 342 
TYR H2   H  N N 343 
TYR HA   H  N N 344 
TYR HB2  H  N N 345 
TYR HB3  H  N N 346 
TYR HD1  H  N N 347 
TYR HD2  H  N N 348 
TYR HE1  H  N N 349 
TYR HE2  H  N N 350 
TYR HH   H  N N 351 
TYR HXT  H  N N 352 
VAL N    N  N N 353 
VAL CA   C  N S 354 
VAL C    C  N N 355 
VAL O    O  N N 356 
VAL CB   C  N N 357 
VAL CG1  C  N N 358 
VAL CG2  C  N N 359 
VAL OXT  O  N N 360 
VAL H    H  N N 361 
VAL H2   H  N N 362 
VAL HA   H  N N 363 
VAL HB   H  N N 364 
VAL HG11 H  N N 365 
VAL HG12 H  N N 366 
VAL HG13 H  N N 367 
VAL HG21 H  N N 368 
VAL HG22 H  N N 369 
VAL HG23 H  N N 370 
VAL HXT  H  N N 371 
# 
loop_
_chem_comp_bond.comp_id 
_chem_comp_bond.atom_id_1 
_chem_comp_bond.atom_id_2 
_chem_comp_bond.value_order 
_chem_comp_bond.pdbx_aromatic_flag 
_chem_comp_bond.pdbx_stereo_config 
_chem_comp_bond.pdbx_ordinal 
ALA N   CA   sing N N 1   
ALA N   H    sing N N 2   
ALA N   H2   sing N N 3   
ALA CA  C    sing N N 4   
ALA CA  CB   sing N N 5   
ALA CA  HA   sing N N 6   
ALA C   O    doub N N 7   
ALA C   OXT  sing N N 8   
ALA CB  HB1  sing N N 9   
ALA CB  HB2  sing N N 10  
ALA CB  HB3  sing N N 11  
ALA OXT HXT  sing N N 12  
ARG N   CA   sing N N 13  
ARG N   H    sing N N 14  
ARG N   H2   sing N N 15  
ARG CA  C    sing N N 16  
ARG CA  CB   sing N N 17  
ARG CA  HA   sing N N 18  
ARG C   O    doub N N 19  
ARG C   OXT  sing N N 20  
ARG CB  CG   sing N N 21  
ARG CB  HB2  sing N N 22  
ARG CB  HB3  sing N N 23  
ARG CG  CD   sing N N 24  
ARG CG  HG2  sing N N 25  
ARG CG  HG3  sing N N 26  
ARG CD  NE   sing N N 27  
ARG CD  HD2  sing N N 28  
ARG CD  HD3  sing N N 29  
ARG NE  CZ   sing N N 30  
ARG NE  HE   sing N N 31  
ARG CZ  NH1  sing N N 32  
ARG CZ  NH2  doub N N 33  
ARG NH1 HH11 sing N N 34  
ARG NH1 HH12 sing N N 35  
ARG NH2 HH21 sing N N 36  
ARG NH2 HH22 sing N N 37  
ARG OXT HXT  sing N N 38  
ASN N   CA   sing N N 39  
ASN N   H    sing N N 40  
ASN N   H2   sing N N 41  
ASN CA  C    sing N N 42  
ASN CA  CB   sing N N 43  
ASN CA  HA   sing N N 44  
ASN C   O    doub N N 45  
ASN C   OXT  sing N N 46  
ASN CB  CG   sing N N 47  
ASN CB  HB2  sing N N 48  
ASN CB  HB3  sing N N 49  
ASN CG  OD1  doub N N 50  
ASN CG  ND2  sing N N 51  
ASN ND2 HD21 sing N N 52  
ASN ND2 HD22 sing N N 53  
ASN OXT HXT  sing N N 54  
ASP N   CA   sing N N 55  
ASP N   H    sing N N 56  
ASP N   H2   sing N N 57  
ASP CA  C    sing N N 58  
ASP CA  CB   sing N N 59  
ASP CA  HA   sing N N 60  
ASP C   O    doub N N 61  
ASP C   OXT  sing N N 62  
ASP CB  CG   sing N N 63  
ASP CB  HB2  sing N N 64  
ASP CB  HB3  sing N N 65  
ASP CG  OD1  doub N N 66  
ASP CG  OD2  sing N N 67  
ASP OD2 HD2  sing N N 68  
ASP OXT HXT  sing N N 69  
CYS N   CA   sing N N 70  
CYS N   H    sing N N 71  
CYS N   H2   sing N N 72  
CYS CA  C    sing N N 73  
CYS CA  CB   sing N N 74  
CYS CA  HA   sing N N 75  
CYS C   O    doub N N 76  
CYS C   OXT  sing N N 77  
CYS CB  SG   sing N N 78  
CYS CB  HB2  sing N N 79  
CYS CB  HB3  sing N N 80  
CYS SG  HG   sing N N 81  
CYS OXT HXT  sing N N 82  
GLN N   CA   sing N N 83  
GLN N   H    sing N N 84  
GLN N   H2   sing N N 85  
GLN CA  C    sing N N 86  
GLN CA  CB   sing N N 87  
GLN CA  HA   sing N N 88  
GLN C   O    doub N N 89  
GLN C   OXT  sing N N 90  
GLN CB  CG   sing N N 91  
GLN CB  HB2  sing N N 92  
GLN CB  HB3  sing N N 93  
GLN CG  CD   sing N N 94  
GLN CG  HG2  sing N N 95  
GLN CG  HG3  sing N N 96  
GLN CD  OE1  doub N N 97  
GLN CD  NE2  sing N N 98  
GLN NE2 HE21 sing N N 99  
GLN NE2 HE22 sing N N 100 
GLN OXT HXT  sing N N 101 
GLU N   CA   sing N N 102 
GLU N   H    sing N N 103 
GLU N   H2   sing N N 104 
GLU CA  C    sing N N 105 
GLU CA  CB   sing N N 106 
GLU CA  HA   sing N N 107 
GLU C   O    doub N N 108 
GLU C   OXT  sing N N 109 
GLU CB  CG   sing N N 110 
GLU CB  HB2  sing N N 111 
GLU CB  HB3  sing N N 112 
GLU CG  CD   sing N N 113 
GLU CG  HG2  sing N N 114 
GLU CG  HG3  sing N N 115 
GLU CD  OE1  doub N N 116 
GLU CD  OE2  sing N N 117 
GLU OE2 HE2  sing N N 118 
GLU OXT HXT  sing N N 119 
GLY N   CA   sing N N 120 
GLY N   H    sing N N 121 
GLY N   H2   sing N N 122 
GLY CA  C    sing N N 123 
GLY CA  HA2  sing N N 124 
GLY CA  HA3  sing N N 125 
GLY C   O    doub N N 126 
GLY C   OXT  sing N N 127 
GLY OXT HXT  sing N N 128 
HIS N   CA   sing N N 129 
HIS N   H    sing N N 130 
HIS N   H2   sing N N 131 
HIS CA  C    sing N N 132 
HIS CA  CB   sing N N 133 
HIS CA  HA   sing N N 134 
HIS C   O    doub N N 135 
HIS C   OXT  sing N N 136 
HIS CB  CG   sing N N 137 
HIS CB  HB2  sing N N 138 
HIS CB  HB3  sing N N 139 
HIS CG  ND1  sing Y N 140 
HIS CG  CD2  doub Y N 141 
HIS ND1 CE1  doub Y N 142 
HIS ND1 HD1  sing N N 143 
HIS CD2 NE2  sing Y N 144 
HIS CD2 HD2  sing N N 145 
HIS CE1 NE2  sing Y N 146 
HIS CE1 HE1  sing N N 147 
HIS NE2 HE2  sing N N 148 
HIS OXT HXT  sing N N 149 
HOH O   H1   sing N N 150 
HOH O   H2   sing N N 151 
ILE N   CA   sing N N 152 
ILE N   H    sing N N 153 
ILE N   H2   sing N N 154 
ILE CA  C    sing N N 155 
ILE CA  CB   sing N N 156 
ILE CA  HA   sing N N 157 
ILE C   O    doub N N 158 
ILE C   OXT  sing N N 159 
ILE CB  CG1  sing N N 160 
ILE CB  CG2  sing N N 161 
ILE CB  HB   sing N N 162 
ILE CG1 CD1  sing N N 163 
ILE CG1 HG12 sing N N 164 
ILE CG1 HG13 sing N N 165 
ILE CG2 HG21 sing N N 166 
ILE CG2 HG22 sing N N 167 
ILE CG2 HG23 sing N N 168 
ILE CD1 HD11 sing N N 169 
ILE CD1 HD12 sing N N 170 
ILE CD1 HD13 sing N N 171 
ILE OXT HXT  sing N N 172 
LEU N   CA   sing N N 173 
LEU N   H    sing N N 174 
LEU N   H2   sing N N 175 
LEU CA  C    sing N N 176 
LEU CA  CB   sing N N 177 
LEU CA  HA   sing N N 178 
LEU C   O    doub N N 179 
LEU C   OXT  sing N N 180 
LEU CB  CG   sing N N 181 
LEU CB  HB2  sing N N 182 
LEU CB  HB3  sing N N 183 
LEU CG  CD1  sing N N 184 
LEU CG  CD2  sing N N 185 
LEU CG  HG   sing N N 186 
LEU CD1 HD11 sing N N 187 
LEU CD1 HD12 sing N N 188 
LEU CD1 HD13 sing N N 189 
LEU CD2 HD21 sing N N 190 
LEU CD2 HD22 sing N N 191 
LEU CD2 HD23 sing N N 192 
LEU OXT HXT  sing N N 193 
LYS N   CA   sing N N 194 
LYS N   H    sing N N 195 
LYS N   H2   sing N N 196 
LYS CA  C    sing N N 197 
LYS CA  CB   sing N N 198 
LYS CA  HA   sing N N 199 
LYS C   O    doub N N 200 
LYS C   OXT  sing N N 201 
LYS CB  CG   sing N N 202 
LYS CB  HB2  sing N N 203 
LYS CB  HB3  sing N N 204 
LYS CG  CD   sing N N 205 
LYS CG  HG2  sing N N 206 
LYS CG  HG3  sing N N 207 
LYS CD  CE   sing N N 208 
LYS CD  HD2  sing N N 209 
LYS CD  HD3  sing N N 210 
LYS CE  NZ   sing N N 211 
LYS CE  HE2  sing N N 212 
LYS CE  HE3  sing N N 213 
LYS NZ  HZ1  sing N N 214 
LYS NZ  HZ2  sing N N 215 
LYS NZ  HZ3  sing N N 216 
LYS OXT HXT  sing N N 217 
PHE N   CA   sing N N 218 
PHE N   H    sing N N 219 
PHE N   H2   sing N N 220 
PHE CA  C    sing N N 221 
PHE CA  CB   sing N N 222 
PHE CA  HA   sing N N 223 
PHE C   O    doub N N 224 
PHE C   OXT  sing N N 225 
PHE CB  CG   sing N N 226 
PHE CB  HB2  sing N N 227 
PHE CB  HB3  sing N N 228 
PHE CG  CD1  doub Y N 229 
PHE CG  CD2  sing Y N 230 
PHE CD1 CE1  sing Y N 231 
PHE CD1 HD1  sing N N 232 
PHE CD2 CE2  doub Y N 233 
PHE CD2 HD2  sing N N 234 
PHE CE1 CZ   doub Y N 235 
PHE CE1 HE1  sing N N 236 
PHE CE2 CZ   sing Y N 237 
PHE CE2 HE2  sing N N 238 
PHE CZ  HZ   sing N N 239 
PHE OXT HXT  sing N N 240 
PRO N   CA   sing N N 241 
PRO N   CD   sing N N 242 
PRO N   H    sing N N 243 
PRO CA  C    sing N N 244 
PRO CA  CB   sing N N 245 
PRO CA  HA   sing N N 246 
PRO C   O    doub N N 247 
PRO C   OXT  sing N N 248 
PRO CB  CG   sing N N 249 
PRO CB  HB2  sing N N 250 
PRO CB  HB3  sing N N 251 
PRO CG  CD   sing N N 252 
PRO CG  HG2  sing N N 253 
PRO CG  HG3  sing N N 254 
PRO CD  HD2  sing N N 255 
PRO CD  HD3  sing N N 256 
PRO OXT HXT  sing N N 257 
SER N   CA   sing N N 258 
SER N   H    sing N N 259 
SER N   H2   sing N N 260 
SER CA  C    sing N N 261 
SER CA  CB   sing N N 262 
SER CA  HA   sing N N 263 
SER C   O    doub N N 264 
SER C   OXT  sing N N 265 
SER CB  OG   sing N N 266 
SER CB  HB2  sing N N 267 
SER CB  HB3  sing N N 268 
SER OG  HG   sing N N 269 
SER OXT HXT  sing N N 270 
THR N   CA   sing N N 271 
THR N   H    sing N N 272 
THR N   H2   sing N N 273 
THR CA  C    sing N N 274 
THR CA  CB   sing N N 275 
THR CA  HA   sing N N 276 
THR C   O    doub N N 277 
THR C   OXT  sing N N 278 
THR CB  OG1  sing N N 279 
THR CB  CG2  sing N N 280 
THR CB  HB   sing N N 281 
THR OG1 HG1  sing N N 282 
THR CG2 HG21 sing N N 283 
THR CG2 HG22 sing N N 284 
THR CG2 HG23 sing N N 285 
THR OXT HXT  sing N N 286 
TRP N   CA   sing N N 287 
TRP N   H    sing N N 288 
TRP N   H2   sing N N 289 
TRP CA  C    sing N N 290 
TRP CA  CB   sing N N 291 
TRP CA  HA   sing N N 292 
TRP C   O    doub N N 293 
TRP C   OXT  sing N N 294 
TRP CB  CG   sing N N 295 
TRP CB  HB2  sing N N 296 
TRP CB  HB3  sing N N 297 
TRP CG  CD1  doub Y N 298 
TRP CG  CD2  sing Y N 299 
TRP CD1 NE1  sing Y N 300 
TRP CD1 HD1  sing N N 301 
TRP CD2 CE2  doub Y N 302 
TRP CD2 CE3  sing Y N 303 
TRP NE1 CE2  sing Y N 304 
TRP NE1 HE1  sing N N 305 
TRP CE2 CZ2  sing Y N 306 
TRP CE3 CZ3  doub Y N 307 
TRP CE3 HE3  sing N N 308 
TRP CZ2 CH2  doub Y N 309 
TRP CZ2 HZ2  sing N N 310 
TRP CZ3 CH2  sing Y N 311 
TRP CZ3 HZ3  sing N N 312 
TRP CH2 HH2  sing N N 313 
TRP OXT HXT  sing N N 314 
TYR N   CA   sing N N 315 
TYR N   H    sing N N 316 
TYR N   H2   sing N N 317 
TYR CA  C    sing N N 318 
TYR CA  CB   sing N N 319 
TYR CA  HA   sing N N 320 
TYR C   O    doub N N 321 
TYR C   OXT  sing N N 322 
TYR CB  CG   sing N N 323 
TYR CB  HB2  sing N N 324 
TYR CB  HB3  sing N N 325 
TYR CG  CD1  doub Y N 326 
TYR CG  CD2  sing Y N 327 
TYR CD1 CE1  sing Y N 328 
TYR CD1 HD1  sing N N 329 
TYR CD2 CE2  doub Y N 330 
TYR CD2 HD2  sing N N 331 
TYR CE1 CZ   doub Y N 332 
TYR CE1 HE1  sing N N 333 
TYR CE2 CZ   sing Y N 334 
TYR CE2 HE2  sing N N 335 
TYR CZ  OH   sing N N 336 
TYR OH  HH   sing N N 337 
TYR OXT HXT  sing N N 338 
VAL N   CA   sing N N 339 
VAL N   H    sing N N 340 
VAL N   H2   sing N N 341 
VAL CA  C    sing N N 342 
VAL CA  CB   sing N N 343 
VAL CA  HA   sing N N 344 
VAL C   O    doub N N 345 
VAL C   OXT  sing N N 346 
VAL CB  CG1  sing N N 347 
VAL CB  CG2  sing N N 348 
VAL CB  HB   sing N N 349 
VAL CG1 HG11 sing N N 350 
VAL CG1 HG12 sing N N 351 
VAL CG1 HG13 sing N N 352 
VAL CG2 HG21 sing N N 353 
VAL CG2 HG22 sing N N 354 
VAL CG2 HG23 sing N N 355 
VAL OXT HXT  sing N N 356 
# 
_pdbx_initial_refinement_model.id               1 
_pdbx_initial_refinement_model.entity_id_list   ? 
_pdbx_initial_refinement_model.type             'experimental model' 
_pdbx_initial_refinement_model.source_name      PDB 
_pdbx_initial_refinement_model.accession_code   2VJ3 
_pdbx_initial_refinement_model.details          2VJ3.PDB 
# 
_atom_sites.entry_id                    5FM9 
_atom_sites.fract_transf_matrix[1][1]   -0.00228483 
_atom_sites.fract_transf_matrix[1][2]   0.00276903 
_atom_sites.fract_transf_matrix[1][3]   -0.00696848 
_atom_sites.fract_transf_matrix[2][1]   0.00797041 
_atom_sites.fract_transf_matrix[2][2]   0.04414829 
_atom_sites.fract_transf_matrix[2][3]   0.01492965 
_atom_sites.fract_transf_matrix[3][1]   0.00954640 
_atom_sites.fract_transf_matrix[3][2]   0.00139496 
_atom_sites.fract_transf_matrix[3][3]   -0.00922150 
_atom_sites.fract_transf_vector[1]      -0.343695 
_atom_sites.fract_transf_vector[2]      -0.160728 
_atom_sites.fract_transf_vector[3]      -0.412882 
# 
loop_
_atom_type.symbol 
C  
CA 
N  
O  
S  
# 
loop_
_atom_site.group_PDB 
_atom_site.id 
_atom_site.type_symbol 
_atom_site.label_atom_id 
_atom_site.label_alt_id 
_atom_site.label_comp_id 
_atom_site.label_asym_id 
_atom_site.label_entity_id 
_atom_site.label_seq_id 
_atom_site.pdbx_PDB_ins_code 
_atom_site.Cartn_x 
_atom_site.Cartn_y 
_atom_site.Cartn_z 
_atom_site.occupancy 
_atom_site.B_iso_or_equiv 
_atom_site.pdbx_formal_charge 
_atom_site.auth_seq_id 
_atom_site.auth_comp_id 
_atom_site.auth_asym_id 
_atom_site.auth_atom_id 
_atom_site.pdbx_PDB_model_num 
ATOM   1    N  N   . ALA A 1 4   ? 21.622  31.757  -27.041 1.00 42.72  ? 141  ALA A N   1 
ATOM   2    C  CA  . ALA A 1 4   ? 22.148  30.451  -27.442 1.00 42.76  ? 141  ALA A CA  1 
ATOM   3    C  C   . ALA A 1 4   ? 22.050  29.489  -26.245 1.00 43.38  ? 141  ALA A C   1 
ATOM   4    O  O   . ALA A 1 4   ? 22.795  29.632  -25.269 1.00 42.41  ? 141  ALA A O   1 
ATOM   5    C  CB  . ALA A 1 4   ? 23.600  30.588  -27.914 1.00 44.01  ? 141  ALA A CB  1 
ATOM   6    N  N   . ASP A 1 5   ? 21.058  28.577  -26.289 1.00 36.64  ? 142  ASP A N   1 
ATOM   7    C  CA  . ASP A 1 5   ? 20.788  27.629  -25.211 1.00 34.03  ? 142  ASP A CA  1 
ATOM   8    C  C   . ASP A 1 5   ? 20.163  26.406  -25.849 1.00 34.24  ? 142  ASP A C   1 
ATOM   9    O  O   . ASP A 1 5   ? 18.953  26.357  -26.065 1.00 33.54  ? 142  ASP A O   1 
ATOM   10   C  CB  . ASP A 1 5   ? 19.852  28.244  -24.141 1.00 35.63  ? 142  ASP A CB  1 
ATOM   11   C  CG  . ASP A 1 5   ? 19.641  27.379  -22.901 1.00 43.92  ? 142  ASP A CG  1 
ATOM   12   O  OD1 . ASP A 1 5   ? 20.450  26.425  -22.686 1.00 44.56  ? 142  ASP A OD1 1 
ATOM   13   O  OD2 . ASP A 1 5   ? 18.703  27.684  -22.113 1.00 40.92  ? 142  ASP A OD2 1 
ATOM   14   N  N   . PRO A 1 6   ? 20.983  25.427  -26.231 1.00 28.81  ? 143  PRO A N   1 
ATOM   15   C  CA  . PRO A 1 6   ? 20.422  24.227  -26.874 1.00 28.10  ? 143  PRO A CA  1 
ATOM   16   C  C   . PRO A 1 6   ? 19.530  23.382  -25.974 1.00 30.03  ? 143  PRO A C   1 
ATOM   17   O  O   . PRO A 1 6   ? 18.718  22.613  -26.488 1.00 29.76  ? 143  PRO A O   1 
ATOM   18   C  CB  . PRO A 1 6   ? 21.662  23.465  -27.341 1.00 30.57  ? 143  PRO A CB  1 
ATOM   19   C  CG  . PRO A 1 6   ? 22.761  23.909  -26.419 1.00 34.99  ? 143  PRO A CG  1 
ATOM   20   C  CD  . PRO A 1 6   ? 22.448  25.329  -26.054 1.00 30.26  ? 143  PRO A CD  1 
ATOM   21   N  N   . CYS A 1 7   ? 19.679  23.533  -24.641 1.00 25.09  ? 144  CYS A N   1 
ATOM   22   C  CA  . CYS A 1 7   ? 18.885  22.827  -23.649 1.00 23.61  ? 144  CYS A CA  1 
ATOM   23   C  C   . CYS A 1 7   ? 17.499  23.428  -23.427 1.00 25.69  ? 144  CYS A C   1 
ATOM   24   O  O   . CYS A 1 7   ? 16.663  22.757  -22.847 1.00 25.01  ? 144  CYS A O   1 
ATOM   25   C  CB  . CYS A 1 7   ? 19.661  22.704  -22.342 1.00 23.70  ? 144  CYS A CB  1 
ATOM   26   S  SG  . CYS A 1 7   ? 21.048  21.545  -22.424 1.00 27.68  ? 144  CYS A SG  1 
ATOM   27   N  N   . ALA A 1 8   ? 17.232  24.658  -23.895 1.00 22.16  ? 145  ALA A N   1 
ATOM   28   C  CA  . ALA A 1 8   ? 15.911  25.320  -23.772 1.00 21.69  ? 145  ALA A CA  1 
ATOM   29   C  C   . ALA A 1 8   ? 14.731  24.380  -23.989 1.00 24.51  ? 145  ALA A C   1 
ATOM   30   O  O   . ALA A 1 8   ? 13.753  24.400  -23.242 1.00 21.88  ? 145  ALA A O   1 
ATOM   31   C  CB  . ALA A 1 8   ? 15.823  26.447  -24.779 1.00 22.62  ? 145  ALA A CB  1 
ATOM   32   N  N   . SER A 1 9   ? 14.849  23.542  -25.026 1.00 23.98  ? 146  SER A N   1 
ATOM   33   C  CA  . SER A 1 9   ? 13.837  22.543  -25.422 1.00 24.52  ? 146  SER A CA  1 
ATOM   34   C  C   . SER A 1 9   ? 13.490  21.460  -24.383 1.00 25.93  ? 146  SER A C   1 
ATOM   35   O  O   . SER A 1 9   ? 12.542  20.723  -24.650 1.00 26.45  ? 146  SER A O   1 
ATOM   36   C  CB  . SER A 1 9   ? 14.272  21.852  -26.721 1.00 29.36  ? 146  SER A CB  1 
ATOM   37   O  OG  . SER A 1 9   ? 15.662  21.547  -26.746 1.00 37.69  ? 146  SER A OG  1 
ATOM   38   N  N   . ASN A 1 10  ? 14.273  21.301  -23.268 1.00 18.84  ? 147  ASN A N   1 
ATOM   39   C  CA  . ASN A 1 10  ? 14.071  20.269  -22.246 1.00 17.40  ? 147  ASN A CA  1 
ATOM   40   C  C   . ASN A 1 10  ? 14.131  18.852  -22.896 1.00 22.15  ? 147  ASN A C   1 
ATOM   41   O  O   . ASN A 1 10  ? 13.183  18.070  -22.729 1.00 21.75  ? 147  ASN A O   1 
ATOM   42   C  CB  . ASN A 1 10  ? 12.736  20.537  -21.540 1.00 16.19  ? 147  ASN A CB  1 
ATOM   43   C  CG  . ASN A 1 10  ? 12.510  19.941  -20.186 1.00 27.66  ? 147  ASN A CG  1 
ATOM   44   O  OD1 . ASN A 1 10  ? 13.429  19.649  -19.427 1.00 18.60  ? 147  ASN A OD1 1 
ATOM   45   N  ND2 . ASN A 1 10  ? 11.248  19.761  -19.838 1.00 22.47  ? 147  ASN A ND2 1 
ATOM   46   N  N   . PRO A 1 11  ? 15.229  18.523  -23.663 1.00 17.80  ? 148  PRO A N   1 
ATOM   47   C  CA  . PRO A 1 11  ? 15.315  17.205  -24.324 1.00 17.36  ? 148  PRO A CA  1 
ATOM   48   C  C   . PRO A 1 11  ? 15.637  15.995  -23.451 1.00 25.56  ? 148  PRO A C   1 
ATOM   49   O  O   . PRO A 1 11  ? 15.274  14.890  -23.845 1.00 27.94  ? 148  PRO A O   1 
ATOM   50   C  CB  . PRO A 1 11  ? 16.427  17.398  -25.356 1.00 18.44  ? 148  PRO A CB  1 
ATOM   51   C  CG  . PRO A 1 11  ? 17.271  18.452  -24.834 1.00 22.33  ? 148  PRO A CG  1 
ATOM   52   C  CD  . PRO A 1 11  ? 16.417  19.341  -23.980 1.00 18.25  ? 148  PRO A CD  1 
ATOM   53   N  N   . CYS A 1 12  ? 16.377  16.163  -22.340 1.00 22.24  ? 149  CYS A N   1 
ATOM   54   C  CA  . CYS A 1 12  ? 16.742  15.037  -21.476 1.00 21.89  ? 149  CYS A CA  1 
ATOM   55   C  C   . CYS A 1 12  ? 15.593  14.767  -20.489 1.00 27.26  ? 149  CYS A C   1 
ATOM   56   O  O   . CYS A 1 12  ? 15.362  15.569  -19.563 1.00 30.69  ? 149  CYS A O   1 
ATOM   57   C  CB  . CYS A 1 12  ? 18.045  15.322  -20.741 1.00 21.88  ? 149  CYS A CB  1 
ATOM   58   S  SG  . CYS A 1 12  ? 19.383  15.876  -21.812 1.00 25.88  ? 149  CYS A SG  1 
ATOM   59   N  N   . ALA A 1 13  ? 14.915  13.629  -20.655 1.00 19.37  ? 150  ALA A N   1 
ATOM   60   C  CA  . ALA A 1 13  ? 13.784  13.259  -19.825 1.00 18.53  ? 150  ALA A CA  1 
ATOM   61   C  C   . ALA A 1 13  ? 14.177  12.567  -18.553 1.00 21.98  ? 150  ALA A C   1 
ATOM   62   O  O   . ALA A 1 13  ? 15.345  12.423  -18.251 1.00 22.62  ? 150  ALA A O   1 
ATOM   63   C  CB  . ALA A 1 13  ? 12.841  12.365  -20.618 1.00 19.30  ? 150  ALA A CB  1 
ATOM   64   N  N   . ASN A 1 14  ? 13.171  12.203  -17.771 1.00 18.56  ? 151  ASN A N   1 
ATOM   65   C  CA  . ASN A 1 14  ? 13.236  11.448  -16.529 1.00 17.89  ? 151  ASN A CA  1 
ATOM   66   C  C   . ASN A 1 14  ? 14.392  11.790  -15.607 1.00 22.57  ? 151  ASN A C   1 
ATOM   67   O  O   . ASN A 1 14  ? 14.891  10.903  -14.898 1.00 22.92  ? 151  ASN A O   1 
ATOM   68   C  CB  . ASN A 1 14  ? 13.173  9.961   -16.821 1.00 16.70  ? 151  ASN A CB  1 
ATOM   69   C  CG  . ASN A 1 14  ? 12.120  9.599   -17.835 1.00 37.50  ? 151  ASN A CG  1 
ATOM   70   O  OD1 . ASN A 1 14  ? 10.923  9.743   -17.567 1.00 32.25  ? 151  ASN A OD1 1 
ATOM   71   N  ND2 . ASN A 1 14  ? 12.532  9.156   -19.028 1.00 29.52  ? 151  ASN A ND2 1 
ATOM   72   N  N   . GLY A 1 15  ? 14.749  13.082  -15.559 1.00 18.16  ? 152  GLY A N   1 
ATOM   73   C  CA  . GLY A 1 15  ? 15.798  13.567  -14.664 1.00 17.96  ? 152  GLY A CA  1 
ATOM   74   C  C   . GLY A 1 15  ? 17.218  13.598  -15.196 1.00 19.38  ? 152  GLY A C   1 
ATOM   75   O  O   . GLY A 1 15  ? 18.165  13.871  -14.450 1.00 18.91  ? 152  GLY A O   1 
ATOM   76   N  N   . GLY A 1 16  ? 17.378  13.361  -16.477 1.00 14.83  ? 153  GLY A N   1 
ATOM   77   C  CA  . GLY A 1 16  ? 18.692  13.466  -17.074 1.00 14.80  ? 153  GLY A CA  1 
ATOM   78   C  C   . GLY A 1 16  ? 19.091  14.930  -17.144 1.00 15.81  ? 153  GLY A C   1 
ATOM   79   O  O   . GLY A 1 16  ? 18.239  15.762  -17.480 1.00 16.62  ? 153  GLY A O   1 
ATOM   80   N  N   . GLN A 1 17  ? 20.352  15.259  -16.774 1.00 8.19   ? 154  GLN A N   1 
ATOM   81   C  CA  . GLN A 1 17  ? 20.872  16.618  -16.884 1.00 7.94   ? 154  GLN A CA  1 
ATOM   82   C  C   . GLN A 1 17  ? 21.183  16.923  -18.360 1.00 15.43  ? 154  GLN A C   1 
ATOM   83   O  O   . GLN A 1 17  ? 21.710  16.084  -19.090 1.00 13.60  ? 154  GLN A O   1 
ATOM   84   C  CB  . GLN A 1 17  ? 22.136  16.823  -16.008 1.00 8.40   ? 154  GLN A CB  1 
ATOM   85   C  CG  . GLN A 1 17  ? 21.885  16.754  -14.479 1.00 21.91  ? 154  GLN A CG  1 
ATOM   86   C  CD  . GLN A 1 17  ? 20.873  17.786  -14.094 1.00 75.01  ? 154  GLN A CD  1 
ATOM   87   O  OE1 . GLN A 1 17  ? 21.143  18.979  -14.211 1.00 76.03  ? 154  GLN A OE1 1 
ATOM   88   N  NE2 . GLN A 1 17  ? 19.620  17.380  -13.862 1.00 81.75  ? 154  GLN A NE2 1 
ATOM   89   N  N   . CYS A 1 18  ? 20.835  18.127  -18.797 1.00 16.47  ? 155  CYS A N   1 
ATOM   90   C  CA  . CYS A 1 18  ? 21.091  18.542  -20.160 1.00 18.84  ? 155  CYS A CA  1 
ATOM   91   C  C   . CYS A 1 18  ? 22.238  19.500  -20.169 1.00 21.56  ? 155  CYS A C   1 
ATOM   92   O  O   . CYS A 1 18  ? 22.158  20.527  -19.499 1.00 24.14  ? 155  CYS A O   1 
ATOM   93   C  CB  . CYS A 1 18  ? 19.859  19.197  -20.761 1.00 21.78  ? 155  CYS A CB  1 
ATOM   94   S  SG  . CYS A 1 18  ? 20.089  19.707  -22.478 1.00 27.43  ? 155  CYS A SG  1 
ATOM   95   N  N   . LEU A 1 19  ? 23.213  19.266  -21.044 1.00 14.16  ? 156  LEU A N   1 
ATOM   96   C  CA  . LEU A 1 19  ? 24.379  20.123  -21.219 1.00 12.30  ? 156  LEU A CA  1 
ATOM   97   C  C   . LEU A 1 19  ? 24.586  20.445  -22.698 1.00 16.98  ? 156  LEU A C   1 
ATOM   98   O  O   . LEU A 1 19  ? 24.230  19.650  -23.556 1.00 16.46  ? 156  LEU A O   1 
ATOM   99   C  CB  . LEU A 1 19  ? 25.613  19.416  -20.659 1.00 11.28  ? 156  LEU A CB  1 
ATOM   100  C  CG  . LEU A 1 19  ? 25.678  19.422  -19.137 1.00 14.65  ? 156  LEU A CG  1 
ATOM   101  C  CD1 . LEU A 1 19  ? 25.291  18.115  -18.546 1.00 13.47  ? 156  LEU A CD1 1 
ATOM   102  C  CD2 . LEU A 1 19  ? 27.015  19.766  -18.680 1.00 20.69  ? 156  LEU A CD2 1 
ATOM   103  N  N   . PRO A 1 20  ? 25.169  21.605  -23.024 1.00 13.63  ? 157  PRO A N   1 
ATOM   104  C  CA  . PRO A 1 20  ? 25.410  21.926  -24.421 1.00 13.17  ? 157  PRO A CA  1 
ATOM   105  C  C   . PRO A 1 20  ? 26.601  21.132  -24.905 1.00 17.14  ? 157  PRO A C   1 
ATOM   106  O  O   . PRO A 1 20  ? 27.521  20.873  -24.141 1.00 16.12  ? 157  PRO A O   1 
ATOM   107  C  CB  . PRO A 1 20  ? 25.706  23.415  -24.366 1.00 15.30  ? 157  PRO A CB  1 
ATOM   108  C  CG  . PRO A 1 20  ? 26.414  23.581  -23.114 1.00 20.06  ? 157  PRO A CG  1 
ATOM   109  C  CD  . PRO A 1 20  ? 25.719  22.658  -22.148 1.00 15.68  ? 157  PRO A CD  1 
ATOM   110  N  N   . PHE A 1 21  ? 26.590  20.727  -26.150 1.00 14.56  ? 158  PHE A N   1 
ATOM   111  C  CA  . PHE A 1 21  ? 27.709  19.940  -26.657 1.00 14.34  ? 158  PHE A CA  1 
ATOM   112  C  C   . PHE A 1 21  ? 27.718  20.152  -28.132 1.00 20.51  ? 158  PHE A C   1 
ATOM   113  O  O   . PHE A 1 21  ? 26.726  19.840  -28.815 1.00 17.10  ? 158  PHE A O   1 
ATOM   114  C  CB  . PHE A 1 21  ? 27.554  18.464  -26.260 1.00 15.16  ? 158  PHE A CB  1 
ATOM   115  C  CG  . PHE A 1 21  ? 28.385  17.450  -27.025 1.00 14.98  ? 158  PHE A CG  1 
ATOM   116  C  CD1 . PHE A 1 21  ? 27.923  16.902  -28.217 1.00 14.53  ? 158  PHE A CD1 1 
ATOM   117  C  CD2 . PHE A 1 21  ? 29.580  16.980  -26.511 1.00 16.85  ? 158  PHE A CD2 1 
ATOM   118  C  CE1 . PHE A 1 21  ? 28.663  15.959  -28.901 1.00 15.73  ? 158  PHE A CE1 1 
ATOM   119  C  CE2 . PHE A 1 21  ? 30.319  16.024  -27.198 1.00 16.76  ? 158  PHE A CE2 1 
ATOM   120  C  CZ  . PHE A 1 21  ? 29.856  15.525  -28.391 1.00 14.05  ? 158  PHE A CZ  1 
ATOM   121  N  N   . GLU A 1 22  ? 28.804  20.806  -28.603 1.00 21.23  ? 159  GLU A N   1 
ATOM   122  C  CA  . GLU A 1 22  ? 28.952  21.161  -30.003 1.00 22.68  ? 159  GLU A CA  1 
ATOM   123  C  C   . GLU A 1 22  ? 27.696  21.943  -30.510 1.00 30.08  ? 159  GLU A C   1 
ATOM   124  O  O   . GLU A 1 22  ? 27.176  22.856  -29.833 1.00 28.69  ? 159  GLU A O   1 
ATOM   125  C  CB  . GLU A 1 22  ? 29.230  19.889  -30.849 1.00 23.55  ? 159  GLU A CB  1 
ATOM   126  C  CG  . GLU A 1 22  ? 30.348  19.009  -30.308 1.00 26.91  ? 159  GLU A CG  1 
ATOM   127  C  CD  . GLU A 1 22  ? 30.708  17.837  -31.201 1.00 38.94  ? 159  GLU A CD  1 
ATOM   128  O  OE1 . GLU A 1 22  ? 29.925  17.534  -32.133 1.00 33.60  ? 159  GLU A OE1 1 
ATOM   129  O  OE2 . GLU A 1 22  ? 31.764  17.207  -30.955 1.00 14.26  ? 159  GLU A OE2 1 
ATOM   130  N  N   . ALA A 1 23  ? 27.206  21.554  -31.678 1.00 29.76  ? 160  ALA A N   1 
ATOM   131  C  CA  . ALA A 1 23  ? 26.058  22.202  -32.284 1.00 31.67  ? 160  ALA A CA  1 
ATOM   132  C  C   . ALA A 1 23  ? 24.760  21.953  -31.480 1.00 36.34  ? 160  ALA A C   1 
ATOM   133  O  O   . ALA A 1 23  ? 23.887  22.818  -31.395 1.00 36.82  ? 160  ALA A O   1 
ATOM   134  C  CB  . ALA A 1 23  ? 25.893  21.675  -33.705 1.00 32.63  ? 160  ALA A CB  1 
ATOM   135  N  N   . SER A 1 24  ? 24.669  20.761  -30.899 1.00 30.37  ? 161  SER A N   1 
ATOM   136  C  CA  . SER A 1 24  ? 23.511  20.231  -30.211 1.00 28.15  ? 161  SER A CA  1 
ATOM   137  C  C   . SER A 1 24  ? 23.593  20.437  -28.666 1.00 28.18  ? 161  SER A C   1 
ATOM   138  O  O   . SER A 1 24  ? 24.048  21.485  -28.178 1.00 25.71  ? 161  SER A O   1 
ATOM   139  C  CB  . SER A 1 24  ? 23.410  18.749  -30.582 1.00 30.28  ? 161  SER A CB  1 
ATOM   140  O  OG  . SER A 1 24  ? 22.146  18.192  -30.274 1.00 39.19  ? 161  SER A OG  1 
ATOM   141  N  N   . TYR A 1 25  ? 23.090  19.431  -27.930 1.00 22.74  ? 162  TYR A N   1 
ATOM   142  C  CA  . TYR A 1 25  ? 23.116  19.309  -26.485 1.00 21.46  ? 162  TYR A CA  1 
ATOM   143  C  C   . TYR A 1 25  ? 23.646  17.869  -26.198 1.00 23.10  ? 162  TYR A C   1 
ATOM   144  O  O   . TYR A 1 25  ? 24.114  17.200  -27.114 1.00 22.59  ? 162  TYR A O   1 
ATOM   145  C  CB  . TYR A 1 25  ? 21.709  19.535  -25.888 1.00 22.32  ? 162  TYR A CB  1 
ATOM   146  C  CG  . TYR A 1 25  ? 20.702  18.539  -26.392 1.00 25.37  ? 162  TYR A CG  1 
ATOM   147  C  CD1 . TYR A 1 25  ? 20.565  17.294  -25.791 1.00 27.18  ? 162  TYR A CD1 1 
ATOM   148  C  CD2 . TYR A 1 25  ? 19.992  18.775  -27.557 1.00 26.96  ? 162  TYR A CD2 1 
ATOM   149  C  CE1 . TYR A 1 25  ? 19.746  16.317  -26.334 1.00 27.44  ? 162  TYR A CE1 1 
ATOM   150  C  CE2 . TYR A 1 25  ? 19.179  17.797  -28.116 1.00 28.17  ? 162  TYR A CE2 1 
ATOM   151  C  CZ  . TYR A 1 25  ? 19.050  16.571  -27.494 1.00 35.25  ? 162  TYR A CZ  1 
ATOM   152  O  OH  . TYR A 1 25  ? 18.249  15.586  -28.011 1.00 40.31  ? 162  TYR A OH  1 
ATOM   153  N  N   . ILE A 1 26  ? 23.618  17.418  -24.951 1.00 17.09  ? 163  ILE A N   1 
ATOM   154  C  CA  . ILE A 1 26  ? 24.022  16.063  -24.619 1.00 16.33  ? 163  ILE A CA  1 
ATOM   155  C  C   . ILE A 1 26  ? 23.404  15.695  -23.295 1.00 21.18  ? 163  ILE A C   1 
ATOM   156  O  O   . ILE A 1 26  ? 23.437  16.495  -22.370 1.00 20.91  ? 163  ILE A O   1 
ATOM   157  C  CB  . ILE A 1 26  ? 25.554  15.830  -24.626 1.00 18.78  ? 163  ILE A CB  1 
ATOM   158  C  CG1 . ILE A 1 26  ? 25.889  14.352  -24.378 1.00 18.11  ? 163  ILE A CG1 1 
ATOM   159  C  CG2 . ILE A 1 26  ? 26.260  16.688  -23.583 1.00 21.90  ? 163  ILE A CG2 1 
ATOM   160  C  CD1 . ILE A 1 26  ? 27.178  13.922  -25.028 1.00 21.78  ? 163  ILE A CD1 1 
ATOM   161  N  N   . CYS A 1 27  ? 22.858  14.494  -23.190 1.00 18.49  ? 164  CYS A N   1 
ATOM   162  C  CA  . CYS A 1 27  ? 22.247  14.068  -21.961 1.00 18.87  ? 164  CYS A CA  1 
ATOM   163  C  C   . CYS A 1 27  ? 23.162  13.192  -21.113 1.00 19.81  ? 164  CYS A C   1 
ATOM   164  O  O   . CYS A 1 27  ? 23.861  12.321  -21.623 1.00 17.92  ? 164  CYS A O   1 
ATOM   165  C  CB  . CYS A 1 27  ? 20.926  13.367  -22.250 1.00 20.32  ? 164  CYS A CB  1 
ATOM   166  S  SG  . CYS A 1 27  ? 19.737  14.393  -23.136 1.00 25.31  ? 164  CYS A SG  1 
ATOM   167  N  N   . HIS A 1 28  ? 23.153  13.458  -19.807 1.00 15.25  ? 165  HIS A N   1 
ATOM   168  C  CA  . HIS A 1 28  ? 23.782  12.645  -18.798 1.00 14.56  ? 165  HIS A CA  1 
ATOM   169  C  C   . HIS A 1 28  ? 22.581  12.010  -18.152 1.00 19.74  ? 165  HIS A C   1 
ATOM   170  O  O   . HIS A 1 28  ? 21.764  12.726  -17.579 1.00 18.04  ? 165  HIS A O   1 
ATOM   171  C  CB  . HIS A 1 28  ? 24.539  13.488  -17.776 1.00 14.74  ? 165  HIS A CB  1 
ATOM   172  C  CG  . HIS A 1 28  ? 25.776  14.131  -18.315 1.00 17.34  ? 165  HIS A CG  1 
ATOM   173  N  ND1 . HIS A 1 28  ? 26.591  14.876  -17.503 1.00 18.44  ? 165  HIS A ND1 1 
ATOM   174  C  CD2 . HIS A 1 28  ? 26.295  14.122  -19.572 1.00 17.82  ? 165  HIS A CD2 1 
ATOM   175  C  CE1 . HIS A 1 28  ? 27.553  15.319  -18.282 1.00 17.26  ? 165  HIS A CE1 1 
ATOM   176  N  NE2 . HIS A 1 28  ? 27.425  14.857  -19.533 1.00 17.23  ? 165  HIS A NE2 1 
ATOM   177  N  N   . CYS A 1 29  ? 22.412  10.692  -18.325 1.00 17.86  ? 166  CYS A N   1 
ATOM   178  C  CA  . CYS A 1 29  ? 21.238  9.991   -17.823 1.00 16.71  ? 166  CYS A CA  1 
ATOM   179  C  C   . CYS A 1 29  ? 21.277  9.560   -16.348 1.00 16.84  ? 166  CYS A C   1 
ATOM   180  O  O   . CYS A 1 29  ? 22.354  9.515   -15.766 1.00 14.73  ? 166  CYS A O   1 
ATOM   181  C  CB  . CYS A 1 29  ? 20.934  8.823   -18.744 1.00 16.79  ? 166  CYS A CB  1 
ATOM   182  S  SG  . CYS A 1 29  ? 20.287  9.324   -20.344 1.00 21.02  ? 166  CYS A SG  1 
ATOM   183  N  N   . PRO A 1 30  ? 20.091  9.306   -15.725 1.00 11.47  ? 167  PRO A N   1 
ATOM   184  C  CA  . PRO A 1 30  ? 20.071  8.804   -14.339 1.00 10.76  ? 167  PRO A CA  1 
ATOM   185  C  C   . PRO A 1 30  ? 20.245  7.276   -14.287 1.00 18.38  ? 167  PRO A C   1 
ATOM   186  O  O   . PRO A 1 30  ? 20.212  6.617   -15.323 1.00 18.16  ? 167  PRO A O   1 
ATOM   187  C  CB  . PRO A 1 30  ? 18.685  9.196   -13.847 1.00 11.21  ? 167  PRO A CB  1 
ATOM   188  C  CG  . PRO A 1 30  ? 17.858  9.346   -15.060 1.00 16.26  ? 167  PRO A CG  1 
ATOM   189  C  CD  . PRO A 1 30  ? 18.727  9.303   -16.286 1.00 11.66  ? 167  PRO A CD  1 
ATOM   190  N  N   . PRO A 1 31  ? 20.395  6.675   -13.095 1.00 16.42  ? 168  PRO A N   1 
ATOM   191  C  CA  . PRO A 1 31  ? 20.545  5.213   -13.023 1.00 17.58  ? 168  PRO A CA  1 
ATOM   192  C  C   . PRO A 1 31  ? 19.366  4.399   -13.570 1.00 23.67  ? 168  PRO A C   1 
ATOM   193  O  O   . PRO A 1 31  ? 19.542  3.265   -14.001 1.00 23.10  ? 168  PRO A O   1 
ATOM   194  C  CB  . PRO A 1 31  ? 20.704  4.969   -11.522 1.00 19.54  ? 168  PRO A CB  1 
ATOM   195  C  CG  . PRO A 1 31  ? 21.062  6.268   -10.950 1.00 22.46  ? 168  PRO A CG  1 
ATOM   196  C  CD  . PRO A 1 31  ? 20.401  7.272   -11.754 1.00 17.76  ? 168  PRO A CD  1 
ATOM   197  N  N   . SER A 1 32  ? 18.157  4.968   -13.470 1.00 21.97  ? 169  SER A N   1 
ATOM   198  C  CA  . SER A 1 32  ? 16.887  4.360   -13.886 1.00 20.60  ? 169  SER A CA  1 
ATOM   199  C  C   . SER A 1 32  ? 16.629  4.369   -15.376 1.00 17.04  ? 169  SER A C   1 
ATOM   200  O  O   . SER A 1 32  ? 15.856  3.524   -15.824 1.00 15.09  ? 169  SER A O   1 
ATOM   201  C  CB  . SER A 1 32  ? 15.729  5.057   -13.187 1.00 26.96  ? 169  SER A CB  1 
ATOM   202  O  OG  . SER A 1 32  ? 16.084  6.374   -12.776 1.00 43.41  ? 169  SER A OG  1 
ATOM   203  N  N   . PHE A 1 33  ? 17.249  5.302   -16.144 1.00 10.33  ? 170  PHE A N   1 
ATOM   204  C  CA  . PHE A 1 33  ? 17.038  5.395   -17.602 1.00 9.39   ? 170  PHE A CA  1 
ATOM   205  C  C   . PHE A 1 33  ? 18.327  5.516   -18.390 1.00 14.78  ? 170  PHE A C   1 
ATOM   206  O  O   . PHE A 1 33  ? 19.388  5.701   -17.824 1.00 13.81  ? 170  PHE A O   1 
ATOM   207  C  CB  . PHE A 1 33  ? 16.118  6.570   -17.957 1.00 10.38  ? 170  PHE A CB  1 
ATOM   208  C  CG  . PHE A 1 33  ? 14.717  6.428   -17.425 1.00 11.16  ? 170  PHE A CG  1 
ATOM   209  C  CD1 . PHE A 1 33  ? 14.415  6.777   -16.116 1.00 13.99  ? 170  PHE A CD1 1 
ATOM   210  C  CD2 . PHE A 1 33  ? 13.705  5.908   -18.217 1.00 12.45  ? 170  PHE A CD2 1 
ATOM   211  C  CE1 . PHE A 1 33  ? 13.107  6.654   -15.629 1.00 14.79  ? 170  PHE A CE1 1 
ATOM   212  C  CE2 . PHE A 1 33  ? 12.407  5.805   -17.735 1.00 15.29  ? 170  PHE A CE2 1 
ATOM   213  C  CZ  . PHE A 1 33  ? 12.113  6.174   -16.442 1.00 12.64  ? 170  PHE A CZ  1 
ATOM   214  N  N   . HIS A 1 34  ? 18.232  5.346   -19.705 1.00 14.13  ? 171  HIS A N   1 
ATOM   215  C  CA  . HIS A 1 34  ? 19.373  5.452   -20.614 1.00 13.77  ? 171  HIS A CA  1 
ATOM   216  C  C   . HIS A 1 34  ? 18.918  5.931   -21.972 1.00 19.84  ? 171  HIS A C   1 
ATOM   217  O  O   . HIS A 1 34  ? 17.718  6.110   -22.213 1.00 20.88  ? 171  HIS A O   1 
ATOM   218  C  CB  . HIS A 1 34  ? 20.133  4.107   -20.708 1.00 14.04  ? 171  HIS A CB  1 
ATOM   219  C  CG  . HIS A 1 34  ? 19.518  3.043   -21.552 1.00 17.14  ? 171  HIS A CG  1 
ATOM   220  N  ND1 . HIS A 1 34  ? 19.997  2.768   -22.812 1.00 18.91  ? 171  HIS A ND1 1 
ATOM   221  C  CD2 . HIS A 1 34  ? 18.532  2.160   -21.263 1.00 19.28  ? 171  HIS A CD2 1 
ATOM   222  C  CE1 . HIS A 1 34  ? 19.286  1.746   -23.257 1.00 17.97  ? 171  HIS A CE1 1 
ATOM   223  N  NE2 . HIS A 1 34  ? 18.343  1.393   -22.388 1.00 18.43  ? 171  HIS A NE2 1 
ATOM   224  N  N   . GLY A 1 35  ? 19.877  6.188   -22.831 1.00 16.42  ? 172  GLY A N   1 
ATOM   225  C  CA  . GLY A 1 35  ? 19.595  6.598   -24.198 1.00 15.81  ? 172  GLY A CA  1 
ATOM   226  C  C   . GLY A 1 35  ? 19.940  8.031   -24.483 1.00 18.00  ? 172  GLY A C   1 
ATOM   227  O  O   . GLY A 1 35  ? 20.266  8.772   -23.565 1.00 17.96  ? 172  GLY A O   1 
ATOM   228  N  N   . PRO A 1 36  ? 19.814  8.481   -25.738 1.00 14.65  ? 173  PRO A N   1 
ATOM   229  C  CA  . PRO A 1 36  ? 20.159  9.862   -26.047 1.00 14.10  ? 173  PRO A CA  1 
ATOM   230  C  C   . PRO A 1 36  ? 19.329  10.911  -25.368 1.00 18.04  ? 173  PRO A C   1 
ATOM   231  O  O   . PRO A 1 36  ? 19.804  12.013  -25.238 1.00 20.99  ? 173  PRO A O   1 
ATOM   232  C  CB  . PRO A 1 36  ? 19.999  9.916   -27.558 1.00 16.26  ? 173  PRO A CB  1 
ATOM   233  C  CG  . PRO A 1 36  ? 20.227  8.522   -27.988 1.00 21.43  ? 173  PRO A CG  1 
ATOM   234  C  CD  . PRO A 1 36  ? 19.464  7.764   -26.977 1.00 17.18  ? 173  PRO A CD  1 
ATOM   235  N  N   . THR A 1 37  ? 18.130  10.588  -24.944 1.00 13.88  ? 174  THR A N   1 
ATOM   236  C  CA  . THR A 1 37  ? 17.228  11.497  -24.230 1.00 13.85  ? 174  THR A CA  1 
ATOM   237  C  C   . THR A 1 37  ? 16.834  10.972  -22.833 1.00 16.36  ? 174  THR A C   1 
ATOM   238  O  O   . THR A 1 37  ? 16.024  11.582  -22.172 1.00 16.24  ? 174  THR A O   1 
ATOM   239  C  CB  . THR A 1 37  ? 15.966  11.712  -25.104 1.00 26.50  ? 174  THR A CB  1 
ATOM   240  O  OG1 . THR A 1 37  ? 15.421  10.446  -25.534 1.00 23.10  ? 174  THR A OG1 1 
ATOM   241  C  CG2 . THR A 1 37  ? 16.255  12.566  -26.310 1.00 24.02  ? 174  THR A CG2 1 
ATOM   242  N  N   . CYS A 1 38  ? 17.379  9.862   -22.390 1.00 14.57  ? 175  CYS A N   1 
ATOM   243  C  CA  . CYS A 1 38  ? 17.016  9.246   -21.129 1.00 15.37  ? 175  CYS A CA  1 
ATOM   244  C  C   . CYS A 1 38  ? 15.564  8.804   -21.142 1.00 17.52  ? 175  CYS A C   1 
ATOM   245  O  O   . CYS A 1 38  ? 14.888  8.852   -20.120 1.00 17.23  ? 175  CYS A O   1 
ATOM   246  C  CB  . CYS A 1 38  ? 17.325  10.182  -19.966 1.00 16.75  ? 175  CYS A CB  1 
ATOM   247  S  SG  . CYS A 1 38  ? 18.989  10.879  -20.017 1.00 21.17  ? 175  CYS A SG  1 
ATOM   248  N  N   . ARG A 1 39  ? 15.082  8.371   -22.309 1.00 13.49  ? 176  ARG A N   1 
ATOM   249  C  CA  . ARG A 1 39  ? 13.698  7.920   -22.470 1.00 12.58  ? 176  ARG A CA  1 
ATOM   250  C  C   . ARG A 1 39  ? 13.626  6.387   -22.513 1.00 13.24  ? 176  ARG A C   1 
ATOM   251  O  O   . ARG A 1 39  ? 12.540  5.884   -22.391 1.00 12.85  ? 176  ARG A O   1 
ATOM   252  C  CB  . ARG A 1 39  ? 13.035  8.537   -23.726 1.00 13.42  ? 176  ARG A CB  1 
ATOM   253  C  CG  . ARG A 1 39  ? 12.698  10.073  -23.699 1.00 11.08  ? 176  ARG A CG  1 
ATOM   254  C  CD  . ARG A 1 39  ? 12.306  10.577  -25.113 1.00 20.50  ? 176  ARG A CD  1 
ATOM   255  N  NE  . ARG A 1 39  ? 11.202  11.535  -25.102 1.00 50.67  ? 176  ARG A NE  1 
ATOM   256  C  CZ  . ARG A 1 39  ? 11.277  12.804  -24.684 1.00 83.06  ? 176  ARG A CZ  1 
ATOM   257  N  NH1 . ARG A 1 39  ? 12.421  13.296  -24.212 1.00 69.77  ? 176  ARG A NH1 1 
ATOM   258  N  NH2 . ARG A 1 39  ? 10.201  13.586  -24.718 1.00 78.83  ? 176  ARG A NH2 1 
ATOM   259  N  N   . GLN A 1 40  ? 14.760  5.642   -22.592 1.00 9.86   ? 177  GLN A N   1 
ATOM   260  C  CA  . GLN A 1 40  ? 14.758  4.160   -22.561 1.00 8.25   ? 177  GLN A CA  1 
ATOM   261  C  C   . GLN A 1 40  ? 14.945  3.700   -21.133 1.00 11.89  ? 177  GLN A C   1 
ATOM   262  O  O   . GLN A 1 40  ? 15.926  4.089   -20.501 1.00 8.47   ? 177  GLN A O   1 
ATOM   263  C  CB  . GLN A 1 40  ? 15.885  3.546   -23.409 1.00 8.28   ? 177  GLN A CB  1 
ATOM   264  C  CG  . GLN A 1 40  ? 15.671  3.649   -24.916 1.00 7.34   ? 177  GLN A CG  1 
ATOM   265  C  CD  . GLN A 1 40  ? 16.753  4.435   -25.619 1.00 32.73  ? 177  GLN A CD  1 
ATOM   266  O  OE1 . GLN A 1 40  ? 17.848  3.908   -25.977 1.00 29.51  ? 177  GLN A OE1 1 
ATOM   267  N  NE2 . GLN A 1 40  ? 16.448  5.703   -25.869 1.00 20.49  ? 177  GLN A NE2 1 
ATOM   268  N  N   . ASP A 1 41  ? 14.046  2.813   -20.649 1.00 10.82  ? 178  ASP A N   1 
ATOM   269  C  CA  . ASP A 1 41  ? 14.119  2.291   -19.285 1.00 10.34  ? 178  ASP A CA  1 
ATOM   270  C  C   . ASP A 1 41  ? 15.299  1.315   -19.124 1.00 16.97  ? 178  ASP A C   1 
ATOM   271  O  O   . ASP A 1 41  ? 15.568  0.524   -20.026 1.00 14.67  ? 178  ASP A O   1 
ATOM   272  C  CB  . ASP A 1 41  ? 12.817  1.584   -18.898 1.00 10.68  ? 178  ASP A CB  1 
ATOM   273  C  CG  . ASP A 1 41  ? 12.873  0.902   -17.549 1.00 28.90  ? 178  ASP A CG  1 
ATOM   274  O  OD1 . ASP A 1 41  ? 13.244  1.569   -16.563 1.00 36.13  ? 178  ASP A OD1 1 
ATOM   275  O  OD2 . ASP A 1 41  ? 12.584  -0.307  -17.484 1.00 32.29  ? 178  ASP A OD2 1 
ATOM   276  N  N   . VAL A 1 42  ? 15.993  1.394   -17.963 1.00 16.34  ? 179  VAL A N   1 
ATOM   277  C  CA  . VAL A 1 42  ? 17.100  0.513   -17.586 1.00 16.11  ? 179  VAL A CA  1 
ATOM   278  C  C   . VAL A 1 42  ? 16.452  -0.676  -16.951 1.00 19.90  ? 179  VAL A C   1 
ATOM   279  O  O   . VAL A 1 42  ? 15.478  -0.503  -16.215 1.00 19.88  ? 179  VAL A O   1 
ATOM   280  C  CB  . VAL A 1 42  ? 18.052  1.247   -16.604 1.00 20.68  ? 179  VAL A CB  1 
ATOM   281  C  CG1 . VAL A 1 42  ? 19.043  0.304   -15.911 1.00 19.76  ? 179  VAL A CG1 1 
ATOM   282  C  CG2 . VAL A 1 42  ? 18.782  2.354   -17.340 1.00 21.38  ? 179  VAL A CG2 1 
ATOM   283  N  N   . ASN A 1 43  ? 16.916  -1.878  -17.261 1.00 17.91  ? 180  ASN A N   1 
ATOM   284  C  CA  . ASN A 1 43  ? 16.338  -3.061  -16.632 1.00 18.91  ? 180  ASN A CA  1 
ATOM   285  C  C   . ASN A 1 43  ? 17.230  -3.345  -15.462 1.00 25.32  ? 180  ASN A C   1 
ATOM   286  O  O   . ASN A 1 43  ? 18.314  -3.929  -15.629 1.00 26.00  ? 180  ASN A O   1 
ATOM   287  C  CB  . ASN A 1 43  ? 16.204  -4.259  -17.559 1.00 15.70  ? 180  ASN A CB  1 
ATOM   288  C  CG  . ASN A 1 43  ? 15.487  -5.410  -16.896 1.00 27.53  ? 180  ASN A CG  1 
ATOM   289  O  OD1 . ASN A 1 43  ? 15.707  -5.698  -15.710 1.00 25.42  ? 180  ASN A OD1 1 
ATOM   290  N  ND2 . ASN A 1 43  ? 14.552  -6.044  -17.608 1.00 15.09  ? 180  ASN A ND2 1 
ATOM   291  N  N   . GLU A 1 44  ? 16.784  -2.902  -14.274 1.00 19.99  ? 181  GLU A N   1 
ATOM   292  C  CA  . GLU A 1 44  ? 17.564  -3.065  -13.081 1.00 19.79  ? 181  GLU A CA  1 
ATOM   293  C  C   . GLU A 1 44  ? 17.786  -4.520  -12.750 1.00 27.61  ? 181  GLU A C   1 
ATOM   294  O  O   . GLU A 1 44  ? 18.895  -4.864  -12.352 1.00 28.93  ? 181  GLU A O   1 
ATOM   295  C  CB  . GLU A 1 44  ? 16.954  -2.283  -11.927 1.00 21.05  ? 181  GLU A CB  1 
ATOM   296  C  CG  . GLU A 1 44  ? 17.054  -0.772  -12.131 1.00 29.43  ? 181  GLU A CG  1 
ATOM   297  C  CD  . GLU A 1 44  ? 15.796  -0.019  -12.507 1.00 50.75  ? 181  GLU A CD  1 
ATOM   298  O  OE1 . GLU A 1 44  ? 14.950  -0.585  -13.236 1.00 35.13  ? 181  GLU A OE1 1 
ATOM   299  O  OE2 . GLU A 1 44  ? 15.676  1.158   -12.097 1.00 54.01  ? 181  GLU A OE2 1 
ATOM   300  N  N   . CYS A 1 45  ? 16.818  -5.395  -13.039 1.00 25.62  ? 182  CYS A N   1 
ATOM   301  C  CA  . CYS A 1 45  ? 16.952  -6.808  -12.729 1.00 27.06  ? 182  CYS A CA  1 
ATOM   302  C  C   . CYS A 1 45  ? 18.150  -7.462  -13.416 1.00 29.84  ? 182  CYS A C   1 
ATOM   303  O  O   . CYS A 1 45  ? 18.947  -8.148  -12.763 1.00 30.16  ? 182  CYS A O   1 
ATOM   304  C  CB  . CYS A 1 45  ? 15.660  -7.540  -13.048 1.00 29.49  ? 182  CYS A CB  1 
ATOM   305  S  SG  . CYS A 1 45  ? 14.181  -6.731  -12.374 1.00 34.90  ? 182  CYS A SG  1 
ATOM   306  N  N   . GLY A 1 46  ? 18.299  -7.212  -14.706 1.00 23.69  ? 183  GLY A N   1 
ATOM   307  C  CA  . GLY A 1 46  ? 19.409  -7.765  -15.470 1.00 21.94  ? 183  GLY A CA  1 
ATOM   308  C  C   . GLY A 1 46  ? 20.771  -7.148  -15.205 1.00 21.61  ? 183  GLY A C   1 
ATOM   309  O  O   . GLY A 1 46  ? 21.769  -7.842  -15.347 1.00 20.61  ? 183  GLY A O   1 
ATOM   310  N  N   . GLN A 1 47  ? 20.841  -5.853  -14.829 1.00 16.56  ? 184  GLN A N   1 
ATOM   311  C  CA  . GLN A 1 47  ? 22.118  -5.159  -14.573 1.00 15.72  ? 184  GLN A CA  1 
ATOM   312  C  C   . GLN A 1 47  ? 22.606  -5.349  -13.125 1.00 20.35  ? 184  GLN A C   1 
ATOM   313  O  O   . GLN A 1 47  ? 23.808  -5.146  -12.837 1.00 21.77  ? 184  GLN A O   1 
ATOM   314  C  CB  . GLN A 1 47  ? 22.005  -3.642  -14.897 1.00 16.72  ? 184  GLN A CB  1 
ATOM   315  C  CG  . GLN A 1 47  ? 21.665  -3.310  -16.353 1.00 18.41  ? 184  GLN A CG  1 
ATOM   316  C  CD  . GLN A 1 47  ? 22.609  -3.999  -17.305 1.00 24.95  ? 184  GLN A CD  1 
ATOM   317  O  OE1 . GLN A 1 47  ? 22.247  -4.990  -17.954 1.00 16.53  ? 184  GLN A OE1 1 
ATOM   318  N  NE2 . GLN A 1 47  ? 23.871  -3.577  -17.301 1.00 9.33   ? 184  GLN A NE2 1 
ATOM   319  N  N   . LYS A 1 48  ? 21.671  -5.676  -12.216 1.00 13.83  ? 185  LYS A N   1 
ATOM   320  C  CA  . LYS A 1 48  ? 21.961  -5.934  -10.823 1.00 12.92  ? 185  LYS A CA  1 
ATOM   321  C  C   . LYS A 1 48  ? 21.331  -7.302  -10.399 1.00 20.82  ? 185  LYS A C   1 
ATOM   322  O  O   . LYS A 1 48  ? 20.214  -7.365  -9.896  1.00 17.87  ? 185  LYS A O   1 
ATOM   323  C  CB  . LYS A 1 48  ? 21.486  -4.735  -9.983  1.00 13.50  ? 185  LYS A CB  1 
ATOM   324  C  CG  . LYS A 1 48  ? 22.548  -3.633  -9.855  1.00 15.05  ? 185  LYS A CG  1 
ATOM   325  C  CD  . LYS A 1 48  ? 23.493  -3.821  -8.615  1.00 20.95  ? 185  LYS A CD  1 
ATOM   326  C  CE  . LYS A 1 48  ? 24.963  -3.645  -8.922  1.00 24.72  ? 185  LYS A CE  1 
ATOM   327  N  NZ  . LYS A 1 48  ? 25.528  -4.769  -9.737  1.00 44.22  ? 185  LYS A NZ  1 
ATOM   328  N  N   . PRO A 1 49  ? 22.018  -8.436  -10.688 1.00 23.47  ? 186  PRO A N   1 
ATOM   329  C  CA  . PRO A 1 49  ? 21.462  -9.755  -10.304 1.00 23.89  ? 186  PRO A CA  1 
ATOM   330  C  C   . PRO A 1 49  ? 21.586  -9.991  -8.813  1.00 29.00  ? 186  PRO A C   1 
ATOM   331  O  O   . PRO A 1 49  ? 22.540  -9.521  -8.177  1.00 28.26  ? 186  PRO A O   1 
ATOM   332  C  CB  . PRO A 1 49  ? 22.303  -10.747 -11.093 1.00 25.53  ? 186  PRO A CB  1 
ATOM   333  C  CG  . PRO A 1 49  ? 23.590  -10.059 -11.276 1.00 30.43  ? 186  PRO A CG  1 
ATOM   334  C  CD  . PRO A 1 49  ? 23.331  -8.582  -11.348 1.00 25.76  ? 186  PRO A CD  1 
ATOM   335  N  N   . GLY A 1 50  ? 20.570  -10.650 -8.264  1.00 26.41  ? 187  GLY A N   1 
ATOM   336  C  CA  . GLY A 1 50  ? 20.463  -10.876 -6.831  1.00 26.14  ? 187  GLY A CA  1 
ATOM   337  C  C   . GLY A 1 50  ? 19.921  -9.657  -6.111  1.00 29.32  ? 187  GLY A C   1 
ATOM   338  O  O   . GLY A 1 50  ? 19.949  -9.624  -4.884  1.00 28.39  ? 187  GLY A O   1 
ATOM   339  N  N   . LEU A 1 51  ? 19.356  -8.671  -6.886  1.00 26.15  ? 188  LEU A N   1 
ATOM   340  C  CA  . LEU A 1 51  ? 18.731  -7.423  -6.403  1.00 25.13  ? 188  LEU A CA  1 
ATOM   341  C  C   . LEU A 1 51  ? 17.605  -7.757  -5.457  1.00 31.09  ? 188  LEU A C   1 
ATOM   342  O  O   . LEU A 1 51  ? 17.419  -7.053  -4.470  1.00 30.02  ? 188  LEU A O   1 
ATOM   343  C  CB  . LEU A 1 51  ? 18.169  -6.635  -7.602  1.00 24.22  ? 188  LEU A CB  1 
ATOM   344  C  CG  . LEU A 1 51  ? 17.561  -5.262  -7.391  1.00 28.29  ? 188  LEU A CG  1 
ATOM   345  C  CD1 . LEU A 1 51  ? 18.437  -4.384  -6.523  1.00 27.95  ? 188  LEU A CD1 1 
ATOM   346  C  CD2 . LEU A 1 51  ? 17.380  -4.579  -8.714  1.00 31.33  ? 188  LEU A CD2 1 
ATOM   347  N  N   . CYS A 1 52  ? 16.834  -8.812  -5.792  1.00 29.71  ? 189  CYS A N   1 
ATOM   348  C  CA  . CYS A 1 52  ? 15.784  -9.356  -4.951  1.00 29.65  ? 189  CYS A CA  1 
ATOM   349  C  C   . CYS A 1 52  ? 16.405  -10.566 -4.279  1.00 34.73  ? 189  CYS A C   1 
ATOM   350  O  O   . CYS A 1 52  ? 16.514  -11.630 -4.887  1.00 35.92  ? 189  CYS A O   1 
ATOM   351  C  CB  . CYS A 1 52  ? 14.559  -9.724  -5.772  1.00 29.40  ? 189  CYS A CB  1 
ATOM   352  S  SG  . CYS A 1 52  ? 13.866  -8.335  -6.700  1.00 33.31  ? 189  CYS A SG  1 
ATOM   353  N  N   . ARG A 1 53  ? 16.851  -10.378 -3.033  1.00 30.64  ? 190  ARG A N   1 
ATOM   354  C  CA  . ARG A 1 53  ? 17.521  -11.398 -2.226  1.00 30.08  ? 190  ARG A CA  1 
ATOM   355  C  C   . ARG A 1 53  ? 16.625  -12.585 -1.909  1.00 29.96  ? 190  ARG A C   1 
ATOM   356  O  O   . ARG A 1 53  ? 15.445  -12.585 -2.224  1.00 28.91  ? 190  ARG A O   1 
ATOM   357  C  CB  . ARG A 1 53  ? 18.047  -10.783 -0.901  1.00 31.32  ? 190  ARG A CB  1 
ATOM   358  C  CG  . ARG A 1 53  ? 19.175  -9.746  -1.063  1.00 38.44  ? 190  ARG A CG  1 
ATOM   359  C  CD  . ARG A 1 53  ? 19.548  -9.067  0.255   1.00 60.12  ? 190  ARG A CD  1 
ATOM   360  N  NE  . ARG A 1 53  ? 20.322  -9.932  1.156   1.00 79.49  ? 190  ARG A NE  1 
ATOM   361  C  CZ  . ARG A 1 53  ? 20.708  -9.601  2.391   1.00 101.00 ? 190  ARG A CZ  1 
ATOM   362  N  NH1 . ARG A 1 53  ? 20.397  -8.409  2.899   1.00 92.88  ? 190  ARG A NH1 1 
ATOM   363  N  NH2 . ARG A 1 53  ? 21.407  -10.458 3.129   1.00 86.89  ? 190  ARG A NH2 1 
ATOM   364  N  N   . HIS A 1 54  ? 17.233  -13.625 -1.348  1.00 25.29  ? 191  HIS A N   1 
ATOM   365  C  CA  . HIS A 1 54  ? 16.585  -14.862 -0.874  1.00 23.80  ? 191  HIS A CA  1 
ATOM   366  C  C   . HIS A 1 54  ? 15.539  -15.493 -1.785  1.00 24.62  ? 191  HIS A C   1 
ATOM   367  O  O   . HIS A 1 54  ? 14.472  -15.897 -1.324  1.00 24.73  ? 191  HIS A O   1 
ATOM   368  C  CB  . HIS A 1 54  ? 16.056  -14.671 0.557   1.00 24.13  ? 191  HIS A CB  1 
ATOM   369  C  CG  . HIS A 1 54  ? 17.104  -14.156 1.496   1.00 27.06  ? 191  HIS A CG  1 
ATOM   370  N  ND1 . HIS A 1 54  ? 17.078  -12.861 1.956   1.00 28.85  ? 191  HIS A ND1 1 
ATOM   371  C  CD2 . HIS A 1 54  ? 18.214  -14.766 1.972   1.00 28.36  ? 191  HIS A CD2 1 
ATOM   372  C  CE1 . HIS A 1 54  ? 18.138  -12.730 2.738   1.00 28.17  ? 191  HIS A CE1 1 
ATOM   373  N  NE2 . HIS A 1 54  ? 18.852  -13.855 2.775   1.00 28.30  ? 191  HIS A NE2 1 
ATOM   374  N  N   . GLY A 1 55  ? 15.871  -15.587 -3.063  1.00 19.62  ? 192  GLY A N   1 
ATOM   375  C  CA  . GLY A 1 55  ? 15.044  -16.271 -4.055  1.00 19.96  ? 192  GLY A CA  1 
ATOM   376  C  C   . GLY A 1 55  ? 13.871  -15.517 -4.642  1.00 25.48  ? 192  GLY A C   1 
ATOM   377  O  O   . GLY A 1 55  ? 13.065  -16.109 -5.360  1.00 23.91  ? 192  GLY A O   1 
ATOM   378  N  N   . GLY A 1 56  ? 13.775  -14.222 -4.362  1.00 24.72  ? 193  GLY A N   1 
ATOM   379  C  CA  . GLY A 1 56  ? 12.700  -13.396 -4.901  1.00 24.72  ? 193  GLY A CA  1 
ATOM   380  C  C   . GLY A 1 56  ? 12.842  -13.186 -6.390  1.00 28.32  ? 193  GLY A C   1 
ATOM   381  O  O   . GLY A 1 56  ? 13.936  -13.333 -6.943  1.00 28.95  ? 193  GLY A O   1 
ATOM   382  N  N   . THR A 1 57  ? 11.724  -12.822 -7.024  1.00 24.08  ? 194  THR A N   1 
ATOM   383  C  CA  . THR A 1 57  ? 11.580  -12.550 -8.453  1.00 23.12  ? 194  THR A CA  1 
ATOM   384  C  C   . THR A 1 57  ? 11.632  -11.056 -8.691  1.00 29.94  ? 194  THR A C   1 
ATOM   385  O  O   . THR A 1 57  ? 10.869  -10.314 -8.072  1.00 30.98  ? 194  THR A O   1 
ATOM   386  C  CB  . THR A 1 57  ? 10.238  -13.130 -8.922  1.00 28.69  ? 194  THR A CB  1 
ATOM   387  O  OG1 . THR A 1 57  ? 10.397  -14.540 -9.039  1.00 28.43  ? 194  THR A OG1 1 
ATOM   388  C  CG2 . THR A 1 57  ? 9.749   -12.549 -10.255 1.00 28.27  ? 194  THR A CG2 1 
ATOM   389  N  N   . CYS A 1 58  ? 12.448  -10.610 -9.640  1.00 27.77  ? 195  CYS A N   1 
ATOM   390  C  CA  . CYS A 1 58  ? 12.542  -9.184  -9.943  1.00 28.27  ? 195  CYS A CA  1 
ATOM   391  C  C   . CYS A 1 58  ? 11.680  -8.893  -11.165 1.00 29.37  ? 195  CYS A C   1 
ATOM   392  O  O   . CYS A 1 58  ? 11.851  -9.575  -12.171 1.00 30.62  ? 195  CYS A O   1 
ATOM   393  C  CB  . CYS A 1 58  ? 13.998  -8.800  -10.188 1.00 29.85  ? 195  CYS A CB  1 
ATOM   394  S  SG  . CYS A 1 58  ? 14.286  -7.013  -10.347 1.00 34.52  ? 195  CYS A SG  1 
ATOM   395  N  N   . HIS A 1 59  ? 10.761  -7.910  -11.073 1.00 22.52  ? 196  HIS A N   1 
ATOM   396  C  CA  . HIS A 1 59  ? 9.929   -7.430  -12.170 1.00 22.51  ? 196  HIS A CA  1 
ATOM   397  C  C   . HIS A 1 59  ? 10.367  -6.014  -12.457 1.00 28.80  ? 196  HIS A C   1 
ATOM   398  O  O   . HIS A 1 59  ? 10.297  -5.157  -11.561 1.00 28.69  ? 196  HIS A O   1 
ATOM   399  C  CB  . HIS A 1 59  ? 8.440   -7.409  -11.833 1.00 23.86  ? 196  HIS A CB  1 
ATOM   400  C  CG  . HIS A 1 59  ? 7.896   -8.761  -11.602 1.00 27.68  ? 196  HIS A CG  1 
ATOM   401  N  ND1 . HIS A 1 59  ? 7.503   -9.169  -10.346 1.00 29.61  ? 196  HIS A ND1 1 
ATOM   402  C  CD2 . HIS A 1 59  ? 7.772   -9.788  -12.463 1.00 29.74  ? 196  HIS A CD2 1 
ATOM   403  C  CE1 . HIS A 1 59  ? 7.149   -10.433 -10.480 1.00 29.40  ? 196  HIS A CE1 1 
ATOM   404  N  NE2 . HIS A 1 59  ? 7.323   -10.854 -11.734 1.00 29.84  ? 196  HIS A NE2 1 
ATOM   405  N  N   . ASN A 1 60  ? 10.841  -5.761  -13.698 1.00 26.15  ? 197  ASN A N   1 
ATOM   406  C  CA  . ASN A 1 60  ? 11.312  -4.439  -14.092 1.00 25.28  ? 197  ASN A CA  1 
ATOM   407  C  C   . ASN A 1 60  ? 10.117  -3.536  -14.320 1.00 29.00  ? 197  ASN A C   1 
ATOM   408  O  O   . ASN A 1 60  ? 9.079   -4.001  -14.769 1.00 28.02  ? 197  ASN A O   1 
ATOM   409  C  CB  . ASN A 1 60  ? 12.177  -4.535  -15.333 1.00 22.67  ? 197  ASN A CB  1 
ATOM   410  C  CG  . ASN A 1 60  ? 12.709  -3.239  -15.872 1.00 51.27  ? 197  ASN A CG  1 
ATOM   411  O  OD1 . ASN A 1 60  ? 13.049  -2.313  -15.133 1.00 50.39  ? 197  ASN A OD1 1 
ATOM   412  N  ND2 . ASN A 1 60  ? 12.910  -3.185  -17.175 1.00 46.99  ? 197  ASN A ND2 1 
ATOM   413  N  N   . GLU A 1 61  ? 10.241  -2.263  -13.940 1.00 26.72  ? 198  GLU A N   1 
ATOM   414  C  CA  . GLU A 1 61  ? 9.197   -1.264  -14.142 1.00 27.02  ? 198  GLU A CA  1 
ATOM   415  C  C   . GLU A 1 61  ? 9.835   -0.102  -14.924 1.00 29.51  ? 198  GLU A C   1 
ATOM   416  O  O   . GLU A 1 61  ? 11.049  -0.095  -15.140 1.00 29.02  ? 198  GLU A O   1 
ATOM   417  C  CB  . GLU A 1 61  ? 8.604   -0.794  -12.787 1.00 28.57  ? 198  GLU A CB  1 
ATOM   418  C  CG  . GLU A 1 61  ? 7.905   -1.905  -12.006 1.00 39.93  ? 198  GLU A CG  1 
ATOM   419  C  CD  . GLU A 1 61  ? 7.286   -1.509  -10.675 1.00 65.22  ? 198  GLU A CD  1 
ATOM   420  O  OE1 . GLU A 1 61  ? 7.823   -0.608  -9.986  1.00 63.68  ? 198  GLU A OE1 1 
ATOM   421  O  OE2 . GLU A 1 61  ? 6.263   -2.131  -10.308 1.00 57.26  ? 198  GLU A OE2 1 
ATOM   422  N  N   . VAL A 1 62  ? 9.019   0.869   -15.357 1.00 23.42  ? 199  VAL A N   1 
ATOM   423  C  CA  . VAL A 1 62  ? 9.536   2.046   -16.054 1.00 20.83  ? 199  VAL A CA  1 
ATOM   424  C  C   . VAL A 1 62  ? 9.956   3.004   -14.968 1.00 18.34  ? 199  VAL A C   1 
ATOM   425  O  O   . VAL A 1 62  ? 9.108   3.480   -14.226 1.00 15.76  ? 199  VAL A O   1 
ATOM   426  C  CB  . VAL A 1 62  ? 8.491   2.691   -16.993 1.00 25.09  ? 199  VAL A CB  1 
ATOM   427  C  CG1 . VAL A 1 62  ? 9.140   3.734   -17.892 1.00 24.84  ? 199  VAL A CG1 1 
ATOM   428  C  CG2 . VAL A 1 62  ? 7.782   1.630   -17.837 1.00 25.15  ? 199  VAL A CG2 1 
ATOM   429  N  N   . GLY A 1 63  ? 11.253  3.213   -14.829 1.00 14.79  ? 200  GLY A N   1 
ATOM   430  C  CA  . GLY A 1 63  ? 11.817  4.134   -13.840 1.00 14.82  ? 200  GLY A CA  1 
ATOM   431  C  C   . GLY A 1 63  ? 12.103  3.580   -12.464 1.00 18.95  ? 200  GLY A C   1 
ATOM   432  O  O   . GLY A 1 63  ? 12.521  4.328   -11.573 1.00 17.79  ? 200  GLY A O   1 
ATOM   433  N  N   . SER A 1 64  ? 11.962  2.255   -12.316 1.00 17.57  ? 201  SER A N   1 
ATOM   434  C  CA  . SER A 1 64  ? 12.160  1.515   -11.076 1.00 17.88  ? 201  SER A CA  1 
ATOM   435  C  C   . SER A 1 64  ? 12.034  0.014   -11.370 1.00 23.86  ? 201  SER A C   1 
ATOM   436  O  O   . SER A 1 64  ? 12.102  -0.404  -12.530 1.00 23.30  ? 201  SER A O   1 
ATOM   437  C  CB  . SER A 1 64  ? 11.085  1.899   -10.063 1.00 20.78  ? 201  SER A CB  1 
ATOM   438  O  OG  . SER A 1 64  ? 11.428  1.427   -8.770  1.00 32.04  ? 201  SER A OG  1 
ATOM   439  N  N   . TYR A 1 65  ? 11.843  -0.789  -10.316 1.00 21.57  ? 202  TYR A N   1 
ATOM   440  C  CA  . TYR A 1 65  ? 11.594  -2.232  -10.410 1.00 21.80  ? 202  TYR A CA  1 
ATOM   441  C  C   . TYR A 1 65  ? 10.847  -2.603  -9.132  1.00 23.55  ? 202  TYR A C   1 
ATOM   442  O  O   . TYR A 1 65  ? 10.753  -1.767  -8.225  1.00 22.00  ? 202  TYR A O   1 
ATOM   443  C  CB  . TYR A 1 65  ? 12.918  -3.022  -10.529 1.00 23.77  ? 202  TYR A CB  1 
ATOM   444  C  CG  . TYR A 1 65  ? 13.781  -2.858  -9.300  1.00 25.86  ? 202  TYR A CG  1 
ATOM   445  C  CD1 . TYR A 1 65  ? 14.604  -1.756  -9.153  1.00 26.90  ? 202  TYR A CD1 1 
ATOM   446  C  CD2 . TYR A 1 65  ? 13.650  -3.716  -8.215  1.00 27.56  ? 202  TYR A CD2 1 
ATOM   447  C  CE1 . TYR A 1 65  ? 15.289  -1.516  -7.966  1.00 28.13  ? 202  TYR A CE1 1 
ATOM   448  C  CE2 . TYR A 1 65  ? 14.354  -3.503  -7.032  1.00 28.03  ? 202  TYR A CE2 1 
ATOM   449  C  CZ  . TYR A 1 65  ? 15.164  -2.392  -6.905  1.00 30.85  ? 202  TYR A CZ  1 
ATOM   450  O  OH  . TYR A 1 65  ? 15.852  -2.139  -5.745  1.00 24.82  ? 202  TYR A OH  1 
ATOM   451  N  N   . ARG A 1 66  ? 10.302  -3.825  -9.066  1.00 19.78  ? 203  ARG A N   1 
ATOM   452  C  CA  . ARG A 1 66  ? 9.630   -4.313  -7.853  1.00 19.82  ? 203  ARG A CA  1 
ATOM   453  C  C   . ARG A 1 66  ? 10.029  -5.749  -7.598  1.00 27.18  ? 203  ARG A C   1 
ATOM   454  O  O   . ARG A 1 66  ? 10.264  -6.495  -8.536  1.00 27.46  ? 203  ARG A O   1 
ATOM   455  C  CB  . ARG A 1 66  ? 8.100   -4.134  -7.870  1.00 15.52  ? 203  ARG A CB  1 
ATOM   456  C  CG  . ARG A 1 66  ? 7.350   -4.946  -8.888  1.00 26.11  ? 203  ARG A CG  1 
ATOM   457  C  CD  . ARG A 1 66  ? 5.862   -4.968  -8.620  1.00 36.12  ? 203  ARG A CD  1 
ATOM   458  N  NE  . ARG A 1 66  ? 5.231   -6.215  -9.075  1.00 46.70  ? 203  ARG A NE  1 
ATOM   459  C  CZ  . ARG A 1 66  ? 4.997   -6.547  -10.344 1.00 56.69  ? 203  ARG A CZ  1 
ATOM   460  N  NH1 . ARG A 1 66  ? 5.358   -5.731  -11.334 1.00 31.86  ? 203  ARG A NH1 1 
ATOM   461  N  NH2 . ARG A 1 66  ? 4.409   -7.702  -10.636 1.00 52.79  ? 203  ARG A NH2 1 
ATOM   462  N  N   . CYS A 1 67  ? 10.164  -6.118  -6.337  1.00 25.90  ? 204  CYS A N   1 
ATOM   463  C  CA  . CYS A 1 67  ? 10.555  -7.455  -5.971  1.00 27.05  ? 204  CYS A CA  1 
ATOM   464  C  C   . CYS A 1 67  ? 9.328   -8.162  -5.454  1.00 31.38  ? 204  CYS A C   1 
ATOM   465  O  O   . CYS A 1 67  ? 8.605   -7.623  -4.628  1.00 31.04  ? 204  CYS A O   1 
ATOM   466  C  CB  . CYS A 1 67  ? 11.638  -7.420  -4.901  1.00 28.57  ? 204  CYS A CB  1 
ATOM   467  S  SG  . CYS A 1 67  ? 13.247  -6.825  -5.470  1.00 32.75  ? 204  CYS A SG  1 
ATOM   468  N  N   . VAL A 1 68  ? 9.125   -9.381  -5.905  1.00 28.70  ? 205  VAL A N   1 
ATOM   469  C  CA  . VAL A 1 68  ? 8.055   -10.241 -5.451  1.00 28.41  ? 205  VAL A CA  1 
ATOM   470  C  C   . VAL A 1 68  ? 8.793   -11.340 -4.729  1.00 31.87  ? 205  VAL A C   1 
ATOM   471  O  O   . VAL A 1 68  ? 9.526   -12.114 -5.353  1.00 30.45  ? 205  VAL A O   1 
ATOM   472  C  CB  . VAL A 1 68  ? 7.201   -10.697 -6.643  1.00 32.55  ? 205  VAL A CB  1 
ATOM   473  C  CG1 . VAL A 1 68  ? 6.255   -11.834 -6.255  1.00 31.18  ? 205  VAL A CG1 1 
ATOM   474  C  CG2 . VAL A 1 68  ? 6.436   -9.481  -7.219  1.00 32.70  ? 205  VAL A CG2 1 
ATOM   475  N  N   . CYS A 1 69  ? 8.698   -11.307 -3.380  1.00 28.66  ? 206  CYS A N   1 
ATOM   476  C  CA  . CYS A 1 69  ? 9.434   -12.182 -2.476  1.00 26.99  ? 206  CYS A CA  1 
ATOM   477  C  C   . CYS A 1 69  ? 8.847   -13.561 -2.373  1.00 29.90  ? 206  CYS A C   1 
ATOM   478  O  O   . CYS A 1 69  ? 7.673   -13.797 -2.721  1.00 29.84  ? 206  CYS A O   1 
ATOM   479  C  CB  . CYS A 1 69  ? 9.541   -11.541 -1.093  1.00 26.27  ? 206  CYS A CB  1 
ATOM   480  S  SG  . CYS A 1 69  ? 10.381  -9.932  -1.080  1.00 30.04  ? 206  CYS A SG  1 
ATOM   481  N  N   . ARG A 1 70  ? 9.695   -14.487 -1.860  1.00 23.32  ? 207  ARG A N   1 
ATOM   482  C  CA  . ARG A 1 70  ? 9.252   -15.828 -1.525  1.00 21.31  ? 207  ARG A CA  1 
ATOM   483  C  C   . ARG A 1 70  ? 8.454   -15.609 -0.207  1.00 22.84  ? 207  ARG A C   1 
ATOM   484  O  O   . ARG A 1 70  ? 8.631   -14.575 0.450   1.00 20.31  ? 207  ARG A O   1 
ATOM   485  C  CB  . ARG A 1 70  ? 10.437  -16.808 -1.342  1.00 18.93  ? 207  ARG A CB  1 
ATOM   486  C  CG  . ARG A 1 70  ? 11.036  -17.370 -2.646  1.00 28.85  ? 207  ARG A CG  1 
ATOM   487  C  CD  . ARG A 1 70  ? 11.897  -18.639 -2.472  1.00 51.16  ? 207  ARG A CD  1 
ATOM   488  N  NE  . ARG A 1 70  ? 12.962  -18.501 -1.446  1.00 67.37  ? 207  ARG A NE  1 
ATOM   489  C  CZ  . ARG A 1 70  ? 13.058  -19.156 -0.274  1.00 73.91  ? 207  ARG A CZ  1 
ATOM   490  N  NH1 . ARG A 1 70  ? 12.133  -20.051 0.088   1.00 45.62  ? 207  ARG A NH1 1 
ATOM   491  N  NH2 . ARG A 1 70  ? 14.083  -18.919 0.545   1.00 58.35  ? 207  ARG A NH2 1 
ATOM   492  N  N   . ALA A 1 71  ? 7.542   -16.534 0.144   1.00 19.69  ? 208  ALA A N   1 
ATOM   493  C  CA  . ALA A 1 71  ? 6.726   -16.436 1.371   1.00 18.22  ? 208  ALA A CA  1 
ATOM   494  C  C   . ALA A 1 71  ? 7.571   -16.311 2.644   1.00 20.53  ? 208  ALA A C   1 
ATOM   495  O  O   . ALA A 1 71  ? 7.118   -15.701 3.610   1.00 20.83  ? 208  ALA A O   1 
ATOM   496  C  CB  . ALA A 1 71  ? 5.813   -17.653 1.487   1.00 18.71  ? 208  ALA A CB  1 
ATOM   497  N  N   . THR A 1 72  ? 8.813   -16.818 2.609   1.00 15.30  ? 209  THR A N   1 
ATOM   498  C  CA  . THR A 1 72  ? 9.730   -16.803 3.727   1.00 15.64  ? 209  THR A CA  1 
ATOM   499  C  C   . THR A 1 72  ? 10.410  -15.466 3.970   1.00 22.74  ? 209  THR A C   1 
ATOM   500  O  O   . THR A 1 72  ? 11.230  -15.401 4.886   1.00 24.71  ? 209  THR A O   1 
ATOM   501  C  CB  . THR A 1 72  ? 10.826  -17.831 3.471   1.00 25.92  ? 209  THR A CB  1 
ATOM   502  O  OG1 . THR A 1 72  ? 11.411  -17.507 2.218   1.00 34.95  ? 209  THR A OG1 1 
ATOM   503  C  CG2 . THR A 1 72  ? 10.296  -19.256 3.416   1.00 26.27  ? 209  THR A CG2 1 
ATOM   504  N  N   . HIS A 1 73  ? 10.183  -14.436 3.137   1.00 19.53  ? 210  HIS A N   1 
ATOM   505  C  CA  . HIS A 1 73  ? 10.874  -13.147 3.271   1.00 18.60  ? 210  HIS A CA  1 
ATOM   506  C  C   . HIS A 1 73  ? 9.999   -11.956 2.851   1.00 23.09  ? 210  HIS A C   1 
ATOM   507  O  O   . HIS A 1 73  ? 8.977   -12.121 2.167   1.00 21.78  ? 210  HIS A O   1 
ATOM   508  C  CB  . HIS A 1 73  ? 12.171  -13.166 2.435   1.00 18.62  ? 210  HIS A CB  1 
ATOM   509  C  CG  . HIS A 1 73  ? 13.274  -14.014 2.999   1.00 22.07  ? 210  HIS A CG  1 
ATOM   510  N  ND1 . HIS A 1 73  ? 13.309  -15.385 2.792   1.00 23.77  ? 210  HIS A ND1 1 
ATOM   511  C  CD2 . HIS A 1 73  ? 14.365  -13.653 3.723   1.00 23.82  ? 210  HIS A CD2 1 
ATOM   512  C  CE1 . HIS A 1 73  ? 14.397  -15.818 3.415   1.00 23.20  ? 210  HIS A CE1 1 
ATOM   513  N  NE2 . HIS A 1 73  ? 15.068  -14.809 3.985   1.00 23.52  ? 210  HIS A NE2 1 
ATOM   514  N  N   . THR A 1 74  ? 10.397  -10.754 3.313   1.00 20.72  ? 211  THR A N   1 
ATOM   515  C  CA  . THR A 1 74  ? 9.710   -9.489  3.000   1.00 21.06  ? 211  THR A CA  1 
ATOM   516  C  C   . THR A 1 74  ? 10.714  -8.367  2.939   1.00 24.02  ? 211  THR A C   1 
ATOM   517  O  O   . THR A 1 74  ? 11.869  -8.503  3.364   1.00 21.58  ? 211  THR A O   1 
ATOM   518  C  CB  . THR A 1 74  ? 8.638   -9.082  4.055   1.00 29.82  ? 211  THR A CB  1 
ATOM   519  O  OG1 . THR A 1 74  ? 9.211   -9.121  5.353   1.00 30.77  ? 211  THR A OG1 1 
ATOM   520  C  CG2 . THR A 1 74  ? 7.411   -9.913  3.988   1.00 31.89  ? 211  THR A CG2 1 
ATOM   521  N  N   . GLY A 1 75  ? 10.208  -7.246  2.463   1.00 21.48  ? 212  GLY A N   1 
ATOM   522  C  CA  . GLY A 1 75  ? 10.945  -6.019  2.309   1.00 22.29  ? 212  GLY A CA  1 
ATOM   523  C  C   . GLY A 1 75  ? 10.895  -5.650  0.853   1.00 29.56  ? 212  GLY A C   1 
ATOM   524  O  O   . GLY A 1 75  ? 10.363  -6.401  0.030   1.00 30.46  ? 212  GLY A O   1 
ATOM   525  N  N   . PRO A 1 76  ? 11.412  -4.485  0.495   1.00 27.74  ? 213  PRO A N   1 
ATOM   526  C  CA  . PRO A 1 76  ? 11.371  -4.096  -0.905  1.00 28.60  ? 213  PRO A CA  1 
ATOM   527  C  C   . PRO A 1 76  ? 12.306  -4.946  -1.741  1.00 33.91  ? 213  PRO A C   1 
ATOM   528  O  O   . PRO A 1 76  ? 12.118  -5.008  -2.950  1.00 35.05  ? 213  PRO A O   1 
ATOM   529  C  CB  . PRO A 1 76  ? 11.784  -2.621  -0.866  1.00 30.89  ? 213  PRO A CB  1 
ATOM   530  C  CG  . PRO A 1 76  ? 11.837  -2.240  0.579   1.00 34.82  ? 213  PRO A CG  1 
ATOM   531  C  CD  . PRO A 1 76  ? 12.104  -3.469  1.309   1.00 29.95  ? 213  PRO A CD  1 
ATOM   532  N  N   . ASN A 1 77  ? 13.325  -5.569  -1.102  1.00 29.47  ? 214  ASN A N   1 
ATOM   533  C  CA  . ASN A 1 77  ? 14.296  -6.441  -1.748  1.00 28.71  ? 214  ASN A CA  1 
ATOM   534  C  C   . ASN A 1 77  ? 14.433  -7.778  -1.007  1.00 32.65  ? 214  ASN A C   1 
ATOM   535  O  O   . ASN A 1 77  ? 15.481  -8.406  -1.135  1.00 33.42  ? 214  ASN A O   1 
ATOM   536  C  CB  . ASN A 1 77  ? 15.656  -5.757  -1.836  1.00 27.14  ? 214  ASN A CB  1 
ATOM   537  C  CG  . ASN A 1 77  ? 15.612  -4.367  -2.434  1.00 42.65  ? 214  ASN A CG  1 
ATOM   538  O  OD1 . ASN A 1 77  ? 15.372  -4.204  -3.642  1.00 30.69  ? 214  ASN A OD1 1 
ATOM   539  N  ND2 . ASN A 1 77  ? 15.813  -3.332  -1.596  1.00 29.83  ? 214  ASN A ND2 1 
ATOM   540  N  N   . CYS A 1 78  ? 13.391  -8.232  -0.246  1.00 27.19  ? 215  CYS A N   1 
ATOM   541  C  CA  . CYS A 1 78  ? 13.390  -9.528  0.441   1.00 25.77  ? 215  CYS A CA  1 
ATOM   542  C  C   . CYS A 1 78  ? 14.571  -9.727  1.378   1.00 30.54  ? 215  CYS A C   1 
ATOM   543  O  O   . CYS A 1 78  ? 15.024  -10.844 1.596   1.00 30.13  ? 215  CYS A O   1 
ATOM   544  C  CB  . CYS A 1 78  ? 13.317  -10.632 -0.604  1.00 25.49  ? 215  CYS A CB  1 
ATOM   545  S  SG  . CYS A 1 78  ? 12.205  -10.245 -1.977  1.00 29.64  ? 215  CYS A SG  1 
ATOM   546  N  N   . GLU A 1 79  ? 15.051  -8.645  1.946   1.00 28.93  ? 216  GLU A N   1 
ATOM   547  C  CA  . GLU A 1 79  ? 16.230  -8.663  2.801   1.00 29.18  ? 216  GLU A CA  1 
ATOM   548  C  C   . GLU A 1 79  ? 15.947  -9.233  4.191   1.00 31.58  ? 216  GLU A C   1 
ATOM   549  O  O   . GLU A 1 79  ? 16.839  -9.878  4.748   1.00 33.60  ? 216  GLU A O   1 
ATOM   550  C  CB  . GLU A 1 79  ? 16.879  -7.263  2.876   1.00 31.14  ? 216  GLU A CB  1 
ATOM   551  C  CG  . GLU A 1 79  ? 15.996  -6.132  3.410   1.00 48.63  ? 216  GLU A CG  1 
ATOM   552  C  CD  . GLU A 1 79  ? 15.238  -5.374  2.338   1.00 73.71  ? 216  GLU A CD  1 
ATOM   553  O  OE1 . GLU A 1 79  ? 14.326  -5.982  1.733   1.00 58.83  ? 216  GLU A OE1 1 
ATOM   554  O  OE2 . GLU A 1 79  ? 15.582  -4.200  2.066   1.00 72.94  ? 216  GLU A OE2 1 
ATOM   555  N  N   . ARG A 1 80  ? 14.721  -9.042  4.730   1.00 24.01  ? 217  ARG A N   1 
ATOM   556  C  CA  . ARG A 1 80  ? 14.351  -9.537  6.059   1.00 23.31  ? 217  ARG A CA  1 
ATOM   557  C  C   . ARG A 1 80  ? 13.541  -10.825 5.961   1.00 30.14  ? 217  ARG A C   1 
ATOM   558  O  O   . ARG A 1 80  ? 12.680  -10.927 5.080   1.00 31.75  ? 217  ARG A O   1 
ATOM   559  C  CB  . ARG A 1 80  ? 13.454  -8.544  6.836   1.00 23.17  ? 217  ARG A CB  1 
ATOM   560  C  CG  . ARG A 1 80  ? 13.643  -7.055  6.583   1.00 36.08  ? 217  ARG A CG  1 
ATOM   561  C  CD  . ARG A 1 80  ? 12.755  -6.229  7.509   1.00 43.42  ? 217  ARG A CD  1 
ATOM   562  N  NE  . ARG A 1 80  ? 11.348  -6.120  7.097   1.00 37.71  ? 217  ARG A NE  1 
ATOM   563  C  CZ  . ARG A 1 80  ? 10.882  -5.325  6.131   1.00 51.84  ? 217  ARG A CZ  1 
ATOM   564  N  NH1 . ARG A 1 80  ? 11.719  -4.581  5.405   1.00 44.67  ? 217  ARG A NH1 1 
ATOM   565  N  NH2 . ARG A 1 80  ? 9.577   -5.281  5.866   1.00 28.35  ? 217  ARG A NH2 1 
ATOM   566  N  N   . PRO A 1 81  ? 13.609  -11.730 6.949   1.00 26.96  ? 218  PRO A N   1 
ATOM   567  C  CA  . PRO A 1 81  ? 12.708  -12.881 6.925   1.00 27.10  ? 218  PRO A CA  1 
ATOM   568  C  C   . PRO A 1 81  ? 11.287  -12.442 7.284   1.00 30.21  ? 218  PRO A C   1 
ATOM   569  O  O   . PRO A 1 81  ? 11.093  -11.397 7.902   1.00 29.09  ? 218  PRO A O   1 
ATOM   570  C  CB  . PRO A 1 81  ? 13.321  -13.826 7.973   1.00 28.99  ? 218  PRO A CB  1 
ATOM   571  C  CG  . PRO A 1 81  ? 14.700  -13.254 8.266   1.00 32.61  ? 218  PRO A CG  1 
ATOM   572  C  CD  . PRO A 1 81  ? 14.484  -11.801 8.130   1.00 28.62  ? 218  PRO A CD  1 
ATOM   573  N  N   . TYR A 1 82  ? 10.302  -13.223 6.872   1.00 27.33  ? 219  TYR A N   1 
ATOM   574  C  CA  . TYR A 1 82  ? 8.904   -12.913 7.151   1.00 27.39  ? 219  TYR A CA  1 
ATOM   575  C  C   . TYR A 1 82  ? 8.562   -13.533 8.503   1.00 30.64  ? 219  TYR A C   1 
ATOM   576  O  O   . TYR A 1 82  ? 8.726   -14.748 8.664   1.00 31.11  ? 219  TYR A O   1 
ATOM   577  C  CB  . TYR A 1 82  ? 7.996   -13.489 6.052   1.00 29.01  ? 219  TYR A CB  1 
ATOM   578  C  CG  . TYR A 1 82  ? 6.526   -13.284 6.343   1.00 30.04  ? 219  TYR A CG  1 
ATOM   579  C  CD1 . TYR A 1 82  ? 6.008   -12.014 6.525   1.00 32.33  ? 219  TYR A CD1 1 
ATOM   580  C  CD2 . TYR A 1 82  ? 5.651   -14.358 6.417   1.00 30.44  ? 219  TYR A CD2 1 
ATOM   581  C  CE1 . TYR A 1 82  ? 4.664   -11.815 6.807   1.00 33.59  ? 219  TYR A CE1 1 
ATOM   582  C  CE2 . TYR A 1 82  ? 4.307   -14.173 6.722   1.00 31.44  ? 219  TYR A CE2 1 
ATOM   583  C  CZ  . TYR A 1 82  ? 3.818   -12.896 6.914   1.00 38.84  ? 219  TYR A CZ  1 
ATOM   584  O  OH  . TYR A 1 82  ? 2.505   -12.658 7.235   1.00 42.07  ? 219  TYR A OH  1 
ATOM   585  N  N   . VAL A 1 83  ? 8.137   -12.698 9.474   1.00 24.43  ? 220  VAL A N   1 
ATOM   586  C  CA  . VAL A 1 83  ? 7.743   -13.120 10.828  1.00 22.64  ? 220  VAL A CA  1 
ATOM   587  C  C   . VAL A 1 83  ? 6.266   -12.847 10.847  1.00 27.28  ? 220  VAL A C   1 
ATOM   588  O  O   . VAL A 1 83  ? 5.886   -11.680 10.691  1.00 24.99  ? 220  VAL A O   1 
ATOM   589  C  CB  . VAL A 1 83  ? 8.498   -12.338 11.902  1.00 25.60  ? 220  VAL A CB  1 
ATOM   590  C  CG1 . VAL A 1 83  ? 8.034   -12.741 13.297  1.00 25.18  ? 220  VAL A CG1 1 
ATOM   591  C  CG2 . VAL A 1 83  ? 10.006  -12.518 11.734  1.00 24.87  ? 220  VAL A CG2 1 
ATOM   592  N  N   . PRO A 1 84  ? 5.410   -13.896 10.884  1.00 28.46  ? 221  PRO A N   1 
ATOM   593  C  CA  . PRO A 1 84  ? 3.975   -13.680 10.653  1.00 30.02  ? 221  PRO A CA  1 
ATOM   594  C  C   . PRO A 1 84  ? 3.223   -12.655 11.502  1.00 36.05  ? 221  PRO A C   1 
ATOM   595  O  O   . PRO A 1 84  ? 2.583   -11.738 10.938  1.00 35.88  ? 221  PRO A O   1 
ATOM   596  C  CB  . PRO A 1 84  ? 3.388   -15.088 10.738  1.00 31.46  ? 221  PRO A CB  1 
ATOM   597  C  CG  . PRO A 1 84  ? 4.455   -15.961 10.387  1.00 35.53  ? 221  PRO A CG  1 
ATOM   598  C  CD  . PRO A 1 84  ? 5.698   -15.340 10.943  1.00 30.94  ? 221  PRO A CD  1 
ATOM   599  N  N   . CYS A 1 85  ? 3.345   -12.778 12.837  1.00 31.95  ? 222  CYS A N   1 
ATOM   600  C  CA  . CYS A 1 85  ? 2.643   -11.919 13.789  1.00 31.39  ? 222  CYS A CA  1 
ATOM   601  C  C   . CYS A 1 85  ? 3.440   -10.668 14.255  1.00 34.37  ? 222  CYS A C   1 
ATOM   602  O  O   . CYS A 1 85  ? 3.179   -10.132 15.329  1.00 34.54  ? 222  CYS A O   1 
ATOM   603  C  CB  . CYS A 1 85  ? 2.159   -12.777 14.957  1.00 31.95  ? 222  CYS A CB  1 
ATOM   604  S  SG  . CYS A 1 85  ? 0.955   -14.057 14.487  1.00 36.07  ? 222  CYS A SG  1 
ATOM   605  N  N   . SER A 1 86  ? 4.350   -10.164 13.415  1.00 30.88  ? 223  SER A N   1 
ATOM   606  C  CA  . SER A 1 86  ? 5.158   -8.982  13.714  1.00 31.05  ? 223  SER A CA  1 
ATOM   607  C  C   . SER A 1 86  ? 5.756   -8.407  12.402  1.00 36.05  ? 223  SER A C   1 
ATOM   608  O  O   . SER A 1 86  ? 6.711   -8.973  11.865  1.00 34.29  ? 223  SER A O   1 
ATOM   609  C  CB  . SER A 1 86  ? 6.281   -9.316  14.690  1.00 34.27  ? 223  SER A CB  1 
ATOM   610  O  OG  . SER A 1 86  ? 7.000   -8.134  15.000  1.00 41.71  ? 223  SER A OG  1 
ATOM   611  N  N   . PRO A 1 87  ? 5.217   -7.302  11.858  1.00 34.59  ? 224  PRO A N   1 
ATOM   612  C  CA  . PRO A 1 87  ? 4.076   -6.515  12.332  1.00 34.08  ? 224  PRO A CA  1 
ATOM   613  C  C   . PRO A 1 87  ? 2.811   -7.309  12.181  1.00 36.44  ? 224  PRO A C   1 
ATOM   614  O  O   . PRO A 1 87  ? 2.615   -7.979  11.163  1.00 35.99  ? 224  PRO A O   1 
ATOM   615  C  CB  . PRO A 1 87  ? 4.084   -5.293  11.417  1.00 36.05  ? 224  PRO A CB  1 
ATOM   616  C  CG  . PRO A 1 87  ? 4.666   -5.788  10.173  1.00 42.22  ? 224  PRO A CG  1 
ATOM   617  C  CD  . PRO A 1 87  ? 5.747   -6.736  10.614  1.00 37.99  ? 224  PRO A CD  1 
ATOM   618  N  N   . SER A 1 88  ? 1.987   -7.255  13.227  1.00 31.10  ? 225  SER A N   1 
ATOM   619  C  CA  . SER A 1 88  ? 0.737   -7.978  13.312  1.00 29.68  ? 225  SER A CA  1 
ATOM   620  C  C   . SER A 1 88  ? -0.212  -7.541  12.229  1.00 33.20  ? 225  SER A C   1 
ATOM   621  O  O   . SER A 1 88  ? -0.408  -6.343  12.024  1.00 33.37  ? 225  SER A O   1 
ATOM   622  C  CB  . SER A 1 88  ? 0.085   -7.761  14.677  1.00 31.53  ? 225  SER A CB  1 
ATOM   623  O  OG  . SER A 1 88  ? -1.233  -8.277  14.711  1.00 38.70  ? 225  SER A OG  1 
ATOM   624  N  N   . PRO A 1 89  ? -0.823  -8.496  11.526  1.00 29.67  ? 226  PRO A N   1 
ATOM   625  C  CA  . PRO A 1 89  ? -1.825  -8.130  10.519  1.00 29.83  ? 226  PRO A CA  1 
ATOM   626  C  C   . PRO A 1 89  ? -3.200  -7.848  11.124  1.00 34.34  ? 226  PRO A C   1 
ATOM   627  O  O   . PRO A 1 89  ? -3.976  -7.133  10.509  1.00 32.70  ? 226  PRO A O   1 
ATOM   628  C  CB  . PRO A 1 89  ? -1.892  -9.380  9.648   1.00 31.29  ? 226  PRO A CB  1 
ATOM   629  C  CG  . PRO A 1 89  ? -1.624  -10.496 10.604  1.00 35.74  ? 226  PRO A CG  1 
ATOM   630  C  CD  . PRO A 1 89  ? -0.684  -9.959  11.640  1.00 31.06  ? 226  PRO A CD  1 
ATOM   631  N  N   . CYS A 1 90  ? -3.519  -8.454  12.290  1.00 33.55  ? 227  CYS A N   1 
ATOM   632  C  CA  . CYS A 1 90  ? -4.850  -8.381  12.888  1.00 34.71  ? 227  CYS A CA  1 
ATOM   633  C  C   . CYS A 1 90  ? -5.218  -6.971  13.310  1.00 39.02  ? 227  CYS A C   1 
ATOM   634  O  O   . CYS A 1 90  ? -4.712  -6.443  14.305  1.00 37.65  ? 227  CYS A O   1 
ATOM   635  C  CB  . CYS A 1 90  ? -5.027  -9.376  14.039  1.00 35.49  ? 227  CYS A CB  1 
ATOM   636  S  SG  . CYS A 1 90  ? -4.239  -10.995 13.782  1.00 39.26  ? 227  CYS A SG  1 
ATOM   637  N  N   . GLN A 1 91  ? -6.138  -6.379  12.540  1.00 37.41  ? 228  GLN A N   1 
ATOM   638  C  CA  . GLN A 1 91  ? -6.652  -5.033  12.756  1.00 38.10  ? 228  GLN A CA  1 
ATOM   639  C  C   . GLN A 1 91  ? -7.651  -5.049  13.928  1.00 41.65  ? 228  GLN A C   1 
ATOM   640  O  O   . GLN A 1 91  ? -8.051  -6.118  14.382  1.00 43.17  ? 228  GLN A O   1 
ATOM   641  C  CB  . GLN A 1 91  ? -7.389  -4.520  11.476  1.00 39.82  ? 228  GLN A CB  1 
ATOM   642  C  CG  . GLN A 1 91  ? -6.587  -4.431  10.162  1.00 34.47  ? 228  GLN A CG  1 
ATOM   643  C  CD  . GLN A 1 91  ? -7.507  -4.115  9.002   1.00 58.36  ? 228  GLN A CD  1 
ATOM   644  O  OE1 . GLN A 1 91  ? -8.546  -3.465  9.160   1.00 59.64  ? 228  GLN A OE1 1 
ATOM   645  N  NE2 . GLN A 1 91  ? -7.144  -4.529  7.799   1.00 49.37  ? 228  GLN A NE2 1 
ATOM   646  N  N   . ASN A 1 92  ? -8.081  -3.870  14.380  1.00 36.24  ? 229  ASN A N   1 
ATOM   647  C  CA  . ASN A 1 92  ? -9.082  -3.723  15.435  1.00 35.86  ? 229  ASN A CA  1 
ATOM   648  C  C   . ASN A 1 92  ? -8.802  -4.469  16.778  1.00 39.32  ? 229  ASN A C   1 
ATOM   649  O  O   . ASN A 1 92  ? -9.728  -4.984  17.416  1.00 37.39  ? 229  ASN A O   1 
ATOM   650  C  CB  . ASN A 1 92  ? -10.457 -4.062  14.862  1.00 35.65  ? 229  ASN A CB  1 
ATOM   651  C  CG  . ASN A 1 92  ? -10.825 -3.164  13.711  1.00 54.47  ? 229  ASN A CG  1 
ATOM   652  O  OD1 . ASN A 1 92  ? -10.945 -1.939  13.878  1.00 50.91  ? 229  ASN A OD1 1 
ATOM   653  N  ND2 . ASN A 1 92  ? -11.035 -3.738  12.526  1.00 41.30  ? 229  ASN A ND2 1 
ATOM   654  N  N   . GLY A 1 93  ? -7.537  -4.463  17.206  1.00 36.75  ? 230  GLY A N   1 
ATOM   655  C  CA  . GLY A 1 93  ? -7.124  -5.051  18.478  1.00 36.73  ? 230  GLY A CA  1 
ATOM   656  C  C   . GLY A 1 93  ? -7.311  -6.544  18.629  1.00 41.99  ? 230  GLY A C   1 
ATOM   657  O  O   . GLY A 1 93  ? -7.469  -7.022  19.752  1.00 40.37  ? 230  GLY A O   1 
ATOM   658  N  N   . GLY A 1 94  ? -7.267  -7.276  17.507  1.00 40.69  ? 231  GLY A N   1 
ATOM   659  C  CA  . GLY A 1 94  ? -7.346  -8.732  17.481  1.00 40.21  ? 231  GLY A CA  1 
ATOM   660  C  C   . GLY A 1 94  ? -6.023  -9.326  17.921  1.00 44.34  ? 231  GLY A C   1 
ATOM   661  O  O   . GLY A 1 94  ? -5.020  -8.604  18.018  1.00 43.78  ? 231  GLY A O   1 
ATOM   662  N  N   . THR A 1 95  ? -6.003  -10.646 18.202  1.00 40.58  ? 232  THR A N   1 
ATOM   663  C  CA  . THR A 1 95  ? -4.783  -11.332 18.652  1.00 39.75  ? 232  THR A CA  1 
ATOM   664  C  C   . THR A 1 95  ? -4.263  -12.282 17.591  1.00 39.63  ? 232  THR A C   1 
ATOM   665  O  O   . THR A 1 95  ? -4.973  -13.214 17.218  1.00 39.49  ? 232  THR A O   1 
ATOM   666  C  CB  . THR A 1 95  ? -5.017  -12.004 20.014  1.00 48.39  ? 232  THR A CB  1 
ATOM   667  O  OG1 . THR A 1 95  ? -5.292  -10.983 20.965  1.00 51.45  ? 232  THR A OG1 1 
ATOM   668  C  CG2 . THR A 1 95  ? -3.816  -12.793 20.500  1.00 45.12  ? 232  THR A CG2 1 
ATOM   669  N  N   . CYS A 1 96  ? -3.000  -12.075 17.149  1.00 32.96  ? 233  CYS A N   1 
ATOM   670  C  CA  . CYS A 1 96  ? -2.351  -12.900 16.133  1.00 31.33  ? 233  CYS A CA  1 
ATOM   671  C  C   . CYS A 1 96  ? -1.741  -14.125 16.743  1.00 30.68  ? 233  CYS A C   1 
ATOM   672  O  O   . CYS A 1 96  ? -0.951  -13.988 17.655  1.00 31.64  ? 233  CYS A O   1 
ATOM   673  C  CB  . CYS A 1 96  ? -1.288  -12.105 15.377  1.00 31.94  ? 233  CYS A CB  1 
ATOM   674  S  SG  . CYS A 1 96  ? -0.662  -12.949 13.896  1.00 36.40  ? 233  CYS A SG  1 
ATOM   675  N  N   . ARG A 1 97  ? -1.942  -15.291 16.133  1.00 23.20  ? 234  ARG A N   1 
ATOM   676  C  CA  . ARG A 1 97  ? -1.326  -16.532 16.594  1.00 20.12  ? 234  ARG A CA  1 
ATOM   677  C  C   . ARG A 1 97  ? -0.590  -17.197 15.446  1.00 16.01  ? 234  ARG A C   1 
ATOM   678  O  O   . ARG A 1 97  ? -1.223  -17.581 14.488  1.00 11.58  ? 234  ARG A O   1 
ATOM   679  C  CB  . ARG A 1 97  ? -2.399  -17.500 17.138  1.00 21.56  ? 234  ARG A CB  1 
ATOM   680  C  CG  . ARG A 1 97  ? -1.810  -18.650 17.953  1.00 39.53  ? 234  ARG A CG  1 
ATOM   681  C  CD  . ARG A 1 97  ? -2.859  -19.638 18.458  1.00 55.16  ? 234  ARG A CD  1 
ATOM   682  N  NE  . ARG A 1 97  ? -3.244  -20.622 17.436  1.00 59.16  ? 234  ARG A NE  1 
ATOM   683  C  CZ  . ARG A 1 97  ? -4.290  -20.530 16.611  1.00 69.12  ? 234  ARG A CZ  1 
ATOM   684  N  NH1 . ARG A 1 97  ? -5.107  -19.478 16.665  1.00 57.95  ? 234  ARG A NH1 1 
ATOM   685  N  NH2 . ARG A 1 97  ? -4.532  -21.496 15.727  1.00 47.51  ? 234  ARG A NH2 1 
ATOM   686  N  N   . PRO A 1 98  ? 0.722   -17.439 15.527  1.00 14.16  ? 235  PRO A N   1 
ATOM   687  C  CA  . PRO A 1 98  ? 1.379   -18.170 14.436  1.00 13.45  ? 235  PRO A CA  1 
ATOM   688  C  C   . PRO A 1 98  ? 0.852   -19.584 14.277  1.00 21.09  ? 235  PRO A C   1 
ATOM   689  O  O   . PRO A 1 98  ? 0.460   -20.211 15.252  1.00 23.62  ? 235  PRO A O   1 
ATOM   690  C  CB  . PRO A 1 98  ? 2.852   -18.189 14.832  1.00 13.86  ? 235  PRO A CB  1 
ATOM   691  C  CG  . PRO A 1 98  ? 2.998   -17.357 15.984  1.00 18.35  ? 235  PRO A CG  1 
ATOM   692  C  CD  . PRO A 1 98  ? 1.690   -17.028 16.566  1.00 15.82  ? 235  PRO A CD  1 
ATOM   693  N  N   . THR A 1 99  ? 0.760   -20.046 13.042  1.00 17.88  ? 236  THR A N   1 
ATOM   694  C  CA  . THR A 1 99  ? 0.329   -21.396 12.725  1.00 17.63  ? 236  THR A CA  1 
ATOM   695  C  C   . THR A 1 99  ? 1.332   -22.092 11.834  1.00 24.37  ? 236  THR A C   1 
ATOM   696  O  O   . THR A 1 99  ? 1.063   -23.217 11.411  1.00 25.00  ? 236  THR A O   1 
ATOM   697  C  CB  . THR A 1 99  ? -1.026  -21.338 12.076  1.00 21.98  ? 236  THR A CB  1 
ATOM   698  O  OG1 . THR A 1 99  ? -0.903  -20.634 10.834  1.00 19.89  ? 236  THR A OG1 1 
ATOM   699  C  CG2 . THR A 1 99  ? -2.065  -20.675 12.994  1.00 20.75  ? 236  THR A CG2 1 
ATOM   700  N  N   . GLY A 1 100 ? 2.488   -21.462 11.585  1.00 21.54  ? 237  GLY A N   1 
ATOM   701  C  CA  . GLY A 1 100 ? 3.516   -22.044 10.735  1.00 21.64  ? 237  GLY A CA  1 
ATOM   702  C  C   . GLY A 1 100 ? 4.692   -21.134 10.533  1.00 26.24  ? 237  GLY A C   1 
ATOM   703  O  O   . GLY A 1 100 ? 4.831   -20.114 11.226  1.00 25.80  ? 237  GLY A O   1 
ATOM   704  N  N   . ASP A 1 101 ? 5.554   -21.517 9.575   1.00 24.07  ? 238  ASP A N   1 
ATOM   705  C  CA  . ASP A 1 101 ? 6.749   -20.721 9.248   1.00 23.68  ? 238  ASP A CA  1 
ATOM   706  C  C   . ASP A 1 101 ? 6.301   -19.410 8.615   1.00 28.76  ? 238  ASP A C   1 
ATOM   707  O  O   . ASP A 1 101 ? 6.714   -18.329 9.073   1.00 27.56  ? 238  ASP A O   1 
ATOM   708  C  CB  . ASP A 1 101 ? 7.805   -21.472 8.379   1.00 24.56  ? 238  ASP A CB  1 
ATOM   709  C  CG  . ASP A 1 101 ? 7.333   -22.370 7.239   1.00 32.80  ? 238  ASP A CG  1 
ATOM   710  O  OD1 . ASP A 1 101 ? 6.247   -22.969 7.368   1.00 35.39  ? 238  ASP A OD1 1 
ATOM   711  O  OD2 . ASP A 1 101 ? 8.122   -22.585 6.283   1.00 33.53  ? 238  ASP A OD2 1 
ATOM   712  N  N   . VAL A 1 102 ? 5.336   -19.509 7.666   1.00 25.80  ? 239  VAL A N   1 
ATOM   713  C  CA  . VAL A 1 102 ? 4.805   -18.354 6.956   1.00 25.58  ? 239  VAL A CA  1 
ATOM   714  C  C   . VAL A 1 102 ? 3.303   -18.139 7.149   1.00 28.58  ? 239  VAL A C   1 
ATOM   715  O  O   . VAL A 1 102 ? 2.735   -17.316 6.450   1.00 29.34  ? 239  VAL A O   1 
ATOM   716  C  CB  . VAL A 1 102 ? 5.185   -18.474 5.459   1.00 30.06  ? 239  VAL A CB  1 
ATOM   717  C  CG1 . VAL A 1 102 ? 6.602   -19.011 5.291   1.00 29.61  ? 239  VAL A CG1 1 
ATOM   718  C  CG2 . VAL A 1 102 ? 4.199   -19.345 4.690   1.00 30.36  ? 239  VAL A CG2 1 
ATOM   719  N  N   . THR A 1 103 ? 2.656   -18.851 8.059   1.00 24.16  ? 240  THR A N   1 
ATOM   720  C  CA  . THR A 1 103 ? 1.219   -18.704 8.239   1.00 24.37  ? 240  THR A CA  1 
ATOM   721  C  C   . THR A 1 103 ? 0.859   -18.191 9.619   1.00 30.10  ? 240  THR A C   1 
ATOM   722  O  O   . THR A 1 103 ? 1.643   -18.297 10.567  1.00 29.75  ? 240  THR A O   1 
ATOM   723  C  CB  . THR A 1 103 ? 0.511   -20.004 7.870   1.00 37.73  ? 240  THR A CB  1 
ATOM   724  O  OG1 . THR A 1 103 ? 0.688   -20.981 8.900   1.00 42.02  ? 240  THR A OG1 1 
ATOM   725  C  CG2 . THR A 1 103 ? 1.012   -20.566 6.568   1.00 36.21  ? 240  THR A CG2 1 
ATOM   726  N  N   . HIS A 1 104 ? -0.336  -17.598 9.706   1.00 28.28  ? 241  HIS A N   1 
ATOM   727  C  CA  . HIS A 1 104 ? -0.869  -16.998 10.911  1.00 28.47  ? 241  HIS A CA  1 
ATOM   728  C  C   . HIS A 1 104 ? -2.372  -17.212 11.001  1.00 35.12  ? 241  HIS A C   1 
ATOM   729  O  O   . HIS A 1 104 ? -2.957  -17.929 10.195  1.00 36.01  ? 241  HIS A O   1 
ATOM   730  C  CB  . HIS A 1 104 ? -0.518  -15.508 10.947  1.00 29.37  ? 241  HIS A CB  1 
ATOM   731  C  CG  . HIS A 1 104 ? -1.455  -14.611 10.202  1.00 33.13  ? 241  HIS A CG  1 
ATOM   732  N  ND1 . HIS A 1 104 ? -1.231  -14.272 8.885   1.00 35.10  ? 241  HIS A ND1 1 
ATOM   733  C  CD2 . HIS A 1 104 ? -2.531  -13.928 10.649  1.00 35.23  ? 241  HIS A CD2 1 
ATOM   734  C  CE1 . HIS A 1 104 ? -2.191  -13.420 8.558   1.00 34.29  ? 241  HIS A CE1 1 
ATOM   735  N  NE2 . HIS A 1 104 ? -3.002  -13.192 9.587   1.00 34.83  ? 241  HIS A NE2 1 
ATOM   736  N  N   . GLU A 1 105 ? -2.976  -16.648 12.036  1.00 32.54  ? 242  GLU A N   1 
ATOM   737  C  CA  . GLU A 1 105 ? -4.390  -16.772 12.313  1.00 32.36  ? 242  GLU A CA  1 
ATOM   738  C  C   . GLU A 1 105 ? -4.732  -15.690 13.318  1.00 35.60  ? 242  GLU A C   1 
ATOM   739  O  O   . GLU A 1 105 ? -3.945  -15.467 14.240  1.00 32.70  ? 242  GLU A O   1 
ATOM   740  C  CB  . GLU A 1 105 ? -4.673  -18.163 12.888  1.00 34.06  ? 242  GLU A CB  1 
ATOM   741  C  CG  . GLU A 1 105 ? -6.118  -18.604 12.757  1.00 48.78  ? 242  GLU A CG  1 
ATOM   742  C  CD  . GLU A 1 105 ? -6.344  -20.051 13.145  1.00 64.57  ? 242  GLU A CD  1 
ATOM   743  O  OE1 . GLU A 1 105 ? -5.679  -20.937 12.561  1.00 61.18  ? 242  GLU A OE1 1 
ATOM   744  O  OE2 . GLU A 1 105 ? -7.130  -20.293 14.089  1.00 44.26  ? 242  GLU A OE2 1 
ATOM   745  N  N   . CYS A 1 106 ? -5.877  -14.991 13.119  1.00 34.66  ? 243  CYS A N   1 
ATOM   746  C  CA  . CYS A 1 106 ? -6.311  -13.897 13.991  1.00 34.82  ? 243  CYS A CA  1 
ATOM   747  C  C   . CYS A 1 106 ? -7.505  -14.265 14.853  1.00 39.73  ? 243  CYS A C   1 
ATOM   748  O  O   . CYS A 1 106 ? -8.506  -14.758 14.332  1.00 39.63  ? 243  CYS A O   1 
ATOM   749  C  CB  . CYS A 1 106 ? -6.622  -12.664 13.162  1.00 35.03  ? 243  CYS A CB  1 
ATOM   750  S  SG  . CYS A 1 106 ? -5.202  -11.983 12.288  1.00 39.01  ? 243  CYS A SG  1 
ATOM   751  N  N   . ALA A 1 107 ? -7.426  -13.943 16.157  1.00 37.21  ? 244  ALA A N   1 
ATOM   752  C  CA  . ALA A 1 107 ? -8.513  -14.119 17.120  1.00 37.77  ? 244  ALA A CA  1 
ATOM   753  C  C   . ALA A 1 107 ? -9.129  -12.733 17.366  1.00 42.81  ? 244  ALA A C   1 
ATOM   754  O  O   . ALA A 1 107 ? -8.582  -11.892 18.077  1.00 41.23  ? 244  ALA A O   1 
ATOM   755  C  CB  . ALA A 1 107 ? -7.983  -14.699 18.409  1.00 38.84  ? 244  ALA A CB  1 
ATOM   756  N  N   . CYS A 1 108 ? -10.258 -12.504 16.733  1.00 42.04  ? 245  CYS A N   1 
ATOM   757  C  CA  . CYS A 1 108 ? -10.954 -11.232 16.736  1.00 42.01  ? 245  CYS A CA  1 
ATOM   758  C  C   . CYS A 1 108 ? -11.705 -10.923 18.003  1.00 44.79  ? 245  CYS A C   1 
ATOM   759  O  O   . CYS A 1 108 ? -12.287 -11.811 18.620  1.00 44.24  ? 245  CYS A O   1 
ATOM   760  C  CB  . CYS A 1 108 ? -11.881 -11.164 15.522  1.00 42.56  ? 245  CYS A CB  1 
ATOM   761  S  SG  . CYS A 1 108 ? -11.025 -11.399 13.944  1.00 46.69  ? 245  CYS A SG  1 
ATOM   762  N  N   . LEU A 1 109 ? -11.770 -9.626  18.331  1.00 41.15  ? 246  LEU A N   1 
ATOM   763  C  CA  . LEU A 1 109 ? -12.562 -9.150  19.461  1.00 41.25  ? 246  LEU A CA  1 
ATOM   764  C  C   . LEU A 1 109 ? -14.021 -9.236  19.018  1.00 43.64  ? 246  LEU A C   1 
ATOM   765  O  O   . LEU A 1 109 ? -14.284 -9.229  17.810  1.00 42.37  ? 246  LEU A O   1 
ATOM   766  C  CB  . LEU A 1 109 ? -12.209 -7.690  19.837  1.00 41.47  ? 246  LEU A CB  1 
ATOM   767  C  CG  . LEU A 1 109 ? -11.212 -7.487  20.978  1.00 46.01  ? 246  LEU A CG  1 
ATOM   768  C  CD1 . LEU A 1 109 ? -10.035 -8.429  20.867  1.00 47.34  ? 246  LEU A CD1 1 
ATOM   769  C  CD2 . LEU A 1 109 ? -10.727 -6.059  21.020  1.00 46.18  ? 246  LEU A CD2 1 
ATOM   770  N  N   . PRO A 1 110 ? -14.997 -9.341  19.938  1.00 39.79  ? 247  PRO A N   1 
ATOM   771  C  CA  . PRO A 1 110 ? -16.391 -9.412  19.472  1.00 38.87  ? 247  PRO A CA  1 
ATOM   772  C  C   . PRO A 1 110 ? -16.773 -8.104  18.786  1.00 41.62  ? 247  PRO A C   1 
ATOM   773  O  O   . PRO A 1 110 ? -16.407 -7.030  19.279  1.00 39.67  ? 247  PRO A O   1 
ATOM   774  C  CB  . PRO A 1 110 ? -17.200 -9.723  20.742  1.00 40.10  ? 247  PRO A CB  1 
ATOM   775  C  CG  . PRO A 1 110 ? -16.192 -9.999  21.818  1.00 44.61  ? 247  PRO A CG  1 
ATOM   776  C  CD  . PRO A 1 110 ? -14.915 -9.346  21.416  1.00 40.76  ? 247  PRO A CD  1 
ATOM   777  N  N   . GLY A 1 111 ? -17.397 -8.227  17.611  1.00 39.53  ? 248  GLY A N   1 
ATOM   778  C  CA  . GLY A 1 111 ? -17.826 -7.103  16.774  1.00 39.86  ? 248  GLY A CA  1 
ATOM   779  C  C   . GLY A 1 111 ? -17.188 -7.067  15.396  1.00 44.34  ? 248  GLY A C   1 
ATOM   780  O  O   . GLY A 1 111 ? -17.646 -6.308  14.534  1.00 42.46  ? 248  GLY A O   1 
ATOM   781  N  N   . PHE A 1 112 ? -16.118 -7.890  15.176  1.00 42.77  ? 249  PHE A N   1 
ATOM   782  C  CA  . PHE A 1 112 ? -15.360 -7.937  13.916  1.00 42.33  ? 249  PHE A CA  1 
ATOM   783  C  C   . PHE A 1 112 ? -15.209 -9.343  13.391  1.00 48.05  ? 249  PHE A C   1 
ATOM   784  O  O   . PHE A 1 112 ? -15.244 -10.309 14.158  1.00 48.22  ? 249  PHE A O   1 
ATOM   785  C  CB  . PHE A 1 112 ? -13.949 -7.370  14.113  1.00 43.12  ? 249  PHE A CB  1 
ATOM   786  C  CG  . PHE A 1 112 ? -13.897 -5.991  14.710  1.00 43.29  ? 249  PHE A CG  1 
ATOM   787  C  CD1 . PHE A 1 112 ? -13.870 -5.815  16.083  1.00 44.44  ? 249  PHE A CD1 1 
ATOM   788  C  CD2 . PHE A 1 112 ? -13.902 -4.869  13.901  1.00 45.87  ? 249  PHE A CD2 1 
ATOM   789  C  CE1 . PHE A 1 112 ? -13.808 -4.545  16.637  1.00 47.00  ? 249  PHE A CE1 1 
ATOM   790  C  CE2 . PHE A 1 112 ? -13.848 -3.594  14.457  1.00 46.90  ? 249  PHE A CE2 1 
ATOM   791  C  CZ  . PHE A 1 112 ? -13.777 -3.442  15.821  1.00 45.61  ? 249  PHE A CZ  1 
ATOM   792  N  N   . THR A 1 113 ? -14.987 -9.444  12.080  1.00 45.35  ? 250  THR A N   1 
ATOM   793  C  CA  . THR A 1 113 ? -14.777 -10.721 11.411  1.00 46.06  ? 250  THR A CA  1 
ATOM   794  C  C   . THR A 1 113 ? -13.861 -10.547 10.193  1.00 50.39  ? 250  THR A C   1 
ATOM   795  O  O   . THR A 1 113 ? -13.443 -9.438  9.867   1.00 49.76  ? 250  THR A O   1 
ATOM   796  C  CB  . THR A 1 113 ? -16.123 -11.427 11.121  1.00 57.30  ? 250  THR A CB  1 
ATOM   797  O  OG1 . THR A 1 113 ? -15.856 -12.718 10.564  1.00 58.14  ? 250  THR A OG1 1 
ATOM   798  C  CG2 . THR A 1 113 ? -17.007 -10.651 10.165  1.00 57.99  ? 250  THR A CG2 1 
ATOM   799  N  N   . GLY A 1 114 ? -13.531 -11.662 9.567   1.00 47.29  ? 251  GLY A N   1 
ATOM   800  C  CA  . GLY A 1 114 ? -12.620 -11.700 8.438   1.00 47.05  ? 251  GLY A CA  1 
ATOM   801  C  C   . GLY A 1 114 ? -11.347 -12.425 8.821   1.00 49.65  ? 251  GLY A C   1 
ATOM   802  O  O   . GLY A 1 114 ? -11.170 -12.830 9.980   1.00 48.69  ? 251  GLY A O   1 
ATOM   803  N  N   . GLN A 1 115 ? -10.447 -12.593 7.848   1.00 44.74  ? 252  GLN A N   1 
ATOM   804  C  CA  . GLN A 1 115 ? -9.203  -13.289 8.097   1.00 43.81  ? 252  GLN A CA  1 
ATOM   805  C  C   . GLN A 1 115 ? -8.380  -12.519 9.112   1.00 45.35  ? 252  GLN A C   1 
ATOM   806  O  O   . GLN A 1 115 ? -7.888  -13.126 10.054  1.00 45.06  ? 252  GLN A O   1 
ATOM   807  C  CB  . GLN A 1 115 ? -8.419  -13.517 6.789   1.00 45.69  ? 252  GLN A CB  1 
ATOM   808  C  CG  . GLN A 1 115 ? -7.359  -14.623 6.890   1.00 73.01  ? 252  GLN A CG  1 
ATOM   809  C  CD  . GLN A 1 115 ? -6.260  -14.478 5.854   1.00 94.40  ? 252  GLN A CD  1 
ATOM   810  O  OE1 . GLN A 1 115 ? -6.507  -14.599 4.644   1.00 91.34  ? 252  GLN A OE1 1 
ATOM   811  N  NE2 . GLN A 1 115 ? -5.018  -14.228 6.298   1.00 78.47  ? 252  GLN A NE2 1 
ATOM   812  N  N   . ASN A 1 116 ? -8.259  -11.194 8.949   1.00 41.70  ? 253  ASN A N   1 
ATOM   813  C  CA  . ASN A 1 116 ? -7.481  -10.337 9.857   1.00 41.86  ? 253  ASN A CA  1 
ATOM   814  C  C   . ASN A 1 116 ? -8.324  -9.299  10.608  1.00 46.38  ? 253  ASN A C   1 
ATOM   815  O  O   . ASN A 1 116 ? -7.875  -8.163  10.783  1.00 46.77  ? 253  ASN A O   1 
ATOM   816  C  CB  . ASN A 1 116 ? -6.328  -9.656  9.096   1.00 39.33  ? 253  ASN A CB  1 
ATOM   817  C  CG  . ASN A 1 116 ? -5.437  -10.620 8.349   1.00 48.91  ? 253  ASN A CG  1 
ATOM   818  O  OD1 . ASN A 1 116 ? -5.328  -11.811 8.674   1.00 39.83  ? 253  ASN A OD1 1 
ATOM   819  N  ND2 . ASN A 1 116 ? -4.732  -10.116 7.361   1.00 38.92  ? 253  ASN A ND2 1 
ATOM   820  N  N   . CYS A 1 117 ? -9.535  -9.693  11.071  1.00 42.57  ? 254  CYS A N   1 
ATOM   821  C  CA  . CYS A 1 117 ? -10.453 -8.811  11.814  1.00 42.60  ? 254  CYS A CA  1 
ATOM   822  C  C   . CYS A 1 117 ? -10.686 -7.467  11.094  1.00 47.32  ? 254  CYS A C   1 
ATOM   823  O  O   . CYS A 1 117 ? -10.879 -6.438  11.734  1.00 46.59  ? 254  CYS A O   1 
ATOM   824  C  CB  . CYS A 1 117 ? -9.923  -8.601  13.230  1.00 42.66  ? 254  CYS A CB  1 
ATOM   825  S  SG  . CYS A 1 117 ? -9.425  -10.128 14.066  1.00 46.58  ? 254  CYS A SG  1 
ATOM   826  N  N   . GLU A 1 118 ? -10.695 -7.493  9.761   1.00 45.53  ? 255  GLU A N   1 
ATOM   827  C  CA  . GLU A 1 118 ? -10.776 -6.290  8.951   1.00 46.06  ? 255  GLU A CA  1 
ATOM   828  C  C   . GLU A 1 118 ? -12.181 -5.699  8.864   1.00 51.17  ? 255  GLU A C   1 
ATOM   829  O  O   . GLU A 1 118 ? -12.319 -4.489  9.059   1.00 51.01  ? 255  GLU A O   1 
ATOM   830  C  CB  . GLU A 1 118 ? -10.091 -6.473  7.564   1.00 47.42  ? 255  GLU A CB  1 
ATOM   831  C  CG  . GLU A 1 118 ? -10.732 -7.418  6.548   1.00 56.62  ? 255  GLU A CG  1 
ATOM   832  C  CD  . GLU A 1 118 ? -10.419 -8.898  6.669   1.00 73.45  ? 255  GLU A CD  1 
ATOM   833  O  OE1 . GLU A 1 118 ? -10.066 -9.333  7.786   1.00 73.37  ? 255  GLU A OE1 1 
ATOM   834  O  OE2 . GLU A 1 118 ? -10.585 -9.633  5.669   1.00 66.31  ? 255  GLU A OE2 1 
ATOM   835  N  N   . GLU A 1 119 ? -13.213 -6.531  8.634   1.00 48.39  ? 256  GLU A N   1 
ATOM   836  C  CA  . GLU A 1 119 ? -14.594 -6.046  8.500   1.00 49.27  ? 256  GLU A CA  1 
ATOM   837  C  C   . GLU A 1 119 ? -15.365 -5.927  9.852   1.00 55.20  ? 256  GLU A C   1 
ATOM   838  O  O   . GLU A 1 119 ? -15.291 -6.818  10.702  1.00 54.33  ? 256  GLU A O   1 
ATOM   839  C  CB  . GLU A 1 119 ? -15.356 -6.855  7.424   1.00 50.81  ? 256  GLU A CB  1 
ATOM   840  C  CG  . GLU A 1 119 ? -16.208 -8.026  7.905   1.00 64.05  ? 256  GLU A CG  1 
ATOM   841  C  CD  . GLU A 1 119 ? -16.583 -9.075  6.865   1.00 89.49  ? 256  GLU A CD  1 
ATOM   842  O  OE1 . GLU A 1 119 ? -15.772 -9.350  5.948   1.00 77.32  ? 256  GLU A OE1 1 
ATOM   843  O  OE2 . GLU A 1 119 ? -17.669 -9.682  7.019   1.00 86.77  ? 256  GLU A OE2 1 
ATOM   844  N  N   . ASN A 1 120 ? -16.084 -4.794  10.030  1.00 53.31  ? 257  ASN A N   1 
ATOM   845  C  CA  . ASN A 1 120 ? -16.886 -4.474  11.216  1.00 53.81  ? 257  ASN A CA  1 
ATOM   846  C  C   . ASN A 1 120 ? -18.338 -4.953  10.956  1.00 59.22  ? 257  ASN A C   1 
ATOM   847  O  O   . ASN A 1 120 ? -19.044 -4.342  10.134  1.00 58.69  ? 257  ASN A O   1 
ATOM   848  C  CB  . ASN A 1 120 ? -16.839 -2.950  11.454  1.00 54.21  ? 257  ASN A CB  1 
ATOM   849  C  CG  . ASN A 1 120 ? -17.414 -2.442  12.761  1.00 80.04  ? 257  ASN A CG  1 
ATOM   850  O  OD1 . ASN A 1 120 ? -18.373 -2.990  13.313  1.00 79.74  ? 257  ASN A OD1 1 
ATOM   851  N  ND2 . ASN A 1 120 ? -16.896 -1.314  13.244  1.00 69.89  ? 257  ASN A ND2 1 
ATOM   852  N  N   . ILE A 1 121 ? -18.782 -6.039  11.661  1.00 55.70  ? 258  ILE A N   1 
ATOM   853  C  CA  . ILE A 1 121 ? -20.129 -6.605  11.473  1.00 55.69  ? 258  ILE A CA  1 
ATOM   854  C  C   . ILE A 1 121 ? -21.184 -5.489  11.485  1.00 61.22  ? 258  ILE A C   1 
ATOM   855  O  O   . ILE A 1 121 ? -21.097 -4.597  12.337  1.00 61.10  ? 258  ILE A O   1 
ATOM   856  C  CB  . ILE A 1 121 ? -20.477 -7.755  12.477  1.00 58.66  ? 258  ILE A CB  1 
ATOM   857  C  CG1 . ILE A 1 121 ? -20.439 -7.303  13.962  1.00 59.55  ? 258  ILE A CG1 1 
ATOM   858  C  CG2 . ILE A 1 121 ? -19.570 -8.983  12.254  1.00 58.37  ? 258  ILE A CG2 1 
ATOM   859  C  CD1 . ILE A 1 121 ? -21.703 -7.608  14.810  1.00 63.20  ? 258  ILE A CD1 1 
ATOM   860  N  N   . ASP A 1 122 ? -22.114 -5.474  10.490  1.00 58.02  ? 259  ASP A N   1 
ATOM   861  C  CA  . ASP A 1 122 ? -23.141 -4.415  10.416  1.00 57.66  ? 259  ASP A CA  1 
ATOM   862  C  C   . ASP A 1 122 ? -24.194 -4.639  11.498  1.00 59.78  ? 259  ASP A C   1 
ATOM   863  O  O   . ASP A 1 122 ? -25.047 -5.511  11.344  1.00 59.08  ? 259  ASP A O   1 
ATOM   864  C  CB  . ASP A 1 122 ? -23.799 -4.332  9.017   1.00 59.39  ? 259  ASP A CB  1 
ATOM   865  C  CG  . ASP A 1 122 ? -24.604 -3.061  8.763   1.00 66.38  ? 259  ASP A CG  1 
ATOM   866  O  OD1 . ASP A 1 122 ? -24.333 -2.033  9.440   1.00 65.33  ? 259  ASP A OD1 1 
ATOM   867  O  OD2 . ASP A 1 122 ? -25.480 -3.081  7.861   1.00 71.65  ? 259  ASP A OD2 1 
ATOM   868  N  N   . ASP A 1 123 ? -24.089 -3.890  12.614  1.00 55.40  ? 260  ASP A N   1 
ATOM   869  C  CA  . ASP A 1 123 ? -25.020 -3.979  13.747  1.00 55.23  ? 260  ASP A CA  1 
ATOM   870  C  C   . ASP A 1 123 ? -26.346 -3.199  13.509  1.00 56.75  ? 260  ASP A C   1 
ATOM   871  O  O   . ASP A 1 123 ? -27.288 -3.338  14.298  1.00 54.47  ? 260  ASP A O   1 
ATOM   872  C  CB  . ASP A 1 123 ? -24.339 -3.493  15.042  1.00 57.44  ? 260  ASP A CB  1 
ATOM   873  C  CG  . ASP A 1 123 ? -23.215 -4.393  15.513  1.00 65.72  ? 260  ASP A CG  1 
ATOM   874  O  OD1 . ASP A 1 123 ? -22.129 -4.350  14.904  1.00 69.74  ? 260  ASP A OD1 1 
ATOM   875  O  OD2 . ASP A 1 123 ? -23.427 -5.148  16.485  1.00 66.63  ? 260  ASP A OD2 1 
ATOM   876  N  N   . CYS A 1 124 ? -26.415 -2.399  12.416  1.00 53.25  ? 261  CYS A N   1 
ATOM   877  C  CA  . CYS A 1 124 ? -27.594 -1.593  12.078  1.00 51.96  ? 261  CYS A CA  1 
ATOM   878  C  C   . CYS A 1 124 ? -28.909 -2.306  11.762  1.00 52.98  ? 261  CYS A C   1 
ATOM   879  O  O   . CYS A 1 124 ? -29.929 -1.808  12.235  1.00 53.41  ? 261  CYS A O   1 
ATOM   880  C  CB  . CYS A 1 124 ? -27.264 -0.532  11.033  1.00 51.91  ? 261  CYS A CB  1 
ATOM   881  S  SG  . CYS A 1 124 ? -26.454 0.927   11.731  1.00 56.13  ? 261  CYS A SG  1 
ATOM   882  N  N   . PRO A 1 125 ? -28.977 -3.415  10.997  1.00 45.89  ? 262  PRO A N   1 
ATOM   883  C  CA  . PRO A 1 125 ? -30.280 -4.062  10.767  1.00 44.84  ? 262  PRO A CA  1 
ATOM   884  C  C   . PRO A 1 125 ? -30.997 -4.364  12.081  1.00 47.49  ? 262  PRO A C   1 
ATOM   885  O  O   . PRO A 1 125 ? -30.354 -4.739  13.061  1.00 47.16  ? 262  PRO A O   1 
ATOM   886  C  CB  . PRO A 1 125 ? -29.915 -5.322  9.992   1.00 46.45  ? 262  PRO A CB  1 
ATOM   887  C  CG  . PRO A 1 125 ? -28.631 -4.968  9.312   1.00 50.89  ? 262  PRO A CG  1 
ATOM   888  C  CD  . PRO A 1 125 ? -27.900 -4.162  10.336  1.00 46.86  ? 262  PRO A CD  1 
ATOM   889  N  N   . GLY A 1 126 ? -32.293 -4.075  12.121  1.00 43.00  ? 263  GLY A N   1 
ATOM   890  C  CA  . GLY A 1 126 ? -33.084 -4.233  13.332  1.00 42.42  ? 263  GLY A CA  1 
ATOM   891  C  C   . GLY A 1 126 ? -32.891 -3.127  14.354  1.00 44.51  ? 263  GLY A C   1 
ATOM   892  O  O   . GLY A 1 126 ? -33.320 -3.272  15.504  1.00 43.65  ? 263  GLY A O   1 
ATOM   893  N  N   . ASN A 1 127 ? -32.282 -1.991  13.953  1.00 39.91  ? 264  ASN A N   1 
ATOM   894  C  CA  . ASN A 1 127 ? -32.118 -0.857  14.856  1.00 39.56  ? 264  ASN A CA  1 
ATOM   895  C  C   . ASN A 1 127 ? -33.485 -0.274  15.211  1.00 45.10  ? 264  ASN A C   1 
ATOM   896  O  O   . ASN A 1 127 ? -34.484 -0.531  14.525  1.00 45.75  ? 264  ASN A O   1 
ATOM   897  C  CB  . ASN A 1 127 ? -31.259 0.253   14.237  1.00 38.91  ? 264  ASN A CB  1 
ATOM   898  C  CG  . ASN A 1 127 ? -31.875 0.939   13.024  1.00 46.35  ? 264  ASN A CG  1 
ATOM   899  O  OD1 . ASN A 1 127 ? -32.691 1.877   13.148  1.00 36.32  ? 264  ASN A OD1 1 
ATOM   900  N  ND2 . ASN A 1 127 ? -31.485 0.520   11.824  1.00 27.74  ? 264  ASN A ND2 1 
ATOM   901  N  N   . ASN A 1 128 ? -33.503 0.548   16.255  1.00 40.92  ? 265  ASN A N   1 
ATOM   902  C  CA  . ASN A 1 128 ? -34.694 1.226   16.722  1.00 40.22  ? 265  ASN A CA  1 
ATOM   903  C  C   . ASN A 1 128 ? -34.484 2.735   16.621  1.00 44.27  ? 265  ASN A C   1 
ATOM   904  O  O   . ASN A 1 128 ? -34.986 3.472   17.462  1.00 44.18  ? 265  ASN A O   1 
ATOM   905  C  CB  . ASN A 1 128 ? -35.024 0.792   18.156  1.00 41.57  ? 265  ASN A CB  1 
ATOM   906  C  CG  . ASN A 1 128 ? -35.505 -0.633  18.285  1.00 66.80  ? 265  ASN A CG  1 
ATOM   907  O  OD1 . ASN A 1 128 ? -34.941 -1.445  19.039  1.00 58.87  ? 265  ASN A OD1 1 
ATOM   908  N  ND2 . ASN A 1 128 ? -36.631 -0.936  17.648  1.00 60.66  ? 265  ASN A ND2 1 
ATOM   909  N  N   . CYS A 1 129 ? -33.789 3.213   15.575  1.00 40.85  ? 266  CYS A N   1 
ATOM   910  C  CA  . CYS A 1 129 ? -33.609 4.656   15.391  1.00 40.95  ? 266  CYS A CA  1 
ATOM   911  C  C   . CYS A 1 129 ? -34.865 5.184   14.737  1.00 40.43  ? 266  CYS A C   1 
ATOM   912  O  O   . CYS A 1 129 ? -35.231 4.724   13.667  1.00 39.89  ? 266  CYS A O   1 
ATOM   913  C  CB  . CYS A 1 129 ? -32.374 4.963   14.552  1.00 42.26  ? 266  CYS A CB  1 
ATOM   914  S  SG  . CYS A 1 129 ? -30.845 4.316   15.258  1.00 47.02  ? 266  CYS A SG  1 
ATOM   915  N  N   . LYS A 1 130 ? -35.540 6.119   15.393  1.00 34.07  ? 267  LYS A N   1 
ATOM   916  C  CA  . LYS A 1 130 ? -36.800 6.676   14.923  1.00 31.92  ? 267  LYS A CA  1 
ATOM   917  C  C   . LYS A 1 130 ? -36.657 8.075   14.337  1.00 31.93  ? 267  LYS A C   1 
ATOM   918  O  O   . LYS A 1 130 ? -35.558 8.592   14.167  1.00 30.71  ? 267  LYS A O   1 
ATOM   919  C  CB  . LYS A 1 130 ? -37.812 6.700   16.084  1.00 32.83  ? 267  LYS A CB  1 
ATOM   920  C  CG  . LYS A 1 130 ? -37.958 5.388   16.851  1.00 31.07  ? 267  LYS A CG  1 
ATOM   921  C  CD  . LYS A 1 130 ? -38.199 4.176   15.989  1.00 26.98  ? 267  LYS A CD  1 
ATOM   922  C  CE  . LYS A 1 130 ? -38.583 2.960   16.803  1.00 32.83  ? 267  LYS A CE  1 
ATOM   923  N  NZ  . LYS A 1 130 ? -39.760 2.255   16.212  1.00 41.01  ? 267  LYS A NZ  1 
ATOM   924  N  N   . ASN A 1 131 ? -37.803 8.627   13.934  1.00 26.66  ? 268  ASN A N   1 
ATOM   925  C  CA  . ASN A 1 131 ? -38.018 9.960   13.427  1.00 25.14  ? 268  ASN A CA  1 
ATOM   926  C  C   . ASN A 1 131 ? -36.984 10.507  12.436  1.00 28.79  ? 268  ASN A C   1 
ATOM   927  O  O   . ASN A 1 131 ? -36.745 11.717  12.394  1.00 28.31  ? 268  ASN A O   1 
ATOM   928  C  CB  . ASN A 1 131 ? -38.269 10.867  14.620  1.00 21.40  ? 268  ASN A CB  1 
ATOM   929  C  CG  . ASN A 1 131 ? -39.481 10.385  15.429  1.00 33.22  ? 268  ASN A CG  1 
ATOM   930  O  OD1 . ASN A 1 131 ? -40.609 10.319  14.925  1.00 23.73  ? 268  ASN A OD1 1 
ATOM   931  N  ND2 . ASN A 1 131 ? -39.287 9.973   16.668  1.00 16.81  ? 268  ASN A ND2 1 
ATOM   932  N  N   . GLY A 1 132 ? -36.444 9.623   11.597  1.00 24.82  ? 269  GLY A N   1 
ATOM   933  C  CA  . GLY A 1 132 ? -35.488 10.001  10.567  1.00 24.99  ? 269  GLY A CA  1 
ATOM   934  C  C   . GLY A 1 132 ? -34.042 9.984   10.984  1.00 32.17  ? 269  GLY A C   1 
ATOM   935  O  O   . GLY A 1 132 ? -33.166 10.313  10.177  1.00 32.99  ? 269  GLY A O   1 
ATOM   936  N  N   . GLY A 1 133 ? -33.785 9.591   12.226  1.00 29.97  ? 270  GLY A N   1 
ATOM   937  C  CA  . GLY A 1 133 ? -32.430 9.481   12.735  1.00 30.11  ? 270  GLY A CA  1 
ATOM   938  C  C   . GLY A 1 133 ? -31.716 8.328   12.072  1.00 35.08  ? 270  GLY A C   1 
ATOM   939  O  O   . GLY A 1 133 ? -32.293 7.251   11.902  1.00 34.40  ? 270  GLY A O   1 
ATOM   940  N  N   . ALA A 1 134 ? -30.464 8.554   11.689  1.00 33.80  ? 271  ALA A N   1 
ATOM   941  C  CA  . ALA A 1 134 ? -29.662 7.572   10.989  1.00 34.06  ? 271  ALA A CA  1 
ATOM   942  C  C   . ALA A 1 134 ? -28.966 6.669   11.953  1.00 41.99  ? 271  ALA A C   1 
ATOM   943  O  O   . ALA A 1 134 ? -28.510 7.121   12.997  1.00 40.30  ? 271  ALA A O   1 
ATOM   944  C  CB  . ALA A 1 134 ? -28.639 8.278   10.146  1.00 34.69  ? 271  ALA A CB  1 
ATOM   945  N  N   . CYS A 1 135 ? -28.839 5.400   11.586  1.00 44.99  ? 272  CYS A N   1 
ATOM   946  C  CA  . CYS A 1 135 ? -28.137 4.416   12.398  1.00 47.91  ? 272  CYS A CA  1 
ATOM   947  C  C   . CYS A 1 135 ? -26.646 4.453   12.036  1.00 52.28  ? 272  CYS A C   1 
ATOM   948  O  O   . CYS A 1 135 ? -26.282 4.551   10.854  1.00 49.72  ? 272  CYS A O   1 
ATOM   949  C  CB  . CYS A 1 135 ? -28.725 3.024   12.203  1.00 50.29  ? 272  CYS A CB  1 
ATOM   950  S  SG  . CYS A 1 135 ? -27.813 1.717   13.071  1.00 55.95  ? 272  CYS A SG  1 
ATOM   951  N  N   . VAL A 1 136 ? -25.796 4.342   13.071  1.00 51.04  ? 273  VAL A N   1 
ATOM   952  C  CA  . VAL A 1 136 ? -24.344 4.391   12.956  1.00 51.56  ? 273  VAL A CA  1 
ATOM   953  C  C   . VAL A 1 136 ? -23.774 3.125   13.569  1.00 57.66  ? 273  VAL A C   1 
ATOM   954  O  O   . VAL A 1 136 ? -23.928 2.933   14.768  1.00 55.89  ? 273  VAL A O   1 
ATOM   955  C  CB  . VAL A 1 136 ? -23.816 5.642   13.690  1.00 54.85  ? 273  VAL A CB  1 
ATOM   956  C  CG1 . VAL A 1 136 ? -22.294 5.635   13.744  1.00 54.79  ? 273  VAL A CG1 1 
ATOM   957  C  CG2 . VAL A 1 136 ? -24.348 6.918   13.039  1.00 54.30  ? 273  VAL A CG2 1 
ATOM   958  N  N   . ASP A 1 137 ? -23.095 2.277   12.761  1.00 57.38  ? 274  ASP A N   1 
ATOM   959  C  CA  . ASP A 1 137 ? -22.515 1.016   13.252  1.00 58.18  ? 274  ASP A CA  1 
ATOM   960  C  C   . ASP A 1 137 ? -21.362 1.276   14.236  1.00 62.02  ? 274  ASP A C   1 
ATOM   961  O  O   . ASP A 1 137 ? -20.623 2.253   14.072  1.00 61.13  ? 274  ASP A O   1 
ATOM   962  C  CB  . ASP A 1 137 ? -22.048 0.137   12.070  1.00 60.48  ? 274  ASP A CB  1 
ATOM   963  C  CG  . ASP A 1 137 ? -21.471 -1.207  12.472  1.00 71.85  ? 274  ASP A CG  1 
ATOM   964  O  OD1 . ASP A 1 137 ? -21.896 -1.744  13.514  1.00 74.89  ? 274  ASP A OD1 1 
ATOM   965  O  OD2 . ASP A 1 137 ? -20.615 -1.738  11.723  1.00 73.32  ? 274  ASP A OD2 1 
ATOM   966  N  N   . GLY A 1 138 ? -21.241 0.406   15.244  1.00 58.68  ? 275  GLY A N   1 
ATOM   967  C  CA  . GLY A 1 138 ? -20.220 0.525   16.283  1.00 58.24  ? 275  GLY A CA  1 
ATOM   968  C  C   . GLY A 1 138 ? -19.601 -0.769  16.780  1.00 60.85  ? 275  GLY A C   1 
ATOM   969  O  O   . GLY A 1 138 ? -19.667 -1.813  16.120  1.00 59.04  ? 275  GLY A O   1 
ATOM   970  N  N   . VAL A 1 139 ? -18.959 -0.676  17.958  1.00 57.97  ? 276  VAL A N   1 
ATOM   971  C  CA  . VAL A 1 139 ? -18.292 -1.800  18.618  1.00 57.97  ? 276  VAL A CA  1 
ATOM   972  C  C   . VAL A 1 139 ? -19.371 -2.705  19.171  1.00 58.96  ? 276  VAL A C   1 
ATOM   973  O  O   . VAL A 1 139 ? -19.815 -2.523  20.306  1.00 57.04  ? 276  VAL A O   1 
ATOM   974  C  CB  . VAL A 1 139 ? -17.290 -1.314  19.709  1.00 62.98  ? 276  VAL A CB  1 
ATOM   975  C  CG1 . VAL A 1 139 ? -16.777 -2.479  20.562  1.00 63.20  ? 276  VAL A CG1 1 
ATOM   976  C  CG2 . VAL A 1 139 ? -16.117 -0.560  19.075  1.00 62.72  ? 276  VAL A CG2 1 
ATOM   977  N  N   . ASN A 1 140 ? -19.847 -3.627  18.319  1.00 56.08  ? 277  ASN A N   1 
ATOM   978  C  CA  . ASN A 1 140 ? -20.917 -4.583  18.635  1.00 56.59  ? 277  ASN A CA  1 
ATOM   979  C  C   . ASN A 1 140 ? -22.189 -3.851  19.149  1.00 60.93  ? 277  ASN A C   1 
ATOM   980  O  O   . ASN A 1 140 ? -22.866 -4.314  20.077  1.00 61.34  ? 277  ASN A O   1 
ATOM   981  C  CB  . ASN A 1 140 ? -20.398 -5.642  19.636  1.00 56.03  ? 277  ASN A CB  1 
ATOM   982  C  CG  . ASN A 1 140 ? -20.996 -7.014  19.446  1.00 77.76  ? 277  ASN A CG  1 
ATOM   983  O  OD1 . ASN A 1 140 ? -21.430 -7.402  18.344  1.00 70.88  ? 277  ASN A OD1 1 
ATOM   984  N  ND2 . ASN A 1 140 ? -20.944 -7.820  20.498  1.00 69.94  ? 277  ASN A ND2 1 
ATOM   985  N  N   . THR A 1 141 ? -22.492 -2.693  18.529  1.00 55.98  ? 278  THR A N   1 
ATOM   986  C  CA  . THR A 1 141 ? -23.585 -1.815  18.937  1.00 55.10  ? 278  THR A CA  1 
ATOM   987  C  C   . THR A 1 141 ? -23.905 -0.784  17.832  1.00 59.00  ? 278  THR A C   1 
ATOM   988  O  O   . THR A 1 141 ? -23.228 -0.745  16.798  1.00 58.61  ? 278  THR A O   1 
ATOM   989  C  CB  . THR A 1 141 ? -23.160 -1.062  20.238  1.00 56.83  ? 278  THR A CB  1 
ATOM   990  O  OG1 . THR A 1 141 ? -24.320 -0.626  20.942  1.00 55.12  ? 278  THR A OG1 1 
ATOM   991  C  CG2 . THR A 1 141 ? -22.245 0.150   19.962  1.00 53.06  ? 278  THR A CG2 1 
ATOM   992  N  N   . TYR A 1 142 ? -24.897 0.094   18.101  1.00 54.42  ? 279  TYR A N   1 
ATOM   993  C  CA  . TYR A 1 142 ? -25.245 1.201   17.221  1.00 52.85  ? 279  TYR A CA  1 
ATOM   994  C  C   . TYR A 1 142 ? -25.618 2.438   18.014  1.00 54.61  ? 279  TYR A C   1 
ATOM   995  O  O   . TYR A 1 142 ? -25.893 2.368   19.218  1.00 54.64  ? 279  TYR A O   1 
ATOM   996  C  CB  . TYR A 1 142 ? -26.353 0.844   16.225  1.00 53.94  ? 279  TYR A CB  1 
ATOM   997  C  CG  . TYR A 1 142 ? -27.690 0.513   16.846  1.00 55.52  ? 279  TYR A CG  1 
ATOM   998  C  CD1 . TYR A 1 142 ? -27.941 -0.746  17.367  1.00 57.05  ? 279  TYR A CD1 1 
ATOM   999  C  CD2 . TYR A 1 142 ? -28.734 1.429   16.833  1.00 56.82  ? 279  TYR A CD2 1 
ATOM   1000 C  CE1 . TYR A 1 142 ? -29.172 -1.063  17.934  1.00 58.22  ? 279  TYR A CE1 1 
ATOM   1001 C  CE2 . TYR A 1 142 ? -29.963 1.132   17.414  1.00 56.85  ? 279  TYR A CE2 1 
ATOM   1002 C  CZ  . TYR A 1 142 ? -30.175 -0.115  17.979  1.00 63.21  ? 279  TYR A CZ  1 
ATOM   1003 O  OH  . TYR A 1 142 ? -31.394 -0.448  18.524  1.00 61.69  ? 279  TYR A OH  1 
ATOM   1004 N  N   . ASN A 1 143 ? -25.577 3.580   17.321  1.00 48.69  ? 280  ASN A N   1 
ATOM   1005 C  CA  . ASN A 1 143 ? -25.923 4.888   17.851  1.00 47.29  ? 280  ASN A CA  1 
ATOM   1006 C  C   . ASN A 1 143 ? -26.787 5.545   16.815  1.00 48.64  ? 280  ASN A C   1 
ATOM   1007 O  O   . ASN A 1 143 ? -26.525 5.378   15.626  1.00 48.79  ? 280  ASN A O   1 
ATOM   1008 C  CB  . ASN A 1 143 ? -24.667 5.742   18.112  1.00 48.54  ? 280  ASN A CB  1 
ATOM   1009 C  CG  . ASN A 1 143 ? -23.999 5.476   19.447  1.00 81.03  ? 280  ASN A CG  1 
ATOM   1010 O  OD1 . ASN A 1 143 ? -24.477 4.677   20.267  1.00 75.12  ? 280  ASN A OD1 1 
ATOM   1011 N  ND2 . ASN A 1 143 ? -22.887 6.172   19.713  1.00 74.40  ? 280  ASN A ND2 1 
ATOM   1012 N  N   . CYS A 1 144 ? -27.829 6.261   17.254  1.00 43.08  ? 281  CYS A N   1 
ATOM   1013 C  CA  . CYS A 1 144 ? -28.747 6.963   16.371  1.00 42.08  ? 281  CYS A CA  1 
ATOM   1014 C  C   . CYS A 1 144 ? -28.326 8.443   16.296  1.00 41.66  ? 281  CYS A C   1 
ATOM   1015 O  O   . CYS A 1 144 ? -28.197 9.085   17.339  1.00 40.82  ? 281  CYS A O   1 
ATOM   1016 C  CB  . CYS A 1 144 ? -30.176 6.814   16.885  1.00 43.11  ? 281  CYS A CB  1 
ATOM   1017 S  SG  . CYS A 1 144 ? -30.699 5.094   17.139  1.00 47.14  ? 281  CYS A SG  1 
ATOM   1018 N  N   . ARG A 1 145 ? -28.093 8.971   15.079  1.00 35.51  ? 282  ARG A N   1 
ATOM   1019 C  CA  . ARG A 1 145 ? -27.707 10.364  14.889  1.00 35.08  ? 282  ARG A CA  1 
ATOM   1020 C  C   . ARG A 1 145 ? -29.016 11.055  14.566  1.00 38.75  ? 282  ARG A C   1 
ATOM   1021 O  O   . ARG A 1 145 ? -29.549 10.875  13.474  1.00 38.50  ? 282  ARG A O   1 
ATOM   1022 C  CB  . ARG A 1 145 ? -26.673 10.509  13.758  1.00 36.53  ? 282  ARG A CB  1 
ATOM   1023 C  CG  . ARG A 1 145 ? -26.090 11.926  13.613  1.00 47.11  ? 282  ARG A CG  1 
ATOM   1024 C  CD  . ARG A 1 145 ? -25.472 12.190  12.249  1.00 61.80  ? 282  ARG A CD  1 
ATOM   1025 N  NE  . ARG A 1 145 ? -26.499 12.373  11.204  1.00 85.79  ? 282  ARG A NE  1 
ATOM   1026 C  CZ  . ARG A 1 145 ? -26.740 11.563  10.164  1.00 105.34 ? 282  ARG A CZ  1 
ATOM   1027 N  NH1 . ARG A 1 145 ? -26.015 10.457  9.982   1.00 94.34  ? 282  ARG A NH1 1 
ATOM   1028 N  NH2 . ARG A 1 145 ? -27.705 11.856  9.292   1.00 86.60  ? 282  ARG A NH2 1 
ATOM   1029 N  N   . CYS A 1 146 ? -29.575 11.782  15.545  1.00 34.76  ? 283  CYS A N   1 
ATOM   1030 C  CA  . CYS A 1 146 ? -30.910 12.368  15.419  1.00 34.06  ? 283  CYS A CA  1 
ATOM   1031 C  C   . CYS A 1 146 ? -30.989 13.584  14.540  1.00 36.21  ? 283  CYS A C   1 
ATOM   1032 O  O   . CYS A 1 146 ? -30.018 14.343  14.473  1.00 36.05  ? 283  CYS A O   1 
ATOM   1033 C  CB  . CYS A 1 146 ? -31.495 12.665  16.798  1.00 34.55  ? 283  CYS A CB  1 
ATOM   1034 S  SG  . CYS A 1 146 ? -31.585 11.227  17.901  1.00 38.72  ? 283  CYS A SG  1 
ATOM   1035 N  N   . PRO A 1 147 ? -32.177 13.855  13.939  1.00 31.30  ? 284  PRO A N   1 
ATOM   1036 C  CA  . PRO A 1 147 ? -32.344 15.104  13.185  1.00 30.74  ? 284  PRO A CA  1 
ATOM   1037 C  C   . PRO A 1 147 ? -32.556 16.282  14.148  1.00 33.87  ? 284  PRO A C   1 
ATOM   1038 O  O   . PRO A 1 147 ? -32.799 16.066  15.340  1.00 31.28  ? 284  PRO A O   1 
ATOM   1039 C  CB  . PRO A 1 147 ? -33.543 14.829  12.271  1.00 32.21  ? 284  PRO A CB  1 
ATOM   1040 C  CG  . PRO A 1 147 ? -34.136 13.567  12.735  1.00 36.79  ? 284  PRO A CG  1 
ATOM   1041 C  CD  . PRO A 1 147 ? -33.435 13.093  13.958  1.00 32.49  ? 284  PRO A CD  1 
ATOM   1042 N  N   . PRO A 1 148 ? -32.501 17.536  13.646  1.00 32.39  ? 285  PRO A N   1 
ATOM   1043 C  CA  . PRO A 1 148 ? -32.528 18.718  14.551  1.00 32.87  ? 285  PRO A CA  1 
ATOM   1044 C  C   . PRO A 1 148 ? -33.708 18.996  15.482  1.00 38.32  ? 285  PRO A C   1 
ATOM   1045 O  O   . PRO A 1 148 ? -33.678 19.994  16.207  1.00 38.64  ? 285  PRO A O   1 
ATOM   1046 C  CB  . PRO A 1 148 ? -32.281 19.900  13.611  1.00 34.10  ? 285  PRO A CB  1 
ATOM   1047 C  CG  . PRO A 1 148 ? -32.587 19.372  12.235  1.00 38.15  ? 285  PRO A CG  1 
ATOM   1048 C  CD  . PRO A 1 148 ? -32.200 17.935  12.258  1.00 33.42  ? 285  PRO A CD  1 
ATOM   1049 N  N   . GLU A 1 149 ? -34.710 18.135  15.500  1.00 34.18  ? 286  GLU A N   1 
ATOM   1050 C  CA  . GLU A 1 149 ? -35.874 18.332  16.340  1.00 33.44  ? 286  GLU A CA  1 
ATOM   1051 C  C   . GLU A 1 149 ? -36.124 17.094  17.201  1.00 35.03  ? 286  GLU A C   1 
ATOM   1052 O  O   . GLU A 1 149 ? -37.229 16.920  17.692  1.00 34.18  ? 286  GLU A O   1 
ATOM   1053 C  CB  . GLU A 1 149 ? -37.083 18.710  15.450  1.00 35.30  ? 286  GLU A CB  1 
ATOM   1054 C  CG  . GLU A 1 149 ? -37.450 17.729  14.327  1.00 49.90  ? 286  GLU A CG  1 
ATOM   1055 C  CD  . GLU A 1 149 ? -36.648 17.767  13.030  1.00 70.56  ? 286  GLU A CD  1 
ATOM   1056 O  OE1 . GLU A 1 149 ? -35.445 18.119  13.078  1.00 39.40  ? 286  GLU A OE1 1 
ATOM   1057 O  OE2 . GLU A 1 149 ? -37.204 17.372  11.976  1.00 64.13  ? 286  GLU A OE2 1 
ATOM   1058 N  N   . TRP A 1 150 ? -35.092 16.253  17.427  1.00 30.62  ? 287  TRP A N   1 
ATOM   1059 C  CA  . TRP A 1 150 ? -35.252 15.052  18.247  1.00 30.41  ? 287  TRP A CA  1 
ATOM   1060 C  C   . TRP A 1 150 ? -34.018 14.739  19.040  1.00 34.96  ? 287  TRP A C   1 
ATOM   1061 O  O   . TRP A 1 150 ? -32.910 14.967  18.565  1.00 34.78  ? 287  TRP A O   1 
ATOM   1062 C  CB  . TRP A 1 150 ? -35.551 13.841  17.372  1.00 28.66  ? 287  TRP A CB  1 
ATOM   1063 C  CG  . TRP A 1 150 ? -36.910 13.849  16.768  1.00 29.04  ? 287  TRP A CG  1 
ATOM   1064 C  CD1 . TRP A 1 150 ? -37.250 14.222  15.503  1.00 31.66  ? 287  TRP A CD1 1 
ATOM   1065 C  CD2 . TRP A 1 150 ? -38.109 13.419  17.399  1.00 28.52  ? 287  TRP A CD2 1 
ATOM   1066 N  NE1 . TRP A 1 150 ? -38.606 14.106  15.327  1.00 30.42  ? 287  TRP A NE1 1 
ATOM   1067 C  CE2 . TRP A 1 150 ? -39.155 13.585  16.469  1.00 31.55  ? 287  TRP A CE2 1 
ATOM   1068 C  CE3 . TRP A 1 150 ? -38.405 12.924  18.673  1.00 30.02  ? 287  TRP A CE3 1 
ATOM   1069 C  CZ2 . TRP A 1 150 ? -40.463 13.221  16.752  1.00 30.98  ? 287  TRP A CZ2 1 
ATOM   1070 C  CZ3 . TRP A 1 150 ? -39.713 12.594  18.964  1.00 31.89  ? 287  TRP A CZ3 1 
ATOM   1071 C  CH2 . TRP A 1 150 ? -40.727 12.751  18.011  1.00 32.40  ? 287  TRP A CH2 1 
ATOM   1072 N  N   . THR A 1 151 ? -34.207 14.151  20.227  1.00 32.54  ? 288  THR A N   1 
ATOM   1073 C  CA  . THR A 1 151 ? -33.099 13.727  21.090  1.00 33.15  ? 288  THR A CA  1 
ATOM   1074 C  C   . THR A 1 151 ? -33.529 12.419  21.699  1.00 35.31  ? 288  THR A C   1 
ATOM   1075 O  O   . THR A 1 151 ? -34.707 12.087  21.620  1.00 33.83  ? 288  THR A O   1 
ATOM   1076 C  CB  . THR A 1 151 ? -32.667 14.793  22.154  1.00 47.40  ? 288  THR A CB  1 
ATOM   1077 O  OG1 . THR A 1 151 ? -33.271 14.519  23.423  1.00 51.17  ? 288  THR A OG1 1 
ATOM   1078 C  CG2 . THR A 1 151 ? -32.947 16.259  21.722  1.00 47.21  ? 288  THR A CG2 1 
ATOM   1079 N  N   . GLY A 1 152 ? -32.564 11.701  22.267  1.00 32.04  ? 289  GLY A N   1 
ATOM   1080 C  CA  . GLY A 1 152 ? -32.755 10.394  22.879  1.00 32.30  ? 289  GLY A CA  1 
ATOM   1081 C  C   . GLY A 1 152 ? -31.809 9.363   22.299  1.00 36.74  ? 289  GLY A C   1 
ATOM   1082 O  O   . GLY A 1 152 ? -31.154 9.613   21.283  1.00 35.95  ? 289  GLY A O   1 
ATOM   1083 N  N   . GLN A 1 153 ? -31.756 8.179   22.934  1.00 33.90  ? 290  GLN A N   1 
ATOM   1084 C  CA  . GLN A 1 153 ? -30.945 7.049   22.460  1.00 33.81  ? 290  GLN A CA  1 
ATOM   1085 C  C   . GLN A 1 153 ? -31.495 6.611   21.078  1.00 39.96  ? 290  GLN A C   1 
ATOM   1086 O  O   . GLN A 1 153 ? -30.723 6.213   20.195  1.00 40.67  ? 290  GLN A O   1 
ATOM   1087 C  CB  . GLN A 1 153 ? -30.997 5.844   23.456  1.00 34.69  ? 290  GLN A CB  1 
ATOM   1088 C  CG  . GLN A 1 153 ? -29.695 5.023   23.503  1.00 52.06  ? 290  GLN A CG  1 
ATOM   1089 C  CD  . GLN A 1 153 ? -29.887 3.552   23.853  1.00 71.01  ? 290  GLN A CD  1 
ATOM   1090 O  OE1 . GLN A 1 153 ? -30.863 3.156   24.528  1.00 58.51  ? 290  GLN A OE1 1 
ATOM   1091 N  NE2 . GLN A 1 153 ? -28.930 2.704   23.414  1.00 62.56  ? 290  GLN A NE2 1 
ATOM   1092 N  N   . TYR A 1 154 ? -32.831 6.733   20.896  1.00 35.92  ? 291  TYR A N   1 
ATOM   1093 C  CA  . TYR A 1 154 ? -33.540 6.323   19.692  1.00 35.44  ? 291  TYR A CA  1 
ATOM   1094 C  C   . TYR A 1 154 ? -34.217 7.458   18.901  1.00 37.42  ? 291  TYR A C   1 
ATOM   1095 O  O   . TYR A 1 154 ? -34.866 7.160   17.907  1.00 36.04  ? 291  TYR A O   1 
ATOM   1096 C  CB  . TYR A 1 154 ? -34.577 5.280   20.116  1.00 36.98  ? 291  TYR A CB  1 
ATOM   1097 C  CG  . TYR A 1 154 ? -33.961 4.071   20.785  1.00 40.30  ? 291  TYR A CG  1 
ATOM   1098 C  CD1 . TYR A 1 154 ? -33.097 3.231   20.092  1.00 41.38  ? 291  TYR A CD1 1 
ATOM   1099 C  CD2 . TYR A 1 154 ? -34.174 3.812   22.132  1.00 43.48  ? 291  TYR A CD2 1 
ATOM   1100 C  CE1 . TYR A 1 154 ? -32.505 2.133   20.710  1.00 42.88  ? 291  TYR A CE1 1 
ATOM   1101 C  CE2 . TYR A 1 154 ? -33.614 2.697   22.754  1.00 47.53  ? 291  TYR A CE2 1 
ATOM   1102 C  CZ  . TYR A 1 154 ? -32.787 1.851   22.036  1.00 55.24  ? 291  TYR A CZ  1 
ATOM   1103 O  OH  . TYR A 1 154 ? -32.239 0.753   22.669  1.00 58.53  ? 291  TYR A OH  1 
ATOM   1104 N  N   . CYS A 1 155 ? -34.036 8.741   19.296  1.00 33.83  ? 292  CYS A N   1 
ATOM   1105 C  CA  . CYS A 1 155 ? -34.648 9.917   18.652  1.00 33.39  ? 292  CYS A CA  1 
ATOM   1106 C  C   . CYS A 1 155 ? -36.171 9.922   18.852  1.00 35.12  ? 292  CYS A C   1 
ATOM   1107 O  O   . CYS A 1 155 ? -36.938 10.013  17.896  1.00 34.57  ? 292  CYS A O   1 
ATOM   1108 C  CB  . CYS A 1 155 ? -34.263 10.027  17.179  1.00 34.13  ? 292  CYS A CB  1 
ATOM   1109 S  SG  . CYS A 1 155 ? -32.510 9.740   16.848  1.00 38.39  ? 292  CYS A SG  1 
ATOM   1110 N  N   . THR A 1 156 ? -36.592 9.811   20.113  1.00 30.16  ? 293  THR A N   1 
ATOM   1111 C  CA  . THR A 1 156 ? -37.996 9.792   20.516  1.00 29.67  ? 293  THR A CA  1 
ATOM   1112 C  C   . THR A 1 156 ? -38.299 10.793  21.673  1.00 33.69  ? 293  THR A C   1 
ATOM   1113 O  O   . THR A 1 156 ? -39.387 10.721  22.238  1.00 32.97  ? 293  THR A O   1 
ATOM   1114 C  CB  . THR A 1 156 ? -38.331 8.345   20.972  1.00 36.18  ? 293  THR A CB  1 
ATOM   1115 O  OG1 . THR A 1 156 ? -37.488 7.995   22.069  1.00 41.28  ? 293  THR A OG1 1 
ATOM   1116 C  CG2 . THR A 1 156 ? -38.151 7.305   19.871  1.00 25.49  ? 293  THR A CG2 1 
ATOM   1117 N  N   . GLU A 1 157 ? -37.356 11.710  22.031  1.00 30.66  ? 294  GLU A N   1 
ATOM   1118 C  CA  . GLU A 1 157 ? -37.498 12.644  23.164  1.00 35.14  ? 294  GLU A CA  1 
ATOM   1119 C  C   . GLU A 1 157 ? -37.238 14.082  22.714  1.00 48.57  ? 294  GLU A C   1 
ATOM   1120 O  O   . GLU A 1 157 ? -36.942 14.317  21.545  1.00 21.76  ? 294  GLU A O   1 
ATOM   1121 C  CB  . GLU A 1 157 ? -36.526 12.276  24.316  1.00 36.36  ? 294  GLU A CB  1 
ATOM   1122 C  CG  . GLU A 1 157 ? -36.559 10.820  24.774  1.00 45.54  ? 294  GLU A CG  1 
ATOM   1123 C  CD  . GLU A 1 157 ? -35.431 10.405  25.706  1.00 65.59  ? 294  GLU A CD  1 
ATOM   1124 O  OE1 . GLU A 1 157 ? -35.099 11.202  26.614  1.00 57.68  ? 294  GLU A OE1 1 
ATOM   1125 O  OE2 . GLU A 1 157 ? -34.887 9.286   25.540  1.00 57.16  ? 294  GLU A OE2 1 
HETATM 1126 CA CA  . CA  B 2 .   ? 13.379  -0.081  -14.591 1.00 28.27  2 1295 CA  A CA  1 
HETATM 1127 CA CA  . CA  C 2 .   ? -20.494 -3.097  14.237  1.00 53.31  2 1296 CA  A CA  1 
HETATM 1128 O  O   . HOH D 3 .   ? 14.326  2.274   -14.375 1.00 4.37   ? 2001 HOH A O   1 
HETATM 1129 O  O   . HOH D 3 .   ? 16.841  7.939   -25.193 1.00 24.32  ? 2002 HOH A O   1 
HETATM 1130 O  O   . HOH D 3 .   ? 10.494  -15.566 -6.262  1.00 3.00   ? 2003 HOH A O   1 
HETATM 1131 O  O   . HOH D 3 .   ? 9.652   -8.823  13.748  1.00 8.81   ? 2004 HOH A O   1 
HETATM 1132 O  O   . HOH D 3 .   ? 7.722   -22.282 2.997   1.00 11.62  ? 2005 HOH A O   1 
HETATM 1133 O  O   . HOH D 3 .   ? -19.609 -4.536  15.814  1.00 51.53  ? 2006 HOH A O   1 
# 
